data_1X4O
#
_entry.id   1X4O
#
_entity_poly.entity_id   1
_entity_poly.type   'polypeptide(L)'
_entity_poly.pdbx_seq_one_letter_code
;GSSGSSGKVSPPEDEEAKNLAEKLARFIADGGPEVETIALQNNRENQAFSFLYDPNSQGYRYYRQKLDEFRKSGPSSG
;
_entity_poly.pdbx_strand_id   A
#
# COMPACT_ATOMS: atom_id res chain seq x y z
N GLY A 1 7.22 -3.60 -12.98
CA GLY A 1 6.41 -2.67 -13.75
C GLY A 1 5.18 -3.35 -14.32
N SER A 2 4.21 -3.61 -13.45
CA SER A 2 2.98 -4.25 -13.85
C SER A 2 1.90 -4.01 -12.80
N SER A 3 0.66 -4.26 -13.21
CA SER A 3 -0.48 -4.08 -12.31
C SER A 3 -1.30 -5.37 -12.25
N GLY A 4 -2.19 -5.41 -11.27
CA GLY A 4 -3.05 -6.57 -11.09
C GLY A 4 -3.69 -6.57 -9.71
N SER A 5 -4.06 -7.76 -9.25
CA SER A 5 -4.69 -7.91 -7.95
C SER A 5 -6.07 -7.24 -7.96
N SER A 6 -6.96 -7.81 -7.16
CA SER A 6 -8.32 -7.30 -7.06
C SER A 6 -9.00 -7.84 -5.81
N GLY A 7 -8.90 -7.07 -4.73
CA GLY A 7 -9.51 -7.46 -3.48
C GLY A 7 -9.32 -8.96 -3.23
N LYS A 8 -10.44 -9.64 -3.04
CA LYS A 8 -10.42 -11.08 -2.79
C LYS A 8 -9.88 -11.34 -1.39
N VAL A 9 -8.62 -10.94 -1.19
CA VAL A 9 -7.98 -11.13 0.10
C VAL A 9 -8.79 -10.41 1.19
N SER A 10 -8.51 -10.76 2.43
CA SER A 10 -9.20 -10.15 3.56
C SER A 10 -8.32 -9.08 4.20
N PRO A 11 -8.96 -8.25 5.06
CA PRO A 11 -8.25 -7.19 5.75
C PRO A 11 -7.38 -7.75 6.88
N PRO A 12 -6.47 -6.88 7.39
CA PRO A 12 -5.58 -7.28 8.46
C PRO A 12 -6.32 -7.34 9.80
N GLU A 13 -5.58 -7.67 10.85
CA GLU A 13 -6.15 -7.77 12.18
C GLU A 13 -5.85 -6.50 12.97
N ASP A 14 -4.61 -6.04 12.85
CA ASP A 14 -4.18 -4.85 13.57
C ASP A 14 -4.88 -3.62 12.96
N GLU A 15 -5.77 -3.03 13.74
CA GLU A 15 -6.49 -1.86 13.30
C GLU A 15 -5.53 -0.75 12.90
N GLU A 16 -4.66 -0.39 13.83
CA GLU A 16 -3.68 0.65 13.59
C GLU A 16 -3.06 0.49 12.20
N ALA A 17 -3.02 -0.76 11.74
CA ALA A 17 -2.46 -1.06 10.45
C ALA A 17 -3.47 -0.66 9.36
N LYS A 18 -4.66 -1.24 9.45
CA LYS A 18 -5.70 -0.95 8.49
C LYS A 18 -5.68 0.55 8.16
N ASN A 19 -5.29 1.34 9.15
CA ASN A 19 -5.23 2.78 8.97
C ASN A 19 -3.89 3.15 8.36
N LEU A 20 -2.82 2.67 8.98
CA LEU A 20 -1.48 2.94 8.50
C LEU A 20 -1.37 2.55 7.03
N ALA A 21 -1.78 1.32 6.75
CA ALA A 21 -1.74 0.81 5.38
C ALA A 21 -2.39 1.83 4.44
N GLU A 22 -3.69 2.02 4.64
CA GLU A 22 -4.44 2.95 3.83
C GLU A 22 -3.70 4.29 3.74
N LYS A 23 -3.56 4.93 4.89
CA LYS A 23 -2.88 6.21 4.96
C LYS A 23 -1.66 6.18 4.03
N LEU A 24 -0.75 5.26 4.32
CA LEU A 24 0.46 5.12 3.54
C LEU A 24 0.12 5.30 2.06
N ALA A 25 -0.64 4.34 1.54
CA ALA A 25 -1.05 4.38 0.15
C ALA A 25 -1.69 5.73 -0.16
N ARG A 26 -2.66 6.08 0.67
CA ARG A 26 -3.36 7.34 0.51
C ARG A 26 -2.37 8.48 0.25
N PHE A 27 -1.26 8.42 0.97
CA PHE A 27 -0.23 9.43 0.83
C PHE A 27 0.67 9.15 -0.38
N ILE A 28 1.27 7.97 -0.37
CA ILE A 28 2.15 7.57 -1.45
C ILE A 28 1.42 7.73 -2.78
N ALA A 29 0.10 7.72 -2.69
CA ALA A 29 -0.73 7.87 -3.87
C ALA A 29 -0.79 9.34 -4.29
N ASP A 30 -0.71 10.20 -3.28
CA ASP A 30 -0.75 11.64 -3.52
C ASP A 30 0.58 12.08 -4.15
N GLY A 31 1.55 11.18 -4.10
CA GLY A 31 2.86 11.46 -4.66
C GLY A 31 3.05 10.75 -6.00
N GLY A 32 4.06 9.90 -6.05
CA GLY A 32 4.36 9.15 -7.26
C GLY A 32 5.53 8.20 -7.04
N PRO A 33 6.41 8.14 -8.07
CA PRO A 33 7.59 7.28 -8.00
C PRO A 33 8.65 7.87 -7.08
N GLU A 34 8.34 9.04 -6.54
CA GLU A 34 9.26 9.72 -5.64
C GLU A 34 8.91 9.40 -4.18
N VAL A 35 7.62 9.54 -3.88
CA VAL A 35 7.15 9.26 -2.53
C VAL A 35 7.40 7.79 -2.19
N GLU A 36 7.11 6.94 -3.17
CA GLU A 36 7.28 5.51 -2.99
C GLU A 36 8.76 5.19 -2.68
N THR A 37 9.60 6.18 -2.93
CA THR A 37 11.02 6.03 -2.68
C THR A 37 11.38 6.51 -1.28
N ILE A 38 11.11 7.79 -1.05
CA ILE A 38 11.40 8.40 0.24
C ILE A 38 10.55 7.72 1.32
N ALA A 39 9.29 7.50 0.97
CA ALA A 39 8.36 6.86 1.89
C ALA A 39 8.87 5.46 2.24
N LEU A 40 9.34 4.77 1.22
CA LEU A 40 9.86 3.42 1.41
C LEU A 40 11.23 3.50 2.08
N GLN A 41 12.19 4.04 1.34
CA GLN A 41 13.54 4.18 1.85
C GLN A 41 13.51 4.56 3.32
N ASN A 42 12.53 5.40 3.67
CA ASN A 42 12.39 5.85 5.04
C ASN A 42 11.70 4.75 5.87
N ASN A 43 10.52 4.36 5.40
CA ASN A 43 9.76 3.34 6.08
C ASN A 43 10.68 2.20 6.49
N ARG A 44 11.70 1.97 5.66
CA ARG A 44 12.66 0.92 5.93
C ARG A 44 13.11 0.98 7.39
N GLU A 45 13.68 2.12 7.76
CA GLU A 45 14.16 2.31 9.12
C GLU A 45 13.04 2.03 10.12
N ASN A 46 11.83 2.45 9.74
CA ASN A 46 10.68 2.25 10.60
C ASN A 46 10.27 0.79 10.57
N GLN A 47 9.92 0.27 11.74
CA GLN A 47 9.50 -1.12 11.85
C GLN A 47 7.99 -1.24 11.67
N ALA A 48 7.27 -0.33 12.32
CA ALA A 48 5.82 -0.33 12.24
C ALA A 48 5.40 -0.52 10.78
N PHE A 49 6.10 0.17 9.90
CA PHE A 49 5.80 0.09 8.48
C PHE A 49 6.42 -1.17 7.87
N SER A 50 6.13 -2.29 8.50
CA SER A 50 6.64 -3.57 8.03
C SER A 50 5.64 -4.23 7.09
N PHE A 51 4.38 -3.82 7.23
CA PHE A 51 3.31 -4.36 6.41
C PHE A 51 3.56 -4.06 4.93
N LEU A 52 4.51 -3.16 4.69
CA LEU A 52 4.86 -2.78 3.34
C LEU A 52 5.68 -3.88 2.69
N TYR A 53 6.52 -4.51 3.51
CA TYR A 53 7.37 -5.59 3.03
C TYR A 53 6.78 -6.95 3.39
N ASP A 54 6.56 -7.14 4.68
CA ASP A 54 6.00 -8.39 5.17
C ASP A 54 4.89 -8.85 4.23
N PRO A 55 5.24 -9.83 3.36
CA PRO A 55 4.29 -10.37 2.41
C PRO A 55 3.28 -11.30 3.10
N ASN A 56 3.81 -12.18 3.94
CA ASN A 56 2.96 -13.11 4.65
C ASN A 56 1.74 -12.38 5.20
N SER A 57 2.01 -11.23 5.81
CA SER A 57 0.93 -10.43 6.37
C SER A 57 -0.10 -10.11 5.30
N GLN A 58 -1.34 -9.91 5.75
CA GLN A 58 -2.42 -9.59 4.84
C GLN A 58 -2.45 -8.08 4.56
N GLY A 59 -2.04 -7.32 5.55
CA GLY A 59 -2.02 -5.87 5.42
C GLY A 59 -1.33 -5.44 4.11
N TYR A 60 -0.14 -5.99 3.89
CA TYR A 60 0.62 -5.69 2.69
C TYR A 60 -0.29 -5.64 1.47
N ARG A 61 -1.11 -6.67 1.33
CA ARG A 61 -2.03 -6.77 0.22
C ARG A 61 -3.03 -5.63 0.26
N TYR A 62 -3.73 -5.53 1.39
CA TYR A 62 -4.71 -4.48 1.57
C TYR A 62 -4.12 -3.10 1.30
N TYR A 63 -2.84 -2.96 1.63
CA TYR A 63 -2.15 -1.71 1.43
C TYR A 63 -1.98 -1.41 -0.07
N ARG A 64 -1.48 -2.41 -0.79
CA ARG A 64 -1.27 -2.27 -2.22
C ARG A 64 -2.57 -1.86 -2.91
N GLN A 65 -3.62 -2.59 -2.58
CA GLN A 65 -4.94 -2.31 -3.17
C GLN A 65 -5.23 -0.81 -3.11
N LYS A 66 -5.26 -0.28 -1.90
CA LYS A 66 -5.53 1.13 -1.70
C LYS A 66 -4.63 1.95 -2.63
N LEU A 67 -3.42 1.44 -2.83
CA LEU A 67 -2.47 2.11 -3.70
C LEU A 67 -3.04 2.21 -5.11
N ASP A 68 -3.62 1.11 -5.56
CA ASP A 68 -4.21 1.05 -6.89
C ASP A 68 -5.51 1.87 -6.90
N GLU A 69 -6.28 1.70 -5.84
CA GLU A 69 -7.54 2.40 -5.71
C GLU A 69 -7.32 3.92 -5.87
N PHE A 70 -6.25 4.39 -5.25
CA PHE A 70 -5.92 5.80 -5.31
C PHE A 70 -5.18 6.14 -6.60
N ARG A 71 -4.07 5.45 -6.81
CA ARG A 71 -3.27 5.66 -8.00
C ARG A 71 -4.16 5.84 -9.22
N LYS A 72 -4.93 4.80 -9.51
CA LYS A 72 -5.84 4.82 -10.64
C LYS A 72 -5.06 5.19 -11.91
N SER A 73 -4.46 4.17 -12.51
CA SER A 73 -3.68 4.38 -13.72
C SER A 73 -3.52 3.06 -14.47
N GLY A 74 -4.56 2.68 -15.19
CA GLY A 74 -4.55 1.45 -15.95
C GLY A 74 -5.97 0.95 -16.23
N PRO A 75 -6.45 1.25 -17.46
CA PRO A 75 -7.79 0.83 -17.85
C PRO A 75 -7.84 -0.66 -18.16
N SER A 76 -7.63 -1.45 -17.11
CA SER A 76 -7.65 -2.89 -17.24
C SER A 76 -8.54 -3.51 -16.15
N SER A 77 -9.14 -4.63 -16.50
CA SER A 77 -10.00 -5.33 -15.56
C SER A 77 -9.87 -6.85 -15.75
N GLY A 78 -10.15 -7.28 -16.96
CA GLY A 78 -10.06 -8.70 -17.29
C GLY A 78 -11.45 -9.36 -17.22
N GLY A 1 4.87 -6.65 -17.57
CA GLY A 1 3.65 -7.43 -17.40
C GLY A 1 3.40 -7.76 -15.93
N SER A 2 3.92 -8.90 -15.52
CA SER A 2 3.77 -9.34 -14.14
C SER A 2 2.28 -9.45 -13.79
N SER A 3 1.69 -10.55 -14.23
CA SER A 3 0.28 -10.79 -13.97
C SER A 3 0.12 -11.93 -12.97
N GLY A 4 -1.05 -11.96 -12.33
CA GLY A 4 -1.34 -12.99 -11.35
C GLY A 4 -2.77 -12.86 -10.82
N SER A 5 -3.43 -14.00 -10.69
CA SER A 5 -4.80 -14.02 -10.20
C SER A 5 -4.90 -13.24 -8.89
N SER A 6 -6.11 -12.80 -8.58
CA SER A 6 -6.35 -12.05 -7.37
C SER A 6 -6.84 -12.97 -6.25
N GLY A 7 -7.95 -13.65 -6.53
CA GLY A 7 -8.53 -14.56 -5.57
C GLY A 7 -9.35 -13.81 -4.52
N LYS A 8 -9.33 -14.34 -3.31
CA LYS A 8 -10.08 -13.73 -2.21
C LYS A 8 -9.12 -12.89 -1.36
N VAL A 9 -9.51 -11.64 -1.16
CA VAL A 9 -8.70 -10.73 -0.37
C VAL A 9 -9.57 -10.10 0.72
N SER A 10 -9.09 -10.22 1.94
CA SER A 10 -9.82 -9.67 3.09
C SER A 10 -8.93 -8.65 3.82
N PRO A 11 -9.60 -7.81 4.65
CA PRO A 11 -8.89 -6.79 5.42
C PRO A 11 -8.14 -7.42 6.59
N PRO A 12 -7.07 -6.71 7.03
CA PRO A 12 -6.25 -7.17 8.13
C PRO A 12 -6.97 -6.97 9.46
N GLU A 13 -6.43 -7.59 10.50
CA GLU A 13 -7.01 -7.49 11.83
C GLU A 13 -6.45 -6.26 12.55
N ASP A 14 -5.12 -6.17 12.56
CA ASP A 14 -4.45 -5.06 13.21
C ASP A 14 -5.03 -3.74 12.67
N GLU A 15 -5.79 -3.07 13.53
CA GLU A 15 -6.39 -1.80 13.15
C GLU A 15 -5.32 -0.80 12.75
N GLU A 16 -4.33 -0.65 13.63
CA GLU A 16 -3.24 0.28 13.38
C GLU A 16 -2.74 0.13 11.94
N ALA A 17 -2.84 -1.09 11.43
CA ALA A 17 -2.40 -1.37 10.07
C ALA A 17 -3.45 -0.85 9.09
N LYS A 18 -4.68 -1.33 9.26
CA LYS A 18 -5.77 -0.92 8.39
C LYS A 18 -5.69 0.58 8.15
N ASN A 19 -5.13 1.28 9.14
CA ASN A 19 -4.99 2.72 9.06
C ASN A 19 -3.66 3.05 8.38
N LEU A 20 -2.60 2.45 8.90
CA LEU A 20 -1.27 2.67 8.36
C LEU A 20 -1.27 2.37 6.86
N ALA A 21 -1.71 1.15 6.54
CA ALA A 21 -1.77 0.72 5.15
C ALA A 21 -2.43 1.82 4.31
N GLU A 22 -3.69 2.08 4.62
CA GLU A 22 -4.44 3.10 3.90
C GLU A 22 -3.62 4.38 3.79
N LYS A 23 -3.38 5.00 4.94
CA LYS A 23 -2.61 6.23 4.98
C LYS A 23 -1.44 6.14 4.01
N LEU A 24 -0.57 5.16 4.28
CA LEU A 24 0.60 4.96 3.43
C LEU A 24 0.20 5.13 1.97
N ALA A 25 -0.69 4.25 1.51
CA ALA A 25 -1.15 4.29 0.14
C ALA A 25 -1.70 5.68 -0.16
N ARG A 26 -2.62 6.13 0.68
CA ARG A 26 -3.22 7.43 0.50
C ARG A 26 -2.14 8.49 0.25
N PHE A 27 -1.06 8.38 1.01
CA PHE A 27 0.05 9.31 0.87
C PHE A 27 0.83 9.05 -0.42
N ILE A 28 1.54 7.93 -0.43
CA ILE A 28 2.33 7.55 -1.58
C ILE A 28 1.51 7.78 -2.85
N ALA A 29 0.21 7.52 -2.74
CA ALA A 29 -0.68 7.69 -3.87
C ALA A 29 -0.60 9.14 -4.36
N ASP A 30 -0.63 10.05 -3.40
CA ASP A 30 -0.56 11.48 -3.72
C ASP A 30 0.78 11.77 -4.39
N GLY A 31 1.69 10.82 -4.29
CA GLY A 31 3.01 10.96 -4.87
C GLY A 31 3.14 10.13 -6.16
N GLY A 32 4.11 9.22 -6.13
CA GLY A 32 4.34 8.36 -7.28
C GLY A 32 5.56 7.46 -7.05
N PRO A 33 6.39 7.32 -8.11
CA PRO A 33 7.58 6.50 -8.03
C PRO A 33 8.68 7.19 -7.22
N GLU A 34 8.40 8.44 -6.86
CA GLU A 34 9.35 9.23 -6.09
C GLU A 34 9.10 9.04 -4.59
N VAL A 35 7.85 9.22 -4.20
CA VAL A 35 7.47 9.07 -2.81
C VAL A 35 7.76 7.64 -2.35
N GLU A 36 7.49 6.71 -3.25
CA GLU A 36 7.72 5.30 -2.95
C GLU A 36 9.19 5.06 -2.63
N THR A 37 10.01 6.06 -2.96
CA THR A 37 11.44 5.96 -2.72
C THR A 37 11.78 6.56 -1.35
N ILE A 38 11.43 7.83 -1.20
CA ILE A 38 11.70 8.53 0.05
C ILE A 38 10.83 7.94 1.16
N ALA A 39 9.56 7.72 0.83
CA ALA A 39 8.62 7.15 1.79
C ALA A 39 9.15 5.80 2.27
N LEU A 40 9.59 4.99 1.32
CA LEU A 40 10.12 3.68 1.64
C LEU A 40 11.46 3.84 2.35
N GLN A 41 12.26 4.77 1.86
CA GLN A 41 13.57 5.02 2.43
C GLN A 41 13.44 5.35 3.91
N ASN A 42 12.29 5.91 4.27
CA ASN A 42 12.03 6.27 5.66
C ASN A 42 11.48 5.05 6.41
N ASN A 43 10.38 4.53 5.89
CA ASN A 43 9.75 3.36 6.50
C ASN A 43 10.80 2.27 6.70
N ARG A 44 11.76 2.23 5.80
CA ARG A 44 12.82 1.25 5.87
C ARG A 44 13.39 1.18 7.29
N GLU A 45 13.63 2.36 7.85
CA GLU A 45 14.17 2.44 9.20
C GLU A 45 13.15 1.92 10.21
N ASN A 46 11.90 2.32 10.02
CA ASN A 46 10.84 1.90 10.90
C ASN A 46 10.53 0.42 10.65
N GLN A 47 10.30 -0.30 11.73
CA GLN A 47 9.99 -1.71 11.65
C GLN A 47 8.48 -1.93 11.63
N ALA A 48 7.77 -0.98 12.21
CA ALA A 48 6.32 -1.05 12.26
C ALA A 48 5.77 -1.33 10.86
N PHE A 49 6.19 -0.49 9.91
CA PHE A 49 5.75 -0.64 8.54
C PHE A 49 6.32 -1.92 7.92
N SER A 50 5.84 -3.05 8.42
CA SER A 50 6.29 -4.34 7.93
C SER A 50 5.38 -4.82 6.81
N PHE A 51 4.13 -4.38 6.87
CA PHE A 51 3.15 -4.75 5.87
C PHE A 51 3.53 -4.19 4.50
N LEU A 52 4.53 -3.32 4.50
CA LEU A 52 4.99 -2.70 3.27
C LEU A 52 5.96 -3.66 2.57
N TYR A 53 6.76 -4.34 3.38
CA TYR A 53 7.73 -5.29 2.85
C TYR A 53 7.09 -6.66 2.62
N ASP A 54 6.59 -7.23 3.71
CA ASP A 54 5.95 -8.53 3.65
C ASP A 54 4.87 -8.52 2.57
N PRO A 55 5.16 -9.22 1.45
CA PRO A 55 4.22 -9.29 0.34
C PRO A 55 3.07 -10.24 0.66
N ASN A 56 3.28 -11.07 1.67
CA ASN A 56 2.27 -12.02 2.09
C ASN A 56 1.68 -11.57 3.43
N SER A 57 1.55 -10.27 3.58
CA SER A 57 1.01 -9.71 4.81
C SER A 57 -0.41 -9.18 4.56
N GLN A 58 -1.26 -9.38 5.56
CA GLN A 58 -2.63 -8.93 5.47
C GLN A 58 -2.69 -7.43 5.19
N GLY A 59 -1.70 -6.72 5.71
CA GLY A 59 -1.63 -5.28 5.53
C GLY A 59 -1.21 -4.93 4.09
N TYR A 60 -0.30 -5.74 3.57
CA TYR A 60 0.20 -5.53 2.22
C TYR A 60 -0.92 -5.70 1.19
N ARG A 61 -1.57 -6.85 1.26
CA ARG A 61 -2.65 -7.15 0.34
C ARG A 61 -3.66 -6.00 0.31
N TYR A 62 -4.18 -5.68 1.49
CA TYR A 62 -5.15 -4.61 1.61
C TYR A 62 -4.54 -3.27 1.18
N TYR A 63 -3.29 -3.07 1.57
CA TYR A 63 -2.58 -1.85 1.23
C TYR A 63 -2.51 -1.66 -0.28
N ARG A 64 -1.97 -2.67 -0.95
CA ARG A 64 -1.84 -2.62 -2.40
C ARG A 64 -3.13 -2.12 -3.03
N GLN A 65 -4.24 -2.65 -2.56
CA GLN A 65 -5.54 -2.25 -3.07
C GLN A 65 -5.68 -0.73 -3.03
N LYS A 66 -5.64 -0.19 -1.83
CA LYS A 66 -5.76 1.24 -1.64
C LYS A 66 -4.83 1.96 -2.62
N LEU A 67 -3.63 1.43 -2.73
CA LEU A 67 -2.64 2.00 -3.63
C LEU A 67 -3.23 2.12 -5.03
N ASP A 68 -3.84 1.02 -5.47
CA ASP A 68 -4.46 0.99 -6.79
C ASP A 68 -5.74 1.83 -6.78
N GLU A 69 -6.47 1.70 -5.69
CA GLU A 69 -7.72 2.44 -5.54
C GLU A 69 -7.47 3.94 -5.73
N PHE A 70 -6.42 4.42 -5.09
CA PHE A 70 -6.06 5.82 -5.18
C PHE A 70 -5.32 6.12 -6.48
N ARG A 71 -4.24 5.39 -6.69
CA ARG A 71 -3.43 5.56 -7.88
C ARG A 71 -4.33 5.78 -9.10
N LYS A 72 -5.29 4.88 -9.25
CA LYS A 72 -6.22 4.97 -10.37
C LYS A 72 -5.48 4.70 -11.67
N SER A 73 -4.63 5.66 -12.04
CA SER A 73 -3.84 5.54 -13.25
C SER A 73 -2.75 6.61 -13.28
N GLY A 74 -1.56 6.20 -12.89
CA GLY A 74 -0.42 7.10 -12.86
C GLY A 74 -0.50 8.05 -11.66
N PRO A 75 0.40 9.05 -11.66
CA PRO A 75 0.44 10.03 -10.58
C PRO A 75 -0.72 11.03 -10.70
N SER A 76 -1.07 11.62 -9.56
CA SER A 76 -2.15 12.58 -9.52
C SER A 76 -1.60 14.00 -9.68
N SER A 77 -1.38 14.38 -10.93
CA SER A 77 -0.86 15.71 -11.22
C SER A 77 0.56 15.84 -10.67
N GLY A 78 1.52 15.81 -11.57
CA GLY A 78 2.92 15.94 -11.18
C GLY A 78 3.61 17.06 -11.96
N GLY A 1 2.62 -3.67 -15.23
CA GLY A 1 1.50 -3.48 -16.14
C GLY A 1 0.31 -4.35 -15.72
N SER A 2 -0.36 -3.92 -14.67
CA SER A 2 -1.51 -4.65 -14.16
C SER A 2 -1.08 -6.00 -13.61
N SER A 3 -1.78 -6.44 -12.57
CA SER A 3 -1.48 -7.72 -11.95
C SER A 3 -2.54 -8.06 -10.90
N GLY A 4 -3.30 -9.11 -11.20
CA GLY A 4 -4.34 -9.54 -10.29
C GLY A 4 -5.68 -9.67 -11.02
N SER A 5 -5.72 -10.60 -11.96
CA SER A 5 -6.93 -10.83 -12.74
C SER A 5 -8.15 -10.83 -11.83
N SER A 6 -8.12 -11.73 -10.86
CA SER A 6 -9.22 -11.85 -9.91
C SER A 6 -8.86 -11.15 -8.60
N GLY A 7 -7.74 -11.58 -8.02
CA GLY A 7 -7.28 -11.00 -6.76
C GLY A 7 -8.28 -11.24 -5.64
N LYS A 8 -8.94 -10.16 -5.24
CA LYS A 8 -9.94 -10.24 -4.17
C LYS A 8 -9.26 -10.75 -2.90
N VAL A 9 -9.11 -9.85 -1.94
CA VAL A 9 -8.49 -10.21 -0.68
C VAL A 9 -9.32 -9.61 0.48
N SER A 10 -8.94 -10.00 1.68
CA SER A 10 -9.63 -9.51 2.87
C SER A 10 -8.77 -8.49 3.59
N PRO A 11 -9.42 -7.72 4.50
CA PRO A 11 -8.73 -6.71 5.28
C PRO A 11 -7.88 -7.33 6.38
N PRO A 12 -6.84 -6.57 6.81
CA PRO A 12 -5.95 -7.04 7.85
C PRO A 12 -6.62 -6.99 9.23
N GLU A 13 -5.98 -7.61 10.19
CA GLU A 13 -6.50 -7.64 11.55
C GLU A 13 -6.03 -6.42 12.33
N ASP A 14 -4.71 -6.24 12.35
CA ASP A 14 -4.12 -5.11 13.06
C ASP A 14 -4.78 -3.82 12.57
N GLU A 15 -5.57 -3.22 13.44
CA GLU A 15 -6.25 -1.97 13.11
C GLU A 15 -5.23 -0.89 12.75
N GLU A 16 -4.24 -0.76 13.61
CA GLU A 16 -3.20 0.23 13.40
C GLU A 16 -2.68 0.16 11.95
N ALA A 17 -2.75 -1.04 11.40
CA ALA A 17 -2.29 -1.25 10.03
C ALA A 17 -3.35 -0.72 9.06
N LYS A 18 -4.57 -1.19 9.23
CA LYS A 18 -5.67 -0.77 8.39
C LYS A 18 -5.59 0.74 8.17
N ASN A 19 -5.02 1.42 9.15
CA ASN A 19 -4.87 2.86 9.08
C ASN A 19 -3.54 3.20 8.42
N LEU A 20 -2.48 2.61 8.95
CA LEU A 20 -1.15 2.84 8.43
C LEU A 20 -1.14 2.54 6.93
N ALA A 21 -1.55 1.33 6.60
CA ALA A 21 -1.59 0.91 5.20
C ALA A 21 -2.30 1.98 4.37
N GLU A 22 -3.55 2.23 4.72
CA GLU A 22 -4.34 3.23 4.01
C GLU A 22 -3.54 4.52 3.86
N LYS A 23 -3.31 5.16 5.00
CA LYS A 23 -2.56 6.41 5.01
C LYS A 23 -1.40 6.32 4.02
N LEU A 24 -0.49 5.39 4.30
CA LEU A 24 0.66 5.18 3.44
C LEU A 24 0.23 5.30 1.97
N ALA A 25 -0.67 4.42 1.59
CA ALA A 25 -1.17 4.41 0.22
C ALA A 25 -1.73 5.80 -0.12
N ARG A 26 -2.70 6.21 0.67
CA ARG A 26 -3.33 7.50 0.47
C ARG A 26 -2.28 8.57 0.22
N PHE A 27 -1.14 8.41 0.89
CA PHE A 27 -0.05 9.36 0.76
C PHE A 27 0.76 9.08 -0.51
N ILE A 28 1.36 7.89 -0.53
CA ILE A 28 2.16 7.49 -1.67
C ILE A 28 1.38 7.73 -2.96
N ALA A 29 0.08 7.43 -2.90
CA ALA A 29 -0.78 7.61 -4.05
C ALA A 29 -0.80 9.09 -4.45
N ASP A 30 -0.59 9.94 -3.45
CA ASP A 30 -0.57 11.38 -3.68
C ASP A 30 0.75 11.76 -4.37
N GLY A 31 1.71 10.85 -4.29
CA GLY A 31 3.01 11.08 -4.88
C GLY A 31 3.16 10.29 -6.17
N GLY A 32 4.15 9.41 -6.19
CA GLY A 32 4.42 8.58 -7.35
C GLY A 32 5.62 7.66 -7.11
N PRO A 33 6.48 7.56 -8.15
CA PRO A 33 7.66 6.72 -8.06
C PRO A 33 8.74 7.37 -7.19
N GLU A 34 8.42 8.57 -6.73
CA GLU A 34 9.36 9.31 -5.89
C GLU A 34 9.04 9.07 -4.42
N VAL A 35 7.77 9.26 -4.08
CA VAL A 35 7.32 9.07 -2.70
C VAL A 35 7.60 7.63 -2.27
N GLU A 36 7.36 6.71 -3.19
CA GLU A 36 7.59 5.30 -2.92
C GLU A 36 9.07 5.05 -2.61
N THR A 37 9.87 6.05 -2.91
CA THR A 37 11.31 5.95 -2.67
C THR A 37 11.65 6.53 -1.29
N ILE A 38 11.25 7.77 -1.09
CA ILE A 38 11.51 8.44 0.17
C ILE A 38 10.64 7.83 1.26
N ALA A 39 9.36 7.65 0.93
CA ALA A 39 8.42 7.08 1.87
C ALA A 39 8.93 5.72 2.33
N LEU A 40 9.41 4.94 1.37
CA LEU A 40 9.93 3.62 1.66
C LEU A 40 11.24 3.75 2.45
N GLN A 41 12.16 4.52 1.89
CA GLN A 41 13.45 4.73 2.52
C GLN A 41 13.27 5.03 4.00
N ASN A 42 12.14 5.65 4.32
CA ASN A 42 11.83 6.00 5.70
C ASN A 42 11.30 4.76 6.42
N ASN A 43 10.22 4.21 5.86
CA ASN A 43 9.61 3.02 6.44
C ASN A 43 10.68 1.97 6.69
N ARG A 44 11.66 1.93 5.80
CA ARG A 44 12.75 0.98 5.92
C ARG A 44 13.33 1.00 7.34
N GLU A 45 13.45 2.21 7.87
CA GLU A 45 13.98 2.38 9.21
C GLU A 45 12.95 1.95 10.26
N ASN A 46 11.72 2.43 10.07
CA ASN A 46 10.64 2.10 10.98
C ASN A 46 10.30 0.62 10.84
N GLN A 47 9.97 0.01 11.97
CA GLN A 47 9.62 -1.40 12.00
C GLN A 47 8.11 -1.58 11.85
N ALA A 48 7.38 -0.61 12.39
CA ALA A 48 5.93 -0.65 12.34
C ALA A 48 5.48 -0.92 10.90
N PHE A 49 6.07 -0.17 9.98
CA PHE A 49 5.74 -0.31 8.57
C PHE A 49 6.32 -1.61 8.01
N SER A 50 5.81 -2.72 8.53
CA SER A 50 6.27 -4.03 8.09
C SER A 50 5.33 -4.57 7.00
N PHE A 51 4.07 -4.19 7.11
CA PHE A 51 3.06 -4.63 6.16
C PHE A 51 3.44 -4.20 4.74
N LEU A 52 4.37 -3.26 4.67
CA LEU A 52 4.82 -2.76 3.38
C LEU A 52 5.70 -3.81 2.71
N TYR A 53 6.49 -4.50 3.52
CA TYR A 53 7.38 -5.53 3.01
C TYR A 53 6.70 -6.90 3.07
N ASP A 54 6.38 -7.32 4.28
CA ASP A 54 5.72 -8.61 4.49
C ASP A 54 4.47 -8.68 3.61
N PRO A 55 4.56 -9.52 2.55
CA PRO A 55 3.45 -9.70 1.63
C PRO A 55 2.35 -10.56 2.27
N ASN A 56 2.76 -11.70 2.79
CA ASN A 56 1.83 -12.61 3.43
C ASN A 56 0.93 -11.84 4.39
N SER A 57 1.48 -10.73 4.88
CA SER A 57 0.75 -9.88 5.81
C SER A 57 -0.39 -9.16 5.08
N GLN A 58 -1.62 -9.55 5.43
CA GLN A 58 -2.78 -8.94 4.82
C GLN A 58 -2.60 -7.42 4.70
N GLY A 59 -1.82 -6.88 5.62
CA GLY A 59 -1.56 -5.46 5.63
C GLY A 59 -1.03 -4.98 4.28
N TYR A 60 -0.31 -5.87 3.62
CA TYR A 60 0.25 -5.56 2.31
C TYR A 60 -0.84 -5.57 1.23
N ARG A 61 -1.44 -6.73 1.05
CA ARG A 61 -2.49 -6.88 0.07
C ARG A 61 -3.48 -5.72 0.16
N TYR A 62 -3.97 -5.50 1.37
CA TYR A 62 -4.93 -4.44 1.60
C TYR A 62 -4.33 -3.07 1.24
N TYR A 63 -3.07 -2.91 1.57
CA TYR A 63 -2.37 -1.67 1.28
C TYR A 63 -2.18 -1.48 -0.22
N ARG A 64 -1.73 -2.54 -0.87
CA ARG A 64 -1.50 -2.51 -2.31
C ARG A 64 -2.78 -2.06 -3.02
N GLN A 65 -3.89 -2.66 -2.63
CA GLN A 65 -5.18 -2.32 -3.22
C GLN A 65 -5.44 -0.82 -3.13
N LYS A 66 -5.33 -0.31 -1.92
CA LYS A 66 -5.55 1.11 -1.67
C LYS A 66 -4.68 1.92 -2.64
N LEU A 67 -3.45 1.47 -2.79
CA LEU A 67 -2.51 2.15 -3.68
C LEU A 67 -3.13 2.26 -5.08
N ASP A 68 -3.63 1.13 -5.56
CA ASP A 68 -4.25 1.10 -6.88
C ASP A 68 -5.57 1.85 -6.84
N GLU A 69 -6.31 1.64 -5.75
CA GLU A 69 -7.60 2.30 -5.58
C GLU A 69 -7.45 3.80 -5.79
N PHE A 70 -6.57 4.40 -5.01
CA PHE A 70 -6.33 5.83 -5.11
C PHE A 70 -5.70 6.19 -6.45
N ARG A 71 -4.71 5.40 -6.84
CA ARG A 71 -4.03 5.62 -8.11
C ARG A 71 -4.88 5.14 -9.27
N LYS A 72 -6.05 5.76 -9.41
CA LYS A 72 -6.97 5.40 -10.47
C LYS A 72 -6.18 5.17 -11.76
N SER A 73 -5.67 6.26 -12.32
CA SER A 73 -4.91 6.19 -13.54
C SER A 73 -3.64 5.35 -13.32
N GLY A 74 -3.59 4.22 -14.01
CA GLY A 74 -2.45 3.33 -13.89
C GLY A 74 -2.05 2.78 -15.26
N PRO A 75 -0.76 2.35 -15.35
CA PRO A 75 -0.23 1.81 -16.59
C PRO A 75 -0.76 0.39 -16.83
N SER A 76 -2.07 0.30 -17.01
CA SER A 76 -2.71 -0.98 -17.26
C SER A 76 -2.67 -1.32 -18.75
N SER A 77 -1.62 -2.04 -19.12
CA SER A 77 -1.46 -2.43 -20.52
C SER A 77 -2.35 -3.64 -20.83
N GLY A 78 -3.06 -3.53 -21.94
CA GLY A 78 -3.95 -4.60 -22.38
C GLY A 78 -4.83 -5.08 -21.21
N GLY A 1 1.59 2.76 -16.50
CA GLY A 1 0.50 1.84 -16.18
C GLY A 1 0.95 0.76 -15.20
N SER A 2 0.91 -0.48 -15.68
CA SER A 2 1.31 -1.61 -14.86
C SER A 2 0.38 -1.74 -13.66
N SER A 3 -0.13 -2.95 -13.48
CA SER A 3 -1.04 -3.23 -12.39
C SER A 3 -0.63 -4.53 -11.69
N GLY A 4 -0.60 -5.61 -12.46
CA GLY A 4 -0.24 -6.91 -11.93
C GLY A 4 -1.44 -7.84 -11.90
N SER A 5 -1.63 -8.46 -10.74
CA SER A 5 -2.74 -9.39 -10.56
C SER A 5 -3.30 -9.27 -9.15
N SER A 6 -4.51 -9.78 -8.98
CA SER A 6 -5.17 -9.74 -7.69
C SER A 6 -6.29 -10.78 -7.63
N GLY A 7 -6.61 -11.19 -6.42
CA GLY A 7 -7.66 -12.18 -6.22
C GLY A 7 -8.28 -12.04 -4.83
N LYS A 8 -8.28 -13.15 -4.10
CA LYS A 8 -8.83 -13.17 -2.77
C LYS A 8 -8.02 -12.23 -1.86
N VAL A 9 -8.40 -10.97 -1.88
CA VAL A 9 -7.72 -9.97 -1.07
C VAL A 9 -8.59 -9.62 0.13
N SER A 10 -8.02 -9.81 1.31
CA SER A 10 -8.73 -9.52 2.55
C SER A 10 -7.97 -8.45 3.34
N PRO A 11 -8.70 -7.85 4.31
CA PRO A 11 -8.11 -6.82 5.16
C PRO A 11 -7.16 -7.42 6.19
N PRO A 12 -6.28 -6.55 6.75
CA PRO A 12 -5.32 -6.99 7.75
C PRO A 12 -6.00 -7.22 9.10
N GLU A 13 -5.24 -7.78 10.03
CA GLU A 13 -5.75 -8.04 11.36
C GLU A 13 -5.07 -7.13 12.38
N ASP A 14 -5.14 -5.83 12.11
CA ASP A 14 -4.54 -4.84 13.00
C ASP A 14 -5.00 -3.45 12.57
N GLU A 15 -5.79 -2.83 13.43
CA GLU A 15 -6.29 -1.50 13.16
C GLU A 15 -5.14 -0.55 12.83
N GLU A 16 -4.15 -0.53 13.70
CA GLU A 16 -2.99 0.31 13.50
C GLU A 16 -2.47 0.19 12.08
N ALA A 17 -2.64 -1.00 11.52
CA ALA A 17 -2.20 -1.27 10.17
C ALA A 17 -3.26 -0.77 9.18
N LYS A 18 -4.47 -1.24 9.38
CA LYS A 18 -5.58 -0.85 8.53
C LYS A 18 -5.51 0.66 8.25
N ASN A 19 -4.93 1.37 9.21
CA ASN A 19 -4.78 2.81 9.09
C ASN A 19 -3.47 3.13 8.38
N LEU A 20 -2.39 2.55 8.91
CA LEU A 20 -1.07 2.77 8.34
C LEU A 20 -1.11 2.46 6.85
N ALA A 21 -1.58 1.26 6.53
CA ALA A 21 -1.66 0.83 5.14
C ALA A 21 -2.35 1.92 4.33
N GLU A 22 -3.62 2.13 4.63
CA GLU A 22 -4.40 3.13 3.93
C GLU A 22 -3.61 4.43 3.81
N LYS A 23 -3.33 5.02 4.96
CA LYS A 23 -2.58 6.27 5.00
C LYS A 23 -1.41 6.19 4.01
N LEU A 24 -0.48 5.31 4.31
CA LEU A 24 0.68 5.13 3.45
C LEU A 24 0.24 5.19 1.99
N ALA A 25 -0.64 4.27 1.63
CA ALA A 25 -1.14 4.22 0.28
C ALA A 25 -1.64 5.60 -0.15
N ARG A 26 -2.65 6.06 0.56
CA ARG A 26 -3.23 7.37 0.28
C ARG A 26 -2.13 8.40 0.04
N PHE A 27 -1.13 8.36 0.92
CA PHE A 27 -0.02 9.28 0.82
C PHE A 27 0.81 9.01 -0.44
N ILE A 28 1.35 7.80 -0.50
CA ILE A 28 2.16 7.41 -1.65
C ILE A 28 1.38 7.69 -2.93
N ALA A 29 0.08 7.47 -2.87
CA ALA A 29 -0.78 7.71 -4.02
C ALA A 29 -0.79 9.20 -4.36
N ASP A 30 -0.50 10.00 -3.34
CA ASP A 30 -0.47 11.45 -3.50
C ASP A 30 0.86 11.85 -4.14
N GLY A 31 1.78 10.90 -4.16
CA GLY A 31 3.09 11.15 -4.74
C GLY A 31 3.24 10.44 -6.09
N GLY A 32 4.21 9.55 -6.14
CA GLY A 32 4.47 8.80 -7.36
C GLY A 32 5.61 7.79 -7.16
N PRO A 33 6.49 7.70 -8.19
CA PRO A 33 7.62 6.79 -8.14
C PRO A 33 8.71 7.32 -7.21
N GLU A 34 8.46 8.50 -6.68
CA GLU A 34 9.41 9.14 -5.79
C GLU A 34 9.05 8.83 -4.33
N VAL A 35 7.83 9.17 -3.96
CA VAL A 35 7.36 8.93 -2.61
C VAL A 35 7.64 7.48 -2.23
N GLU A 36 7.37 6.58 -3.17
CA GLU A 36 7.58 5.17 -2.95
C GLU A 36 9.05 4.90 -2.63
N THR A 37 9.88 5.89 -2.91
CA THR A 37 11.30 5.77 -2.65
C THR A 37 11.65 6.31 -1.27
N ILE A 38 11.32 7.58 -1.05
CA ILE A 38 11.59 8.21 0.22
C ILE A 38 10.73 7.57 1.31
N ALA A 39 9.47 7.34 0.96
CA ALA A 39 8.54 6.73 1.88
C ALA A 39 9.06 5.34 2.29
N LEU A 40 9.53 4.61 1.29
CA LEU A 40 10.05 3.28 1.54
C LEU A 40 11.42 3.39 2.22
N GLN A 41 12.16 4.41 1.81
CA GLN A 41 13.49 4.63 2.37
C GLN A 41 13.38 5.05 3.84
N ASN A 42 12.27 5.70 4.16
CA ASN A 42 12.03 6.15 5.52
C ASN A 42 11.48 4.99 6.34
N ASN A 43 10.33 4.48 5.90
CA ASN A 43 9.68 3.38 6.58
C ASN A 43 10.73 2.34 6.98
N ARG A 44 11.78 2.26 6.16
CA ARG A 44 12.85 1.32 6.42
C ARG A 44 13.26 1.36 7.89
N GLU A 45 13.38 2.58 8.41
CA GLU A 45 13.76 2.78 9.79
C GLU A 45 12.60 2.41 10.72
N ASN A 46 11.40 2.75 10.26
CA ASN A 46 10.20 2.47 11.03
C ASN A 46 9.89 0.98 10.97
N GLN A 47 9.59 0.42 12.14
CA GLN A 47 9.29 -0.99 12.24
C GLN A 47 7.79 -1.23 12.00
N ALA A 48 6.99 -0.32 12.55
CA ALA A 48 5.55 -0.43 12.41
C ALA A 48 5.20 -0.79 10.97
N PHE A 49 5.72 0.00 10.04
CA PHE A 49 5.47 -0.23 8.63
C PHE A 49 6.17 -1.51 8.17
N SER A 50 5.71 -2.63 8.72
CA SER A 50 6.27 -3.92 8.36
C SER A 50 5.41 -4.59 7.28
N PHE A 51 4.21 -4.05 7.10
CA PHE A 51 3.30 -4.58 6.10
C PHE A 51 3.75 -4.21 4.69
N LEU A 52 4.81 -3.42 4.63
CA LEU A 52 5.37 -3.00 3.35
C LEU A 52 6.50 -3.95 2.95
N TYR A 53 6.96 -4.72 3.92
CA TYR A 53 8.03 -5.67 3.68
C TYR A 53 7.52 -7.11 3.77
N ASP A 54 6.40 -7.36 3.11
CA ASP A 54 5.81 -8.68 3.11
C ASP A 54 4.48 -8.64 2.35
N PRO A 55 4.54 -9.11 1.08
CA PRO A 55 3.35 -9.13 0.23
C PRO A 55 2.41 -10.26 0.64
N ASN A 56 3.00 -11.33 1.15
CA ASN A 56 2.23 -12.48 1.58
C ASN A 56 1.18 -12.03 2.60
N SER A 57 1.63 -11.23 3.55
CA SER A 57 0.75 -10.74 4.59
C SER A 57 -0.43 -9.99 3.96
N GLN A 58 -1.45 -9.79 4.76
CA GLN A 58 -2.64 -9.09 4.30
C GLN A 58 -2.43 -7.57 4.38
N GLY A 59 -1.52 -7.18 5.25
CA GLY A 59 -1.22 -5.77 5.44
C GLY A 59 -0.86 -5.11 4.11
N TYR A 60 -0.02 -5.80 3.35
CA TYR A 60 0.41 -5.29 2.06
C TYR A 60 -0.71 -5.40 1.03
N ARG A 61 -1.17 -6.62 0.83
CA ARG A 61 -2.25 -6.87 -0.13
C ARG A 61 -3.31 -5.76 -0.04
N TYR A 62 -3.78 -5.54 1.17
CA TYR A 62 -4.80 -4.52 1.41
C TYR A 62 -4.26 -3.13 1.04
N TYR A 63 -3.11 -2.81 1.59
CA TYR A 63 -2.49 -1.52 1.34
C TYR A 63 -2.24 -1.32 -0.17
N ARG A 64 -2.06 -2.44 -0.85
CA ARG A 64 -1.82 -2.41 -2.28
C ARG A 64 -3.09 -1.95 -3.02
N GLN A 65 -4.19 -2.59 -2.68
CA GLN A 65 -5.47 -2.27 -3.30
C GLN A 65 -5.74 -0.77 -3.21
N LYS A 66 -5.58 -0.24 -2.01
CA LYS A 66 -5.80 1.18 -1.78
C LYS A 66 -4.90 1.99 -2.72
N LEU A 67 -3.68 1.51 -2.87
CA LEU A 67 -2.71 2.17 -3.74
C LEU A 67 -3.31 2.32 -5.13
N ASP A 68 -3.82 1.21 -5.65
CA ASP A 68 -4.42 1.21 -6.97
C ASP A 68 -5.76 1.96 -6.93
N GLU A 69 -6.51 1.68 -5.87
CA GLU A 69 -7.81 2.31 -5.69
C GLU A 69 -7.68 3.84 -5.83
N PHE A 70 -6.76 4.40 -5.07
CA PHE A 70 -6.53 5.82 -5.10
C PHE A 70 -5.90 6.25 -6.43
N ARG A 71 -4.92 5.47 -6.86
CA ARG A 71 -4.23 5.76 -8.10
C ARG A 71 -5.10 5.37 -9.29
N LYS A 72 -6.22 6.06 -9.43
CA LYS A 72 -7.15 5.80 -10.51
C LYS A 72 -6.36 5.58 -11.81
N SER A 73 -5.93 6.69 -12.39
CA SER A 73 -5.18 6.63 -13.63
C SER A 73 -6.02 5.97 -14.73
N GLY A 74 -6.83 6.79 -15.37
CA GLY A 74 -7.69 6.30 -16.43
C GLY A 74 -9.11 6.84 -16.29
N PRO A 75 -9.84 6.88 -17.44
CA PRO A 75 -11.20 7.37 -17.45
C PRO A 75 -12.15 6.33 -16.85
N SER A 76 -12.11 6.22 -15.53
CA SER A 76 -12.96 5.27 -14.82
C SER A 76 -13.65 5.97 -13.65
N SER A 77 -14.97 5.86 -13.63
CA SER A 77 -15.76 6.46 -12.57
C SER A 77 -15.19 7.85 -12.23
N GLY A 78 -15.62 8.84 -13.00
CA GLY A 78 -15.16 10.20 -12.79
C GLY A 78 -15.29 11.03 -14.08
N GLY A 1 -2.26 -13.49 -20.37
CA GLY A 1 -3.50 -14.15 -20.76
C GLY A 1 -4.63 -13.13 -20.96
N SER A 2 -5.45 -13.00 -19.92
CA SER A 2 -6.56 -12.06 -19.96
C SER A 2 -6.67 -11.32 -18.63
N SER A 3 -6.98 -10.03 -18.73
CA SER A 3 -7.12 -9.21 -17.54
C SER A 3 -8.45 -9.51 -16.85
N GLY A 4 -8.36 -10.37 -15.83
CA GLY A 4 -9.54 -10.75 -15.07
C GLY A 4 -9.46 -10.24 -13.63
N SER A 5 -9.18 -11.18 -12.73
CA SER A 5 -9.06 -10.84 -11.32
C SER A 5 -7.64 -10.37 -11.01
N SER A 6 -7.56 -9.20 -10.41
CA SER A 6 -6.27 -8.63 -10.05
C SER A 6 -5.95 -8.92 -8.58
N GLY A 7 -6.85 -8.48 -7.72
CA GLY A 7 -6.69 -8.69 -6.29
C GLY A 7 -7.93 -9.36 -5.69
N LYS A 8 -7.70 -10.07 -4.59
CA LYS A 8 -8.78 -10.75 -3.91
C LYS A 8 -8.29 -11.27 -2.56
N VAL A 9 -8.28 -10.38 -1.58
CA VAL A 9 -7.83 -10.73 -0.24
C VAL A 9 -8.76 -10.09 0.78
N SER A 10 -8.41 -10.29 2.05
CA SER A 10 -9.21 -9.75 3.13
C SER A 10 -8.39 -8.72 3.91
N PRO A 11 -9.09 -8.00 4.84
CA PRO A 11 -8.44 -7.00 5.65
C PRO A 11 -7.58 -7.63 6.75
N PRO A 12 -6.59 -6.84 7.25
CA PRO A 12 -5.71 -7.32 8.29
C PRO A 12 -6.42 -7.35 9.64
N GLU A 13 -5.66 -7.74 10.66
CA GLU A 13 -6.20 -7.81 12.00
C GLU A 13 -5.84 -6.55 12.80
N ASP A 14 -4.56 -6.21 12.74
CA ASP A 14 -4.08 -5.03 13.44
C ASP A 14 -4.74 -3.78 12.85
N GLU A 15 -5.64 -3.20 13.64
CA GLU A 15 -6.34 -2.01 13.21
C GLU A 15 -5.35 -0.90 12.85
N GLU A 16 -4.44 -0.63 13.77
CA GLU A 16 -3.42 0.38 13.56
C GLU A 16 -2.85 0.28 12.15
N ALA A 17 -2.83 -0.95 11.65
CA ALA A 17 -2.31 -1.20 10.32
C ALA A 17 -3.32 -0.73 9.28
N LYS A 18 -4.52 -1.29 9.35
CA LYS A 18 -5.58 -0.93 8.44
C LYS A 18 -5.56 0.59 8.20
N ASN A 19 -5.10 1.31 9.21
CA ASN A 19 -5.02 2.75 9.13
C ASN A 19 -3.68 3.14 8.50
N LEU A 20 -2.62 2.59 9.04
CA LEU A 20 -1.28 2.86 8.54
C LEU A 20 -1.23 2.57 7.03
N ALA A 21 -1.69 1.38 6.69
CA ALA A 21 -1.70 0.95 5.29
C ALA A 21 -2.38 2.03 4.45
N GLU A 22 -3.68 2.19 4.67
CA GLU A 22 -4.46 3.18 3.94
C GLU A 22 -3.68 4.49 3.84
N LYS A 23 -3.47 5.11 4.99
CA LYS A 23 -2.75 6.38 5.05
C LYS A 23 -1.57 6.32 4.09
N LEU A 24 -0.64 5.43 4.38
CA LEU A 24 0.55 5.26 3.56
C LEU A 24 0.15 5.36 2.08
N ALA A 25 -0.77 4.47 1.69
CA ALA A 25 -1.24 4.44 0.32
C ALA A 25 -1.78 5.81 -0.06
N ARG A 26 -2.72 6.29 0.75
CA ARG A 26 -3.33 7.59 0.52
C ARG A 26 -2.24 8.64 0.25
N PHE A 27 -1.11 8.45 0.90
CA PHE A 27 0.00 9.37 0.75
C PHE A 27 0.84 9.02 -0.49
N ILE A 28 1.35 7.80 -0.49
CA ILE A 28 2.16 7.33 -1.60
C ILE A 28 1.39 7.50 -2.91
N ALA A 29 0.07 7.49 -2.79
CA ALA A 29 -0.80 7.66 -3.93
C ALA A 29 -0.82 9.13 -4.35
N ASP A 30 -0.57 9.99 -3.37
CA ASP A 30 -0.56 11.42 -3.60
C ASP A 30 0.76 11.82 -4.26
N GLY A 31 1.67 10.86 -4.32
CA GLY A 31 2.97 11.09 -4.91
C GLY A 31 3.13 10.31 -6.22
N GLY A 32 4.12 9.44 -6.23
CA GLY A 32 4.39 8.62 -7.41
C GLY A 32 5.58 7.70 -7.18
N PRO A 33 6.45 7.63 -8.23
CA PRO A 33 7.64 6.78 -8.15
C PRO A 33 8.71 7.41 -7.26
N GLU A 34 8.39 8.60 -6.77
CA GLU A 34 9.31 9.32 -5.90
C GLU A 34 8.97 9.05 -4.42
N VAL A 35 7.70 9.18 -4.11
CA VAL A 35 7.24 8.95 -2.75
C VAL A 35 7.51 7.51 -2.35
N GLU A 36 7.27 6.61 -3.30
CA GLU A 36 7.50 5.19 -3.07
C GLU A 36 8.96 4.94 -2.72
N THR A 37 9.78 5.94 -2.99
CA THR A 37 11.21 5.84 -2.70
C THR A 37 11.52 6.38 -1.31
N ILE A 38 11.17 7.64 -1.10
CA ILE A 38 11.40 8.29 0.17
C ILE A 38 10.52 7.64 1.23
N ALA A 39 9.26 7.41 0.87
CA ALA A 39 8.31 6.81 1.77
C ALA A 39 8.82 5.44 2.20
N LEU A 40 9.40 4.73 1.24
CA LEU A 40 9.94 3.40 1.50
C LEU A 40 11.28 3.54 2.22
N GLN A 41 12.11 4.44 1.72
CA GLN A 41 13.41 4.67 2.30
C GLN A 41 13.29 4.99 3.79
N ASN A 42 12.23 5.73 4.11
CA ASN A 42 11.98 6.11 5.50
C ASN A 42 11.43 4.90 6.26
N ASN A 43 10.31 4.39 5.78
CA ASN A 43 9.68 3.24 6.41
C ASN A 43 10.72 2.14 6.61
N ARG A 44 11.74 2.18 5.76
CA ARG A 44 12.81 1.20 5.84
C ARG A 44 13.33 1.07 7.27
N GLU A 45 13.33 2.20 7.97
CA GLU A 45 13.79 2.24 9.34
C GLU A 45 12.64 1.88 10.29
N ASN A 46 11.48 2.46 10.02
CA ASN A 46 10.31 2.22 10.84
C ASN A 46 9.98 0.73 10.80
N GLN A 47 9.58 0.21 11.96
CA GLN A 47 9.22 -1.19 12.07
C GLN A 47 7.71 -1.37 11.86
N ALA A 48 6.95 -0.43 12.41
CA ALA A 48 5.51 -0.47 12.30
C ALA A 48 5.12 -0.79 10.85
N PHE A 49 5.70 -0.04 9.94
CA PHE A 49 5.42 -0.24 8.52
C PHE A 49 6.06 -1.53 8.02
N SER A 50 5.64 -2.63 8.63
CA SER A 50 6.16 -3.93 8.26
C SER A 50 5.24 -4.59 7.22
N PHE A 51 4.05 -4.03 7.11
CA PHE A 51 3.07 -4.55 6.16
C PHE A 51 3.44 -4.18 4.73
N LEU A 52 4.45 -3.32 4.62
CA LEU A 52 4.92 -2.88 3.31
C LEU A 52 5.86 -3.94 2.73
N TYR A 53 6.56 -4.60 3.63
CA TYR A 53 7.51 -5.63 3.22
C TYR A 53 6.88 -7.02 3.34
N ASP A 54 6.52 -7.38 4.56
CA ASP A 54 5.91 -8.67 4.82
C ASP A 54 4.71 -8.86 3.89
N PRO A 55 4.90 -9.77 2.89
CA PRO A 55 3.84 -10.05 1.93
C PRO A 55 2.75 -10.91 2.56
N ASN A 56 3.18 -11.99 3.19
CA ASN A 56 2.25 -12.91 3.84
C ASN A 56 1.22 -12.10 4.64
N SER A 57 1.67 -10.96 5.15
CA SER A 57 0.80 -10.10 5.92
C SER A 57 -0.25 -9.46 5.01
N GLN A 58 -1.51 -9.68 5.38
CA GLN A 58 -2.62 -9.14 4.61
C GLN A 58 -2.49 -7.63 4.49
N GLY A 59 -1.68 -7.06 5.37
CA GLY A 59 -1.47 -5.62 5.37
C GLY A 59 -0.89 -5.16 4.03
N TYR A 60 0.05 -5.93 3.52
CA TYR A 60 0.69 -5.61 2.26
C TYR A 60 -0.33 -5.57 1.12
N ARG A 61 -1.18 -6.58 1.11
CA ARG A 61 -2.21 -6.68 0.08
C ARG A 61 -3.20 -5.52 0.22
N TYR A 62 -3.80 -5.42 1.39
CA TYR A 62 -4.77 -4.38 1.67
C TYR A 62 -4.18 -3.01 1.35
N TYR A 63 -2.88 -2.88 1.58
CA TYR A 63 -2.19 -1.63 1.32
C TYR A 63 -2.08 -1.36 -0.18
N ARG A 64 -1.67 -2.39 -0.90
CA ARG A 64 -1.51 -2.29 -2.34
C ARG A 64 -2.87 -1.96 -3.00
N GLN A 65 -3.90 -2.62 -2.51
CA GLN A 65 -5.23 -2.41 -3.04
C GLN A 65 -5.59 -0.93 -2.98
N LYS A 66 -5.49 -0.36 -1.78
CA LYS A 66 -5.79 1.04 -1.58
C LYS A 66 -4.98 1.89 -2.55
N LEU A 67 -3.71 1.53 -2.68
CA LEU A 67 -2.81 2.24 -3.56
C LEU A 67 -3.45 2.33 -4.96
N ASP A 68 -3.52 1.19 -5.62
CA ASP A 68 -4.10 1.14 -6.95
C ASP A 68 -5.43 1.90 -6.96
N GLU A 69 -6.19 1.70 -5.89
CA GLU A 69 -7.48 2.37 -5.75
C GLU A 69 -7.36 3.84 -6.11
N PHE A 70 -6.51 4.53 -5.34
CA PHE A 70 -6.30 5.95 -5.55
C PHE A 70 -5.43 6.19 -6.78
N ARG A 71 -4.31 5.49 -6.82
CA ARG A 71 -3.38 5.62 -7.94
C ARG A 71 -4.15 5.66 -9.26
N LYS A 72 -4.92 4.60 -9.49
CA LYS A 72 -5.70 4.51 -10.71
C LYS A 72 -7.13 4.97 -10.43
N SER A 73 -7.26 6.27 -10.22
CA SER A 73 -8.57 6.86 -9.95
C SER A 73 -8.59 8.33 -10.36
N GLY A 74 -7.72 9.10 -9.73
CA GLY A 74 -7.61 10.52 -10.04
C GLY A 74 -7.21 10.75 -11.48
N PRO A 75 -7.54 11.97 -11.99
CA PRO A 75 -7.21 12.32 -13.36
C PRO A 75 -5.72 12.64 -13.50
N SER A 76 -5.26 13.57 -12.69
CA SER A 76 -3.86 13.96 -12.72
C SER A 76 -3.54 14.84 -11.51
N SER A 77 -2.27 14.81 -11.11
CA SER A 77 -1.82 15.59 -9.97
C SER A 77 -0.78 16.62 -10.41
N GLY A 78 -0.80 17.76 -9.75
CA GLY A 78 0.14 18.82 -10.07
C GLY A 78 0.00 19.99 -9.08
N GLY A 1 0.88 -4.06 -23.20
CA GLY A 1 -0.46 -4.44 -23.61
C GLY A 1 -1.03 -5.54 -22.70
N SER A 2 -0.57 -6.76 -22.95
CA SER A 2 -1.02 -7.90 -22.17
C SER A 2 -0.80 -7.62 -20.68
N SER A 3 -1.73 -8.14 -19.88
CA SER A 3 -1.66 -7.96 -18.44
C SER A 3 -2.85 -8.63 -17.77
N GLY A 4 -2.76 -8.78 -16.46
CA GLY A 4 -3.82 -9.40 -15.69
C GLY A 4 -3.67 -9.11 -14.19
N SER A 5 -4.50 -8.21 -13.71
CA SER A 5 -4.48 -7.84 -12.31
C SER A 5 -5.90 -7.71 -11.76
N SER A 6 -6.43 -8.85 -11.33
CA SER A 6 -7.78 -8.88 -10.78
C SER A 6 -7.92 -10.05 -9.80
N GLY A 7 -8.05 -9.71 -8.53
CA GLY A 7 -8.19 -10.71 -7.50
C GLY A 7 -9.02 -10.18 -6.32
N LYS A 8 -9.20 -11.04 -5.33
CA LYS A 8 -9.96 -10.66 -4.14
C LYS A 8 -9.19 -11.09 -2.89
N VAL A 9 -8.97 -10.12 -2.02
CA VAL A 9 -8.25 -10.37 -0.78
C VAL A 9 -9.05 -9.80 0.39
N SER A 10 -8.54 -10.06 1.59
CA SER A 10 -9.19 -9.58 2.80
C SER A 10 -8.31 -8.53 3.49
N PRO A 11 -8.94 -7.81 4.45
CA PRO A 11 -8.23 -6.78 5.19
C PRO A 11 -7.28 -7.39 6.22
N PRO A 12 -6.36 -6.54 6.73
CA PRO A 12 -5.39 -7.00 7.72
C PRO A 12 -6.04 -7.16 9.09
N GLU A 13 -5.24 -7.62 10.05
CA GLU A 13 -5.73 -7.83 11.39
C GLU A 13 -5.38 -6.63 12.29
N ASP A 14 -4.10 -6.33 12.33
CA ASP A 14 -3.61 -5.22 13.13
C ASP A 14 -4.31 -3.93 12.68
N GLU A 15 -5.09 -3.37 13.59
CA GLU A 15 -5.81 -2.13 13.30
C GLU A 15 -4.84 -1.04 12.87
N GLU A 16 -3.87 -0.77 13.74
CA GLU A 16 -2.88 0.25 13.48
C GLU A 16 -2.43 0.18 12.01
N ALA A 17 -2.46 -1.03 11.47
CA ALA A 17 -2.07 -1.24 10.09
C ALA A 17 -3.18 -0.74 9.16
N LYS A 18 -4.37 -1.29 9.38
CA LYS A 18 -5.52 -0.91 8.58
C LYS A 18 -5.51 0.60 8.35
N ASN A 19 -4.94 1.31 9.31
CA ASN A 19 -4.85 2.76 9.23
C ASN A 19 -3.56 3.15 8.50
N LEU A 20 -2.45 2.62 9.02
CA LEU A 20 -1.16 2.90 8.43
C LEU A 20 -1.20 2.62 6.93
N ALA A 21 -1.54 1.38 6.60
CA ALA A 21 -1.63 0.98 5.20
C ALA A 21 -2.35 2.05 4.41
N GLU A 22 -3.63 2.25 4.75
CA GLU A 22 -4.44 3.24 4.08
C GLU A 22 -3.68 4.56 3.96
N LYS A 23 -3.46 5.19 5.10
CA LYS A 23 -2.75 6.46 5.13
C LYS A 23 -1.56 6.39 4.16
N LEU A 24 -0.60 5.55 4.51
CA LEU A 24 0.58 5.39 3.69
C LEU A 24 0.17 5.40 2.21
N ALA A 25 -0.65 4.43 1.85
CA ALA A 25 -1.12 4.31 0.49
C ALA A 25 -1.68 5.66 0.02
N ARG A 26 -2.70 6.11 0.72
CA ARG A 26 -3.34 7.38 0.41
C ARG A 26 -2.27 8.41 0.02
N PHE A 27 -1.22 8.46 0.82
CA PHE A 27 -0.14 9.39 0.59
C PHE A 27 0.68 8.99 -0.64
N ILE A 28 1.23 7.79 -0.58
CA ILE A 28 2.03 7.28 -1.68
C ILE A 28 1.27 7.43 -2.99
N ALA A 29 -0.05 7.33 -2.87
CA ALA A 29 -0.93 7.46 -4.04
C ALA A 29 -0.86 8.90 -4.56
N ASP A 30 -0.67 9.83 -3.63
CA ASP A 30 -0.58 11.23 -3.99
C ASP A 30 0.75 11.49 -4.69
N GLY A 31 1.61 10.48 -4.65
CA GLY A 31 2.93 10.60 -5.27
C GLY A 31 3.04 9.66 -6.47
N GLY A 32 4.02 8.77 -6.39
CA GLY A 32 4.25 7.81 -7.46
C GLY A 32 5.43 6.90 -7.13
N PRO A 33 6.28 6.66 -8.17
CA PRO A 33 7.45 5.81 -8.01
C PRO A 33 8.54 6.53 -7.22
N GLU A 34 8.26 7.79 -6.89
CA GLU A 34 9.21 8.59 -6.14
C GLU A 34 8.91 8.53 -4.64
N VAL A 35 7.63 8.67 -4.33
CA VAL A 35 7.20 8.63 -2.94
C VAL A 35 7.41 7.22 -2.39
N GLU A 36 7.08 6.24 -3.21
CA GLU A 36 7.22 4.84 -2.82
C GLU A 36 8.68 4.55 -2.45
N THR A 37 9.55 5.48 -2.82
CA THR A 37 10.97 5.32 -2.53
C THR A 37 11.32 6.01 -1.21
N ILE A 38 11.14 7.32 -1.20
CA ILE A 38 11.43 8.11 -0.02
C ILE A 38 10.54 7.65 1.14
N ALA A 39 9.28 7.38 0.79
CA ALA A 39 8.32 6.93 1.78
C ALA A 39 8.78 5.60 2.38
N LEU A 40 9.13 4.68 1.49
CA LEU A 40 9.59 3.37 1.91
C LEU A 40 10.92 3.51 2.65
N GLN A 41 11.86 4.19 2.01
CA GLN A 41 13.16 4.41 2.59
C GLN A 41 13.03 5.17 3.91
N ASN A 42 11.86 5.75 4.11
CA ASN A 42 11.59 6.50 5.32
C ASN A 42 11.40 5.53 6.49
N ASN A 43 10.42 4.65 6.34
CA ASN A 43 10.13 3.66 7.36
C ASN A 43 11.17 2.54 7.30
N ARG A 44 12.08 2.68 6.35
CA ARG A 44 13.14 1.69 6.18
C ARG A 44 13.61 1.17 7.54
N GLU A 45 13.94 2.12 8.42
CA GLU A 45 14.40 1.78 9.74
C GLU A 45 13.26 1.18 10.57
N ASN A 46 12.14 1.88 10.57
CA ASN A 46 10.97 1.43 11.31
C ASN A 46 10.56 0.05 10.82
N GLN A 47 10.34 -0.85 11.77
CA GLN A 47 9.94 -2.21 11.44
C GLN A 47 8.42 -2.33 11.46
N ALA A 48 7.81 -1.53 12.32
CA ALA A 48 6.36 -1.55 12.45
C ALA A 48 5.72 -1.54 11.06
N PHE A 49 6.28 -0.70 10.20
CA PHE A 49 5.78 -0.59 8.84
C PHE A 49 6.34 -1.71 7.96
N SER A 50 6.16 -2.94 8.44
CA SER A 50 6.64 -4.10 7.70
C SER A 50 5.57 -4.58 6.72
N PHE A 51 4.36 -4.09 6.94
CA PHE A 51 3.23 -4.46 6.09
C PHE A 51 3.45 -3.96 4.66
N LEU A 52 4.45 -3.10 4.51
CA LEU A 52 4.76 -2.55 3.20
C LEU A 52 5.54 -3.58 2.39
N TYR A 53 6.28 -4.41 3.10
CA TYR A 53 7.08 -5.44 2.46
C TYR A 53 6.47 -6.83 2.69
N ASP A 54 6.39 -7.20 3.96
CA ASP A 54 5.84 -8.50 4.33
C ASP A 54 4.62 -8.78 3.46
N PRO A 55 4.83 -9.67 2.45
CA PRO A 55 3.76 -10.04 1.53
C PRO A 55 2.78 -11.00 2.21
N ASN A 56 3.33 -11.91 3.00
CA ASN A 56 2.52 -12.88 3.70
C ASN A 56 1.36 -12.17 4.40
N SER A 57 1.69 -11.06 5.03
CA SER A 57 0.68 -10.27 5.73
C SER A 57 -0.35 -9.73 4.74
N GLN A 58 -1.61 -10.01 5.04
CA GLN A 58 -2.69 -9.56 4.18
C GLN A 58 -2.71 -8.03 4.10
N GLY A 59 -2.15 -7.41 5.13
CA GLY A 59 -2.10 -5.96 5.18
C GLY A 59 -1.48 -5.39 3.91
N TYR A 60 -0.28 -5.87 3.59
CA TYR A 60 0.42 -5.42 2.41
C TYR A 60 -0.53 -5.33 1.21
N ARG A 61 -1.29 -6.40 1.01
CA ARG A 61 -2.23 -6.45 -0.09
C ARG A 61 -3.24 -5.29 0.01
N TYR A 62 -3.85 -5.19 1.18
CA TYR A 62 -4.83 -4.14 1.41
C TYR A 62 -4.21 -2.76 1.22
N TYR A 63 -2.91 -2.69 1.47
CA TYR A 63 -2.18 -1.45 1.33
C TYR A 63 -1.91 -1.13 -0.14
N ARG A 64 -1.55 -2.18 -0.89
CA ARG A 64 -1.27 -2.02 -2.30
C ARG A 64 -2.55 -1.70 -3.07
N GLN A 65 -3.62 -2.37 -2.68
CA GLN A 65 -4.91 -2.16 -3.32
C GLN A 65 -5.31 -0.69 -3.24
N LYS A 66 -5.38 -0.20 -2.00
CA LYS A 66 -5.76 1.19 -1.77
C LYS A 66 -4.95 2.09 -2.72
N LEU A 67 -3.69 1.74 -2.88
CA LEU A 67 -2.80 2.50 -3.76
C LEU A 67 -3.39 2.52 -5.17
N ASP A 68 -3.51 1.34 -5.75
CA ASP A 68 -4.04 1.21 -7.09
C ASP A 68 -5.44 1.83 -7.14
N GLU A 69 -6.16 1.66 -6.04
CA GLU A 69 -7.51 2.19 -5.94
C GLU A 69 -7.51 3.70 -6.22
N PHE A 70 -6.78 4.42 -5.38
CA PHE A 70 -6.69 5.86 -5.53
C PHE A 70 -5.97 6.24 -6.82
N ARG A 71 -4.84 5.60 -7.05
CA ARG A 71 -4.05 5.85 -8.24
C ARG A 71 -4.97 6.02 -9.46
N LYS A 72 -5.78 4.99 -9.68
CA LYS A 72 -6.70 5.00 -10.80
C LYS A 72 -7.72 6.13 -10.60
N SER A 73 -8.60 5.93 -9.65
CA SER A 73 -9.62 6.92 -9.34
C SER A 73 -10.73 6.85 -10.40
N GLY A 74 -11.94 6.62 -9.91
CA GLY A 74 -13.09 6.53 -10.80
C GLY A 74 -14.15 5.60 -10.23
N PRO A 75 -15.01 6.16 -9.33
CA PRO A 75 -16.06 5.38 -8.70
C PRO A 75 -17.21 5.14 -9.68
N SER A 76 -17.13 4.01 -10.36
CA SER A 76 -18.15 3.64 -11.32
C SER A 76 -19.40 3.15 -10.60
N SER A 77 -19.22 2.08 -9.83
CA SER A 77 -20.32 1.50 -9.08
C SER A 77 -19.78 0.56 -8.00
N GLY A 78 -20.39 0.64 -6.82
CA GLY A 78 -19.98 -0.20 -5.72
C GLY A 78 -21.16 -0.48 -4.78
N GLY A 1 7.71 -2.32 -14.23
CA GLY A 1 6.46 -1.63 -14.00
C GLY A 1 5.28 -2.47 -14.50
N SER A 2 4.11 -1.84 -14.49
CA SER A 2 2.90 -2.51 -14.94
C SER A 2 2.78 -3.88 -14.26
N SER A 3 2.10 -3.87 -13.12
CA SER A 3 1.90 -5.09 -12.36
C SER A 3 0.63 -5.80 -12.83
N GLY A 4 -0.49 -5.09 -12.69
CA GLY A 4 -1.78 -5.64 -13.09
C GLY A 4 -2.12 -6.89 -12.28
N SER A 5 -2.32 -6.68 -10.99
CA SER A 5 -2.65 -7.77 -10.09
C SER A 5 -3.01 -7.23 -8.71
N SER A 6 -4.24 -6.75 -8.59
CA SER A 6 -4.71 -6.20 -7.34
C SER A 6 -6.10 -6.76 -7.00
N GLY A 7 -6.27 -7.12 -5.75
CA GLY A 7 -7.54 -7.67 -5.29
C GLY A 7 -7.75 -7.42 -3.79
N LYS A 8 -8.95 -7.69 -3.34
CA LYS A 8 -9.29 -7.50 -1.94
C LYS A 8 -9.23 -8.86 -1.22
N VAL A 9 -8.51 -8.86 -0.10
CA VAL A 9 -8.36 -10.08 0.69
C VAL A 9 -8.69 -9.77 2.14
N SER A 10 -9.85 -9.15 2.35
CA SER A 10 -10.29 -8.80 3.69
C SER A 10 -9.23 -7.92 4.37
N PRO A 11 -9.67 -7.24 5.45
CA PRO A 11 -8.78 -6.37 6.20
C PRO A 11 -7.80 -7.17 7.05
N PRO A 12 -6.73 -6.47 7.52
CA PRO A 12 -5.72 -7.11 8.35
C PRO A 12 -6.23 -7.34 9.77
N GLU A 13 -5.38 -7.93 10.59
CA GLU A 13 -5.72 -8.22 11.96
C GLU A 13 -5.33 -7.04 12.86
N ASP A 14 -4.38 -6.27 12.38
CA ASP A 14 -3.90 -5.11 13.13
C ASP A 14 -4.62 -3.86 12.64
N GLU A 15 -5.38 -3.26 13.55
CA GLU A 15 -6.13 -2.06 13.22
C GLU A 15 -5.18 -0.96 12.74
N GLU A 16 -4.12 -0.77 13.51
CA GLU A 16 -3.13 0.25 13.18
C GLU A 16 -2.73 0.14 11.70
N ALA A 17 -2.75 -1.08 11.21
CA ALA A 17 -2.40 -1.33 9.83
C ALA A 17 -3.48 -0.76 8.92
N LYS A 18 -4.70 -1.25 9.11
CA LYS A 18 -5.83 -0.80 8.32
C LYS A 18 -5.72 0.72 8.10
N ASN A 19 -5.17 1.39 9.10
CA ASN A 19 -5.01 2.83 9.04
C ASN A 19 -3.68 3.15 8.35
N LEU A 20 -2.61 2.59 8.90
CA LEU A 20 -1.28 2.80 8.37
C LEU A 20 -1.29 2.52 6.87
N ALA A 21 -1.67 1.29 6.53
CA ALA A 21 -1.72 0.88 5.14
C ALA A 21 -2.40 1.98 4.31
N GLU A 22 -3.69 2.13 4.56
CA GLU A 22 -4.47 3.13 3.84
C GLU A 22 -3.69 4.44 3.74
N LYS A 23 -3.51 5.06 4.90
CA LYS A 23 -2.77 6.32 4.96
C LYS A 23 -1.57 6.26 4.01
N LEU A 24 -0.67 5.34 4.32
CA LEU A 24 0.53 5.17 3.51
C LEU A 24 0.16 5.30 2.03
N ALA A 25 -0.68 4.37 1.58
CA ALA A 25 -1.11 4.37 0.19
C ALA A 25 -1.69 5.75 -0.16
N ARG A 26 -2.65 6.17 0.64
CA ARG A 26 -3.29 7.46 0.44
C ARG A 26 -2.23 8.52 0.14
N PHE A 27 -1.13 8.43 0.86
CA PHE A 27 -0.04 9.38 0.68
C PHE A 27 0.82 9.02 -0.52
N ILE A 28 1.39 7.83 -0.47
CA ILE A 28 2.24 7.35 -1.55
C ILE A 28 1.49 7.50 -2.88
N ALA A 29 0.17 7.56 -2.78
CA ALA A 29 -0.67 7.71 -3.96
C ALA A 29 -0.60 9.14 -4.45
N ASP A 30 -0.49 10.06 -3.50
CA ASP A 30 -0.41 11.48 -3.82
C ASP A 30 0.93 11.77 -4.49
N GLY A 31 1.80 10.78 -4.46
CA GLY A 31 3.11 10.92 -5.06
C GLY A 31 3.25 10.04 -6.30
N GLY A 32 4.23 9.15 -6.25
CA GLY A 32 4.47 8.24 -7.36
C GLY A 32 5.64 7.29 -7.06
N PRO A 33 6.52 7.11 -8.08
CA PRO A 33 7.66 6.24 -7.93
C PRO A 33 8.75 6.91 -7.09
N GLU A 34 8.47 8.14 -6.69
CA GLU A 34 9.41 8.90 -5.88
C GLU A 34 9.07 8.76 -4.39
N VAL A 35 7.80 8.96 -4.09
CA VAL A 35 7.32 8.85 -2.72
C VAL A 35 7.55 7.43 -2.21
N GLU A 36 7.24 6.48 -3.07
CA GLU A 36 7.41 5.07 -2.73
C GLU A 36 8.89 4.76 -2.49
N THR A 37 9.74 5.68 -2.90
CA THR A 37 11.17 5.52 -2.74
C THR A 37 11.64 6.17 -1.43
N ILE A 38 11.25 7.43 -1.26
CA ILE A 38 11.62 8.17 -0.07
C ILE A 38 10.78 7.67 1.11
N ALA A 39 9.49 7.56 0.88
CA ALA A 39 8.57 7.10 1.91
C ALA A 39 9.04 5.73 2.43
N LEU A 40 9.53 4.93 1.50
CA LEU A 40 10.01 3.60 1.84
C LEU A 40 11.38 3.72 2.52
N GLN A 41 12.28 4.43 1.85
CA GLN A 41 13.62 4.62 2.38
C GLN A 41 13.55 4.95 3.87
N ASN A 42 12.56 5.75 4.23
CA ASN A 42 12.38 6.15 5.60
C ASN A 42 11.67 5.02 6.38
N ASN A 43 10.52 4.64 5.85
CA ASN A 43 9.74 3.57 6.48
C ASN A 43 10.68 2.44 6.90
N ARG A 44 11.66 2.18 6.05
CA ARG A 44 12.63 1.13 6.32
C ARG A 44 13.03 1.14 7.79
N GLU A 45 13.58 2.27 8.21
CA GLU A 45 14.01 2.44 9.59
C GLU A 45 12.89 2.03 10.55
N ASN A 46 11.70 2.53 10.26
CA ASN A 46 10.54 2.22 11.09
C ASN A 46 10.20 0.73 10.96
N GLN A 47 10.04 0.10 12.11
CA GLN A 47 9.72 -1.31 12.14
C GLN A 47 8.21 -1.52 11.99
N ALA A 48 7.46 -0.61 12.57
CA ALA A 48 6.01 -0.67 12.50
C ALA A 48 5.57 -0.96 11.07
N PHE A 49 6.03 -0.12 10.16
CA PHE A 49 5.71 -0.27 8.75
C PHE A 49 6.37 -1.53 8.18
N SER A 50 5.90 -2.68 8.64
CA SER A 50 6.43 -3.94 8.17
C SER A 50 5.59 -4.48 7.02
N PHE A 51 4.39 -3.92 6.89
CA PHE A 51 3.48 -4.34 5.84
C PHE A 51 3.90 -3.75 4.49
N LEU A 52 4.95 -2.94 4.53
CA LEU A 52 5.47 -2.32 3.33
C LEU A 52 6.51 -3.24 2.69
N TYR A 53 7.08 -4.09 3.51
CA TYR A 53 8.09 -5.03 3.04
C TYR A 53 7.49 -6.41 2.78
N ASP A 54 6.86 -6.94 3.82
CA ASP A 54 6.24 -8.26 3.71
C ASP A 54 5.22 -8.24 2.57
N PRO A 55 5.57 -8.99 1.48
CA PRO A 55 4.69 -9.07 0.33
C PRO A 55 3.49 -9.97 0.61
N ASN A 56 3.76 -11.09 1.26
CA ASN A 56 2.73 -12.04 1.59
C ASN A 56 2.13 -11.69 2.95
N SER A 57 1.85 -10.41 3.13
CA SER A 57 1.29 -9.93 4.38
C SER A 57 -0.13 -9.42 4.14
N GLN A 58 -0.90 -9.37 5.23
CA GLN A 58 -2.27 -8.92 5.16
C GLN A 58 -2.32 -7.40 4.98
N GLY A 59 -1.29 -6.74 5.50
CA GLY A 59 -1.21 -5.29 5.39
C GLY A 59 -0.81 -4.86 3.99
N TYR A 60 0.26 -5.48 3.49
CA TYR A 60 0.77 -5.17 2.17
C TYR A 60 -0.30 -5.43 1.10
N ARG A 61 -0.98 -6.57 1.25
CA ARG A 61 -2.02 -6.94 0.31
C ARG A 61 -3.11 -5.87 0.27
N TYR A 62 -3.67 -5.59 1.44
CA TYR A 62 -4.72 -4.59 1.54
C TYR A 62 -4.19 -3.20 1.20
N TYR A 63 -2.90 -3.01 1.48
CA TYR A 63 -2.27 -1.73 1.21
C TYR A 63 -2.22 -1.45 -0.30
N ARG A 64 -1.96 -2.51 -1.05
CA ARG A 64 -1.89 -2.40 -2.50
C ARG A 64 -3.24 -1.94 -3.07
N GLN A 65 -4.29 -2.62 -2.63
CA GLN A 65 -5.63 -2.29 -3.08
C GLN A 65 -5.85 -0.78 -3.03
N LYS A 66 -5.78 -0.24 -1.82
CA LYS A 66 -5.97 1.19 -1.62
C LYS A 66 -5.04 1.95 -2.56
N LEU A 67 -3.84 1.42 -2.72
CA LEU A 67 -2.85 2.06 -3.58
C LEU A 67 -3.42 2.15 -5.01
N ASP A 68 -4.04 1.06 -5.44
CA ASP A 68 -4.63 1.02 -6.76
C ASP A 68 -5.90 1.87 -6.79
N GLU A 69 -6.67 1.75 -5.72
CA GLU A 69 -7.90 2.52 -5.61
C GLU A 69 -7.63 4.01 -5.74
N PHE A 70 -6.61 4.46 -5.03
CA PHE A 70 -6.23 5.86 -5.06
C PHE A 70 -5.59 6.23 -6.40
N ARG A 71 -4.51 5.52 -6.70
CA ARG A 71 -3.79 5.75 -7.94
C ARG A 71 -4.78 5.96 -9.10
N LYS A 72 -5.69 5.00 -9.22
CA LYS A 72 -6.70 5.05 -10.27
C LYS A 72 -6.01 5.37 -11.60
N SER A 73 -5.38 4.33 -12.16
CA SER A 73 -4.69 4.48 -13.42
C SER A 73 -3.53 5.47 -13.28
N GLY A 74 -2.37 5.05 -13.75
CA GLY A 74 -1.18 5.89 -13.68
C GLY A 74 0.03 5.08 -13.19
N PRO A 75 0.72 4.44 -14.18
CA PRO A 75 1.89 3.64 -13.87
C PRO A 75 3.10 4.52 -13.56
N SER A 76 3.54 5.24 -14.59
CA SER A 76 4.69 6.13 -14.43
C SER A 76 4.59 7.28 -15.45
N SER A 77 4.03 8.39 -14.98
CA SER A 77 3.88 9.55 -15.83
C SER A 77 5.25 10.17 -16.12
N GLY A 78 5.92 10.58 -15.07
CA GLY A 78 7.23 11.20 -15.20
C GLY A 78 8.31 10.30 -14.59
N GLY A 1 2.00 3.94 -17.49
CA GLY A 1 1.94 2.87 -16.52
C GLY A 1 0.70 2.00 -16.73
N SER A 2 -0.23 2.09 -15.78
CA SER A 2 -1.46 1.32 -15.85
C SER A 2 -1.14 -0.17 -15.81
N SER A 3 -1.87 -0.88 -14.96
CA SER A 3 -1.69 -2.30 -14.82
C SER A 3 -3.03 -2.98 -14.52
N GLY A 4 -3.06 -4.29 -14.72
CA GLY A 4 -4.27 -5.06 -14.49
C GLY A 4 -4.19 -5.78 -13.13
N SER A 5 -3.95 -7.08 -13.21
CA SER A 5 -3.84 -7.90 -12.01
C SER A 5 -5.18 -7.88 -11.26
N SER A 6 -5.46 -8.98 -10.58
CA SER A 6 -6.69 -9.10 -9.82
C SER A 6 -6.42 -9.87 -8.52
N GLY A 7 -7.38 -9.78 -7.61
CA GLY A 7 -7.27 -10.46 -6.33
C GLY A 7 -8.28 -9.91 -5.32
N LYS A 8 -8.85 -10.82 -4.55
CA LYS A 8 -9.83 -10.43 -3.55
C LYS A 8 -9.43 -11.04 -2.20
N VAL A 9 -8.49 -10.37 -1.54
CA VAL A 9 -8.02 -10.82 -0.25
C VAL A 9 -8.89 -10.22 0.85
N SER A 10 -8.46 -10.43 2.09
CA SER A 10 -9.20 -9.93 3.24
C SER A 10 -8.36 -8.88 3.97
N PRO A 11 -9.03 -8.14 4.88
CA PRO A 11 -8.36 -7.11 5.66
C PRO A 11 -7.50 -7.73 6.76
N PRO A 12 -6.52 -6.92 7.25
CA PRO A 12 -5.63 -7.38 8.30
C PRO A 12 -6.34 -7.39 9.65
N GLU A 13 -5.60 -7.83 10.67
CA GLU A 13 -6.15 -7.90 12.02
C GLU A 13 -5.78 -6.64 12.80
N ASP A 14 -4.52 -6.23 12.66
CA ASP A 14 -4.04 -5.05 13.35
C ASP A 14 -4.74 -3.81 12.78
N GLU A 15 -5.62 -3.24 13.59
CA GLU A 15 -6.36 -2.06 13.18
C GLU A 15 -5.40 -0.94 12.79
N GLU A 16 -4.43 -0.72 13.66
CA GLU A 16 -3.44 0.33 13.43
C GLU A 16 -2.89 0.22 12.00
N ALA A 17 -2.89 -1.00 11.49
CA ALA A 17 -2.40 -1.25 10.15
C ALA A 17 -3.44 -0.76 9.13
N LYS A 18 -4.63 -1.33 9.24
CA LYS A 18 -5.72 -0.98 8.33
C LYS A 18 -5.69 0.53 8.10
N ASN A 19 -5.24 1.25 9.11
CA ASN A 19 -5.17 2.70 9.02
C ASN A 19 -3.84 3.10 8.38
N LEU A 20 -2.76 2.56 8.93
CA LEU A 20 -1.43 2.84 8.42
C LEU A 20 -1.40 2.54 6.92
N ALA A 21 -1.80 1.33 6.58
CA ALA A 21 -1.82 0.91 5.19
C ALA A 21 -2.50 1.98 4.34
N GLU A 22 -3.74 2.27 4.69
CA GLU A 22 -4.51 3.26 3.96
C GLU A 22 -3.70 4.55 3.83
N LYS A 23 -3.45 5.18 4.97
CA LYS A 23 -2.69 6.42 4.98
C LYS A 23 -1.52 6.31 4.02
N LEU A 24 -0.65 5.35 4.30
CA LEU A 24 0.52 5.13 3.46
C LEU A 24 0.12 5.28 1.99
N ALA A 25 -0.63 4.31 1.51
CA ALA A 25 -1.08 4.31 0.12
C ALA A 25 -1.67 5.69 -0.20
N ARG A 26 -2.55 6.14 0.66
CA ARG A 26 -3.20 7.43 0.48
C ARG A 26 -2.14 8.51 0.23
N PHE A 27 -1.03 8.38 0.93
CA PHE A 27 0.06 9.34 0.80
C PHE A 27 0.91 9.03 -0.43
N ILE A 28 1.44 7.81 -0.46
CA ILE A 28 2.28 7.37 -1.56
C ILE A 28 1.52 7.58 -2.88
N ALA A 29 0.19 7.57 -2.76
CA ALA A 29 -0.66 7.74 -3.93
C ALA A 29 -0.64 9.21 -4.34
N ASP A 30 -0.54 10.08 -3.34
CA ASP A 30 -0.51 11.51 -3.60
C ASP A 30 0.82 11.89 -4.22
N GLY A 31 1.73 10.92 -4.24
CA GLY A 31 3.05 11.14 -4.81
C GLY A 31 3.21 10.39 -6.13
N GLY A 32 4.21 9.51 -6.16
CA GLY A 32 4.48 8.72 -7.34
C GLY A 32 5.69 7.81 -7.13
N PRO A 33 6.56 7.74 -8.17
CA PRO A 33 7.74 6.91 -8.11
C PRO A 33 8.81 7.55 -7.21
N GLU A 34 8.49 8.73 -6.72
CA GLU A 34 9.41 9.45 -5.85
C GLU A 34 9.08 9.16 -4.37
N VAL A 35 7.80 9.22 -4.06
CA VAL A 35 7.34 8.98 -2.71
C VAL A 35 7.60 7.50 -2.35
N GLU A 36 7.30 6.64 -3.30
CA GLU A 36 7.50 5.21 -3.11
C GLU A 36 8.97 4.91 -2.85
N THR A 37 9.81 5.89 -3.13
CA THR A 37 11.23 5.74 -2.92
C THR A 37 11.64 6.24 -1.53
N ILE A 38 11.33 7.50 -1.29
CA ILE A 38 11.66 8.11 -0.01
C ILE A 38 10.82 7.45 1.09
N ALA A 39 9.55 7.27 0.79
CA ALA A 39 8.63 6.66 1.73
C ALA A 39 9.15 5.28 2.12
N LEU A 40 9.65 4.56 1.12
CA LEU A 40 10.20 3.23 1.35
C LEU A 40 11.58 3.35 1.98
N GLN A 41 12.22 4.47 1.72
CA GLN A 41 13.55 4.72 2.26
C GLN A 41 13.45 5.21 3.70
N ASN A 42 12.26 5.70 4.05
CA ASN A 42 12.04 6.20 5.39
C ASN A 42 11.48 5.08 6.26
N ASN A 43 10.40 4.48 5.80
CA ASN A 43 9.76 3.39 6.52
C ASN A 43 10.82 2.35 6.90
N ARG A 44 11.89 2.33 6.11
CA ARG A 44 12.97 1.40 6.34
C ARG A 44 13.34 1.37 7.83
N GLU A 45 13.47 2.55 8.40
CA GLU A 45 13.81 2.67 9.80
C GLU A 45 12.60 2.35 10.68
N ASN A 46 11.45 2.85 10.24
CA ASN A 46 10.21 2.62 10.98
C ASN A 46 9.88 1.12 10.94
N GLN A 47 9.56 0.59 12.12
CA GLN A 47 9.22 -0.81 12.23
C GLN A 47 7.72 -1.02 12.02
N ALA A 48 6.96 -0.05 12.51
CA ALA A 48 5.51 -0.11 12.39
C ALA A 48 5.14 -0.52 10.96
N PHE A 49 5.68 0.23 10.01
CA PHE A 49 5.42 -0.05 8.60
C PHE A 49 6.10 -1.34 8.16
N SER A 50 5.65 -2.43 8.76
CA SER A 50 6.20 -3.73 8.45
C SER A 50 5.31 -4.44 7.41
N PHE A 51 4.09 -3.93 7.29
CA PHE A 51 3.15 -4.50 6.33
C PHE A 51 3.50 -4.08 4.91
N LEU A 52 4.53 -3.25 4.79
CA LEU A 52 4.97 -2.78 3.49
C LEU A 52 6.01 -3.75 2.93
N TYR A 53 6.56 -4.56 3.81
CA TYR A 53 7.56 -5.53 3.41
C TYR A 53 7.02 -6.96 3.53
N ASP A 54 6.58 -7.30 4.73
CA ASP A 54 6.03 -8.62 4.98
C ASP A 54 4.85 -8.88 4.04
N PRO A 55 5.06 -9.83 3.10
CA PRO A 55 4.04 -10.17 2.13
C PRO A 55 2.93 -11.02 2.79
N ASN A 56 3.36 -12.11 3.40
CA ASN A 56 2.43 -13.00 4.07
C ASN A 56 1.40 -12.18 4.84
N SER A 57 1.84 -11.01 5.27
CA SER A 57 0.98 -10.12 6.03
C SER A 57 -0.07 -9.49 5.11
N GLN A 58 -1.31 -9.92 5.29
CA GLN A 58 -2.41 -9.41 4.48
C GLN A 58 -2.31 -7.89 4.36
N GLY A 59 -1.75 -7.28 5.38
CA GLY A 59 -1.59 -5.83 5.41
C GLY A 59 -1.02 -5.33 4.08
N TYR A 60 0.04 -6.00 3.63
CA TYR A 60 0.69 -5.63 2.40
C TYR A 60 -0.31 -5.59 1.24
N ARG A 61 -1.17 -6.61 1.21
CA ARG A 61 -2.17 -6.70 0.17
C ARG A 61 -3.15 -5.52 0.26
N TYR A 62 -3.90 -5.49 1.34
CA TYR A 62 -4.86 -4.43 1.56
C TYR A 62 -4.25 -3.06 1.27
N TYR A 63 -2.96 -2.97 1.53
CA TYR A 63 -2.24 -1.72 1.31
C TYR A 63 -2.10 -1.43 -0.19
N ARG A 64 -1.74 -2.47 -0.92
CA ARG A 64 -1.58 -2.34 -2.36
C ARG A 64 -2.89 -1.88 -3.01
N GLN A 65 -3.96 -2.56 -2.63
CA GLN A 65 -5.28 -2.23 -3.15
C GLN A 65 -5.53 -0.72 -3.08
N LYS A 66 -5.41 -0.20 -1.87
CA LYS A 66 -5.62 1.22 -1.65
C LYS A 66 -4.75 2.02 -2.62
N LEU A 67 -3.53 1.55 -2.79
CA LEU A 67 -2.59 2.21 -3.69
C LEU A 67 -3.25 2.37 -5.07
N ASP A 68 -3.72 1.25 -5.60
CA ASP A 68 -4.37 1.26 -6.91
C ASP A 68 -5.70 1.99 -6.80
N GLU A 69 -6.42 1.71 -5.73
CA GLU A 69 -7.71 2.33 -5.50
C GLU A 69 -7.61 3.85 -5.66
N PHE A 70 -6.67 4.42 -4.92
CA PHE A 70 -6.46 5.86 -4.98
C PHE A 70 -5.87 6.28 -6.32
N ARG A 71 -4.80 5.60 -6.71
CA ARG A 71 -4.14 5.89 -7.96
C ARG A 71 -5.03 5.46 -9.14
N LYS A 72 -6.19 6.09 -9.22
CA LYS A 72 -7.14 5.79 -10.28
C LYS A 72 -6.45 6.00 -11.64
N SER A 73 -6.08 7.24 -11.89
CA SER A 73 -5.42 7.58 -13.15
C SER A 73 -6.35 7.26 -14.33
N GLY A 74 -7.11 8.27 -14.72
CA GLY A 74 -8.03 8.11 -15.83
C GLY A 74 -9.16 9.14 -15.76
N PRO A 75 -9.00 10.23 -16.55
CA PRO A 75 -9.99 11.29 -16.58
C PRO A 75 -11.23 10.86 -17.38
N SER A 76 -12.37 11.38 -16.95
CA SER A 76 -13.63 11.05 -17.60
C SER A 76 -13.95 9.56 -17.42
N SER A 77 -14.40 9.23 -16.23
CA SER A 77 -14.75 7.85 -15.91
C SER A 77 -16.06 7.47 -16.61
N GLY A 78 -15.96 6.48 -17.48
CA GLY A 78 -17.12 6.02 -18.21
C GLY A 78 -17.31 4.51 -18.04
N GLY A 1 2.15 7.24 -13.83
CA GLY A 1 1.27 6.12 -14.12
C GLY A 1 2.04 4.97 -14.78
N SER A 2 2.44 4.01 -13.96
CA SER A 2 3.18 2.87 -14.45
C SER A 2 3.10 1.72 -13.44
N SER A 3 2.97 0.52 -13.97
CA SER A 3 2.89 -0.67 -13.13
C SER A 3 1.61 -0.62 -12.29
N GLY A 4 0.88 -1.72 -12.31
CA GLY A 4 -0.36 -1.82 -11.56
C GLY A 4 -1.22 -2.98 -12.07
N SER A 5 -1.95 -3.58 -11.14
CA SER A 5 -2.81 -4.70 -11.47
C SER A 5 -3.95 -4.81 -10.45
N SER A 6 -4.90 -5.68 -10.76
CA SER A 6 -6.04 -5.89 -9.89
C SER A 6 -5.89 -7.21 -9.14
N GLY A 7 -6.79 -7.43 -8.19
CA GLY A 7 -6.76 -8.65 -7.40
C GLY A 7 -7.86 -8.63 -6.33
N LYS A 8 -8.13 -9.81 -5.78
CA LYS A 8 -9.14 -9.94 -4.76
C LYS A 8 -8.52 -10.57 -3.51
N VAL A 9 -8.56 -9.82 -2.42
CA VAL A 9 -8.01 -10.30 -1.16
C VAL A 9 -8.86 -9.79 0.00
N SER A 10 -8.29 -9.86 1.19
CA SER A 10 -8.99 -9.41 2.39
C SER A 10 -8.12 -8.42 3.16
N PRO A 11 -8.78 -7.71 4.12
CA PRO A 11 -8.09 -6.73 4.94
C PRO A 11 -7.22 -7.42 5.99
N PRO A 12 -6.34 -6.61 6.65
CA PRO A 12 -5.46 -7.14 7.68
C PRO A 12 -6.23 -7.39 8.97
N GLU A 13 -5.48 -7.81 9.99
CA GLU A 13 -6.08 -8.10 11.28
C GLU A 13 -5.47 -7.20 12.36
N ASP A 14 -5.07 -6.01 11.94
CA ASP A 14 -4.48 -5.06 12.86
C ASP A 14 -4.91 -3.64 12.47
N GLU A 15 -5.64 -3.01 13.38
CA GLU A 15 -6.13 -1.66 13.16
C GLU A 15 -4.98 -0.74 12.78
N GLU A 16 -4.00 -0.67 13.68
CA GLU A 16 -2.85 0.18 13.45
C GLU A 16 -2.37 0.06 12.01
N ALA A 17 -2.56 -1.13 11.46
CA ALA A 17 -2.15 -1.39 10.09
C ALA A 17 -3.23 -0.88 9.13
N LYS A 18 -4.46 -1.32 9.38
CA LYS A 18 -5.59 -0.93 8.56
C LYS A 18 -5.53 0.59 8.33
N ASN A 19 -4.91 1.27 9.27
CA ASN A 19 -4.78 2.72 9.18
C ASN A 19 -3.48 3.07 8.45
N LEU A 20 -2.40 2.45 8.91
CA LEU A 20 -1.09 2.69 8.31
C LEU A 20 -1.17 2.40 6.81
N ALA A 21 -1.60 1.19 6.48
CA ALA A 21 -1.72 0.79 5.10
C ALA A 21 -2.40 1.90 4.30
N GLU A 22 -3.65 2.18 4.67
CA GLU A 22 -4.41 3.22 4.00
C GLU A 22 -3.59 4.51 3.91
N LYS A 23 -3.34 5.09 5.08
CA LYS A 23 -2.57 6.32 5.14
C LYS A 23 -1.41 6.26 4.14
N LEU A 24 -0.49 5.36 4.42
CA LEU A 24 0.67 5.18 3.56
C LEU A 24 0.22 5.28 2.09
N ALA A 25 -0.62 4.33 1.70
CA ALA A 25 -1.12 4.29 0.34
C ALA A 25 -1.64 5.69 -0.04
N ARG A 26 -2.62 6.15 0.72
CA ARG A 26 -3.20 7.46 0.48
C ARG A 26 -2.11 8.48 0.18
N PHE A 27 -1.10 8.49 1.03
CA PHE A 27 0.02 9.41 0.86
C PHE A 27 0.78 9.12 -0.44
N ILE A 28 1.43 7.97 -0.46
CA ILE A 28 2.19 7.57 -1.63
C ILE A 28 1.36 7.82 -2.89
N ALA A 29 0.06 7.56 -2.76
CA ALA A 29 -0.84 7.75 -3.88
C ALA A 29 -0.75 9.21 -4.36
N ASP A 30 -0.67 10.11 -3.40
CA ASP A 30 -0.58 11.53 -3.71
C ASP A 30 0.77 11.82 -4.39
N GLY A 31 1.66 10.84 -4.28
CA GLY A 31 2.98 10.97 -4.87
C GLY A 31 3.07 10.19 -6.19
N GLY A 32 4.00 9.25 -6.20
CA GLY A 32 4.20 8.42 -7.38
C GLY A 32 5.34 7.41 -7.16
N PRO A 33 6.17 7.25 -8.22
CA PRO A 33 7.30 6.33 -8.15
C PRO A 33 8.43 6.91 -7.30
N GLU A 34 8.26 8.16 -6.92
CA GLU A 34 9.26 8.84 -6.12
C GLU A 34 8.96 8.64 -4.63
N VAL A 35 7.76 9.07 -4.24
CA VAL A 35 7.35 8.95 -2.85
C VAL A 35 7.59 7.51 -2.37
N GLU A 36 7.31 6.58 -3.27
CA GLU A 36 7.49 5.17 -2.95
C GLU A 36 8.93 4.90 -2.53
N THR A 37 9.79 5.87 -2.81
CA THR A 37 11.19 5.75 -2.46
C THR A 37 11.46 6.37 -1.09
N ILE A 38 11.22 7.67 -1.01
CA ILE A 38 11.44 8.38 0.24
C ILE A 38 10.51 7.83 1.30
N ALA A 39 9.28 7.54 0.89
CA ALA A 39 8.28 7.00 1.80
C ALA A 39 8.76 5.65 2.33
N LEU A 40 9.23 4.82 1.41
CA LEU A 40 9.72 3.49 1.76
C LEU A 40 11.01 3.64 2.56
N GLN A 41 11.97 4.34 1.95
CA GLN A 41 13.26 4.54 2.59
C GLN A 41 13.08 5.17 3.97
N ASN A 42 11.90 5.75 4.17
CA ASN A 42 11.58 6.38 5.44
C ASN A 42 11.29 5.30 6.48
N ASN A 43 10.26 4.50 6.18
CA ASN A 43 9.87 3.43 7.08
C ASN A 43 10.92 2.32 7.04
N ARG A 44 11.67 2.30 5.96
CA ARG A 44 12.71 1.31 5.78
C ARG A 44 13.56 1.19 7.06
N GLU A 45 13.60 2.30 7.80
CA GLU A 45 14.36 2.33 9.04
C GLU A 45 13.58 1.66 10.17
N ASN A 46 12.28 1.91 10.18
CA ASN A 46 11.42 1.34 11.20
C ASN A 46 11.03 -0.09 10.79
N GLN A 47 10.84 -0.92 11.80
CA GLN A 47 10.47 -2.31 11.57
C GLN A 47 8.95 -2.47 11.60
N ALA A 48 8.31 -1.61 12.39
CA ALA A 48 6.87 -1.66 12.52
C ALA A 48 6.24 -1.78 11.13
N PHE A 49 6.65 -0.89 10.24
CA PHE A 49 6.14 -0.90 8.89
C PHE A 49 6.65 -2.13 8.11
N SER A 50 6.11 -3.28 8.46
CA SER A 50 6.50 -4.51 7.82
C SER A 50 5.50 -4.86 6.70
N PHE A 51 4.34 -4.23 6.78
CA PHE A 51 3.30 -4.47 5.80
C PHE A 51 3.65 -3.80 4.46
N LEU A 52 4.78 -3.10 4.47
CA LEU A 52 5.23 -2.40 3.27
C LEU A 52 6.21 -3.31 2.52
N TYR A 53 7.05 -3.99 3.29
CA TYR A 53 8.04 -4.89 2.71
C TYR A 53 7.40 -6.22 2.31
N ASP A 54 6.89 -6.92 3.31
CA ASP A 54 6.25 -8.20 3.08
C ASP A 54 5.12 -8.04 2.07
N PRO A 55 5.35 -8.59 0.85
CA PRO A 55 4.36 -8.51 -0.22
C PRO A 55 3.20 -9.46 0.04
N ASN A 56 3.52 -10.56 0.71
CA ASN A 56 2.53 -11.57 1.02
C ASN A 56 2.04 -11.38 2.46
N SER A 57 1.73 -10.12 2.77
CA SER A 57 1.26 -9.78 4.10
C SER A 57 -0.24 -9.46 4.06
N GLN A 58 -0.89 -9.68 5.19
CA GLN A 58 -2.32 -9.43 5.30
C GLN A 58 -2.60 -7.93 5.19
N GLY A 59 -1.56 -7.15 5.47
CA GLY A 59 -1.68 -5.70 5.42
C GLY A 59 -1.29 -5.17 4.03
N TYR A 60 -0.16 -5.65 3.55
CA TYR A 60 0.33 -5.23 2.24
C TYR A 60 -0.73 -5.46 1.17
N ARG A 61 -1.46 -6.56 1.32
CA ARG A 61 -2.50 -6.91 0.36
C ARG A 61 -3.56 -5.80 0.32
N TYR A 62 -4.01 -5.41 1.50
CA TYR A 62 -5.02 -4.36 1.60
C TYR A 62 -4.44 -3.00 1.25
N TYR A 63 -3.17 -2.82 1.62
CA TYR A 63 -2.49 -1.56 1.36
C TYR A 63 -2.25 -1.38 -0.14
N ARG A 64 -2.08 -2.51 -0.82
CA ARG A 64 -1.84 -2.48 -2.26
C ARG A 64 -3.13 -2.13 -3.01
N GLN A 65 -4.23 -2.65 -2.49
CA GLN A 65 -5.52 -2.40 -3.10
C GLN A 65 -5.83 -0.90 -3.12
N LYS A 66 -5.70 -0.29 -1.95
CA LYS A 66 -5.95 1.14 -1.83
C LYS A 66 -5.07 1.89 -2.82
N LEU A 67 -3.80 1.53 -2.83
CA LEU A 67 -2.85 2.18 -3.72
C LEU A 67 -3.43 2.20 -5.14
N ASP A 68 -3.61 1.01 -5.70
CA ASP A 68 -4.15 0.89 -7.03
C ASP A 68 -5.44 1.70 -7.13
N GLU A 69 -6.21 1.66 -6.05
CA GLU A 69 -7.47 2.39 -6.00
C GLU A 69 -7.25 3.86 -6.34
N PHE A 70 -6.50 4.54 -5.47
CA PHE A 70 -6.21 5.94 -5.66
C PHE A 70 -5.32 6.16 -6.90
N ARG A 71 -4.23 5.43 -6.93
CA ARG A 71 -3.29 5.53 -8.03
C ARG A 71 -4.05 5.65 -9.36
N LYS A 72 -4.74 4.57 -9.71
CA LYS A 72 -5.51 4.54 -10.93
C LYS A 72 -6.40 5.77 -11.00
N SER A 73 -7.45 5.74 -10.18
CA SER A 73 -8.40 6.84 -10.13
C SER A 73 -8.18 7.66 -8.86
N GLY A 74 -7.75 8.90 -9.05
CA GLY A 74 -7.50 9.78 -7.92
C GLY A 74 -8.43 11.01 -7.97
N PRO A 75 -7.89 12.16 -7.49
CA PRO A 75 -8.65 13.39 -7.48
C PRO A 75 -8.73 13.99 -8.88
N SER A 76 -9.80 14.74 -9.10
CA SER A 76 -10.02 15.37 -10.39
C SER A 76 -9.67 14.39 -11.52
N SER A 77 -10.62 13.52 -11.82
CA SER A 77 -10.43 12.54 -12.87
C SER A 77 -9.23 11.66 -12.54
N GLY A 78 -9.13 10.55 -13.26
CA GLY A 78 -8.03 9.62 -13.06
C GLY A 78 -7.34 9.29 -14.39
N GLY A 1 -9.84 -7.13 -20.95
CA GLY A 1 -9.35 -5.79 -20.64
C GLY A 1 -8.19 -5.86 -19.64
N SER A 2 -8.43 -5.32 -18.46
CA SER A 2 -7.43 -5.30 -17.41
C SER A 2 -8.09 -5.49 -16.05
N SER A 3 -8.09 -6.73 -15.58
CA SER A 3 -8.68 -7.05 -14.29
C SER A 3 -8.56 -8.55 -14.03
N GLY A 4 -7.66 -8.89 -13.12
CA GLY A 4 -7.44 -10.28 -12.76
C GLY A 4 -7.33 -10.44 -11.23
N SER A 5 -8.48 -10.68 -10.61
CA SER A 5 -8.51 -10.85 -9.17
C SER A 5 -8.61 -12.34 -8.82
N SER A 6 -7.46 -12.90 -8.48
CA SER A 6 -7.39 -14.31 -8.13
C SER A 6 -7.47 -14.47 -6.61
N GLY A 7 -8.47 -15.23 -6.18
CA GLY A 7 -8.67 -15.47 -4.76
C GLY A 7 -9.23 -14.23 -4.06
N LYS A 8 -9.79 -14.45 -2.88
CA LYS A 8 -10.37 -13.36 -2.11
C LYS A 8 -9.32 -12.83 -1.13
N VAL A 9 -9.44 -11.54 -0.84
CA VAL A 9 -8.51 -10.89 0.08
C VAL A 9 -9.29 -10.28 1.24
N SER A 10 -8.76 -10.48 2.44
CA SER A 10 -9.40 -9.95 3.63
C SER A 10 -8.50 -8.89 4.28
N PRO A 11 -9.12 -8.10 5.21
CA PRO A 11 -8.39 -7.06 5.90
C PRO A 11 -7.46 -7.65 6.97
N PRO A 12 -6.48 -6.82 7.42
CA PRO A 12 -5.54 -7.25 8.44
C PRO A 12 -6.19 -7.28 9.81
N GLU A 13 -5.40 -7.65 10.81
CA GLU A 13 -5.89 -7.73 12.17
C GLU A 13 -5.46 -6.49 12.96
N ASP A 14 -4.21 -6.09 12.73
CA ASP A 14 -3.68 -4.92 13.40
C ASP A 14 -4.38 -3.66 12.89
N GLU A 15 -5.24 -3.12 13.74
CA GLU A 15 -5.98 -1.92 13.37
C GLU A 15 -5.02 -0.80 12.95
N GLU A 16 -3.99 -0.63 13.76
CA GLU A 16 -2.99 0.40 13.47
C GLU A 16 -2.52 0.30 12.02
N ALA A 17 -2.58 -0.92 11.50
CA ALA A 17 -2.17 -1.16 10.13
C ALA A 17 -3.27 -0.70 9.17
N LYS A 18 -4.46 -1.24 9.38
CA LYS A 18 -5.61 -0.89 8.56
C LYS A 18 -5.58 0.61 8.27
N ASN A 19 -5.02 1.36 9.21
CA ASN A 19 -4.93 2.80 9.08
C ASN A 19 -3.63 3.16 8.35
N LEU A 20 -2.52 2.64 8.88
CA LEU A 20 -1.22 2.90 8.29
C LEU A 20 -1.26 2.53 6.81
N ALA A 21 -1.61 1.28 6.53
CA ALA A 21 -1.68 0.81 5.17
C ALA A 21 -2.38 1.86 4.31
N GLU A 22 -3.66 2.07 4.59
CA GLU A 22 -4.45 3.04 3.86
C GLU A 22 -3.68 4.36 3.72
N LYS A 23 -3.45 4.99 4.86
CA LYS A 23 -2.73 6.25 4.89
C LYS A 23 -1.52 6.16 3.96
N LEU A 24 -0.59 5.29 4.33
CA LEU A 24 0.61 5.10 3.55
C LEU A 24 0.25 5.13 2.05
N ALA A 25 -0.70 4.28 1.69
CA ALA A 25 -1.14 4.21 0.30
C ALA A 25 -1.66 5.57 -0.13
N ARG A 26 -2.67 6.04 0.57
CA ARG A 26 -3.27 7.33 0.27
C ARG A 26 -2.18 8.39 0.07
N PHE A 27 -1.12 8.25 0.85
CA PHE A 27 -0.01 9.18 0.77
C PHE A 27 0.85 8.90 -0.47
N ILE A 28 1.45 7.73 -0.49
CA ILE A 28 2.29 7.33 -1.60
C ILE A 28 1.52 7.53 -2.91
N ALA A 29 0.23 7.27 -2.85
CA ALA A 29 -0.62 7.41 -4.02
C ALA A 29 -0.69 8.90 -4.41
N ASP A 30 -0.46 9.75 -3.42
CA ASP A 30 -0.49 11.18 -3.65
C ASP A 30 0.82 11.63 -4.29
N GLY A 31 1.79 10.71 -4.27
CA GLY A 31 3.09 10.99 -4.83
C GLY A 31 3.31 10.20 -6.13
N GLY A 32 4.35 9.37 -6.11
CA GLY A 32 4.68 8.55 -7.27
C GLY A 32 5.91 7.68 -6.99
N PRO A 33 6.80 7.61 -8.01
CA PRO A 33 8.01 6.81 -7.88
C PRO A 33 9.03 7.51 -6.98
N GLU A 34 8.66 8.69 -6.53
CA GLU A 34 9.53 9.47 -5.65
C GLU A 34 9.17 9.21 -4.18
N VAL A 35 7.89 9.28 -3.90
CA VAL A 35 7.40 9.07 -2.55
C VAL A 35 7.70 7.62 -2.14
N GLU A 36 7.47 6.71 -3.08
CA GLU A 36 7.70 5.31 -2.82
C GLU A 36 9.18 5.05 -2.51
N THR A 37 9.99 6.06 -2.81
CA THR A 37 11.42 5.96 -2.57
C THR A 37 11.77 6.53 -1.20
N ILE A 38 11.34 7.76 -0.98
CA ILE A 38 11.60 8.44 0.27
C ILE A 38 10.75 7.81 1.37
N ALA A 39 9.48 7.61 1.05
CA ALA A 39 8.55 7.02 2.00
C ALA A 39 9.08 5.66 2.44
N LEU A 40 9.60 4.91 1.47
CA LEU A 40 10.14 3.59 1.75
C LEU A 40 11.48 3.74 2.46
N GLN A 41 12.25 4.72 2.01
CA GLN A 41 13.55 4.98 2.59
C GLN A 41 13.41 5.36 4.07
N ASN A 42 12.29 6.02 4.36
CA ASN A 42 12.01 6.45 5.72
C ASN A 42 11.36 5.31 6.50
N ASN A 43 10.61 4.49 5.77
CA ASN A 43 9.93 3.37 6.36
C ASN A 43 10.89 2.19 6.48
N ARG A 44 12.09 2.39 5.96
CA ARG A 44 13.11 1.36 5.99
C ARG A 44 13.38 0.93 7.44
N GLU A 45 13.79 1.89 8.25
CA GLU A 45 14.08 1.62 9.65
C GLU A 45 12.78 1.43 10.43
N ASN A 46 11.86 2.34 10.21
CA ASN A 46 10.57 2.28 10.89
C ASN A 46 10.01 0.87 10.79
N GLN A 47 9.56 0.37 11.93
CA GLN A 47 8.99 -0.97 11.98
C GLN A 47 7.49 -0.94 11.69
N ALA A 48 6.86 0.14 12.16
CA ALA A 48 5.43 0.31 11.96
C ALA A 48 5.06 -0.12 10.53
N PHE A 49 5.66 0.56 9.57
CA PHE A 49 5.41 0.26 8.17
C PHE A 49 6.11 -1.03 7.76
N SER A 50 5.75 -2.11 8.42
CA SER A 50 6.34 -3.41 8.13
C SER A 50 5.45 -4.19 7.16
N PHE A 51 4.18 -3.80 7.13
CA PHE A 51 3.22 -4.44 6.25
C PHE A 51 3.58 -4.23 4.78
N LEU A 52 4.52 -3.33 4.57
CA LEU A 52 4.97 -3.02 3.22
C LEU A 52 6.03 -4.05 2.80
N TYR A 53 6.68 -4.62 3.79
CA TYR A 53 7.72 -5.61 3.55
C TYR A 53 7.27 -7.00 4.02
N ASP A 54 6.06 -7.37 3.61
CA ASP A 54 5.51 -8.66 3.98
C ASP A 54 4.21 -8.90 3.20
N PRO A 55 4.32 -9.71 2.12
CA PRO A 55 3.16 -10.02 1.30
C PRO A 55 2.23 -11.01 2.00
N ASN A 56 2.85 -11.98 2.65
CA ASN A 56 2.11 -13.00 3.36
C ASN A 56 1.01 -12.34 4.20
N SER A 57 1.37 -11.21 4.79
CA SER A 57 0.43 -10.47 5.62
C SER A 57 -0.68 -9.88 4.74
N GLN A 58 -1.77 -9.48 5.40
CA GLN A 58 -2.90 -8.90 4.70
C GLN A 58 -2.68 -7.41 4.49
N GLY A 59 -2.02 -6.79 5.46
CA GLY A 59 -1.74 -5.37 5.39
C GLY A 59 -1.23 -4.97 4.01
N TYR A 60 -0.18 -5.66 3.58
CA TYR A 60 0.41 -5.39 2.28
C TYR A 60 -0.65 -5.38 1.18
N ARG A 61 -1.39 -6.48 1.11
CA ARG A 61 -2.45 -6.60 0.12
C ARG A 61 -3.45 -5.47 0.26
N TYR A 62 -4.10 -5.44 1.42
CA TYR A 62 -5.10 -4.42 1.70
C TYR A 62 -4.56 -3.02 1.37
N TYR A 63 -3.25 -2.89 1.50
CA TYR A 63 -2.60 -1.62 1.22
C TYR A 63 -2.41 -1.42 -0.28
N ARG A 64 -1.94 -2.47 -0.93
CA ARG A 64 -1.71 -2.43 -2.37
C ARG A 64 -2.98 -1.99 -3.10
N GLN A 65 -4.09 -2.63 -2.73
CA GLN A 65 -5.37 -2.31 -3.34
C GLN A 65 -5.62 -0.80 -3.28
N LYS A 66 -5.64 -0.28 -2.06
CA LYS A 66 -5.87 1.14 -1.86
C LYS A 66 -5.00 1.93 -2.82
N LEU A 67 -3.75 1.50 -2.94
CA LEU A 67 -2.81 2.16 -3.82
C LEU A 67 -3.37 2.20 -5.24
N ASP A 68 -3.93 1.06 -5.64
CA ASP A 68 -4.52 0.95 -6.97
C ASP A 68 -5.84 1.71 -7.01
N GLU A 69 -6.59 1.59 -5.92
CA GLU A 69 -7.88 2.25 -5.82
C GLU A 69 -7.71 3.75 -6.07
N PHE A 70 -6.87 4.37 -5.26
CA PHE A 70 -6.62 5.80 -5.38
C PHE A 70 -5.97 6.13 -6.72
N ARG A 71 -4.83 5.50 -6.96
CA ARG A 71 -4.10 5.71 -8.19
C ARG A 71 -5.07 5.83 -9.37
N LYS A 72 -5.85 4.77 -9.56
CA LYS A 72 -6.82 4.75 -10.64
C LYS A 72 -8.07 5.54 -10.22
N SER A 73 -7.88 6.84 -10.06
CA SER A 73 -8.97 7.70 -9.66
C SER A 73 -10.01 7.80 -10.78
N GLY A 74 -11.23 8.11 -10.40
CA GLY A 74 -12.32 8.22 -11.35
C GLY A 74 -13.12 9.51 -11.12
N PRO A 75 -13.98 9.83 -12.12
CA PRO A 75 -14.81 11.01 -12.03
C PRO A 75 -15.97 10.81 -11.05
N SER A 76 -15.61 10.47 -9.82
CA SER A 76 -16.60 10.25 -8.78
C SER A 76 -15.90 9.93 -7.46
N SER A 77 -16.40 10.56 -6.40
CA SER A 77 -15.84 10.36 -5.08
C SER A 77 -15.76 8.87 -4.76
N GLY A 78 -14.93 8.54 -3.78
CA GLY A 78 -14.75 7.16 -3.38
C GLY A 78 -16.09 6.53 -2.98
N GLY A 1 4.71 -5.23 -14.35
CA GLY A 1 4.96 -6.23 -13.32
C GLY A 1 4.51 -7.62 -13.79
N SER A 2 4.16 -8.44 -12.82
CA SER A 2 3.71 -9.80 -13.12
C SER A 2 3.10 -10.44 -11.87
N SER A 3 1.80 -10.67 -11.94
CA SER A 3 1.10 -11.28 -10.82
C SER A 3 -0.37 -11.51 -11.20
N GLY A 4 -0.62 -12.66 -11.79
CA GLY A 4 -1.97 -13.02 -12.22
C GLY A 4 -2.95 -12.88 -11.05
N SER A 5 -4.10 -12.31 -11.36
CA SER A 5 -5.14 -12.11 -10.36
C SER A 5 -5.64 -13.46 -9.85
N SER A 6 -5.24 -13.78 -8.64
CA SER A 6 -5.64 -15.04 -8.03
C SER A 6 -5.39 -15.01 -6.52
N GLY A 7 -6.41 -15.36 -5.76
CA GLY A 7 -6.31 -15.37 -4.32
C GLY A 7 -7.37 -14.46 -3.69
N LYS A 8 -7.66 -14.73 -2.42
CA LYS A 8 -8.64 -13.94 -1.70
C LYS A 8 -7.93 -12.87 -0.87
N VAL A 9 -7.85 -11.68 -1.45
CA VAL A 9 -7.20 -10.57 -0.77
C VAL A 9 -8.18 -9.94 0.22
N SER A 10 -7.93 -10.21 1.49
CA SER A 10 -8.76 -9.68 2.55
C SER A 10 -8.00 -8.62 3.34
N PRO A 11 -8.77 -7.89 4.22
CA PRO A 11 -8.17 -6.85 5.02
C PRO A 11 -7.36 -7.44 6.17
N PRO A 12 -6.45 -6.60 6.73
CA PRO A 12 -5.60 -7.02 7.83
C PRO A 12 -6.39 -7.09 9.13
N GLU A 13 -5.69 -7.45 10.20
CA GLU A 13 -6.31 -7.56 11.51
C GLU A 13 -5.88 -6.38 12.40
N ASP A 14 -4.57 -6.14 12.41
CA ASP A 14 -4.03 -5.06 13.20
C ASP A 14 -4.58 -3.73 12.70
N GLU A 15 -5.48 -3.16 13.51
CA GLU A 15 -6.09 -1.89 13.16
C GLU A 15 -5.03 -0.88 12.76
N GLU A 16 -4.11 -0.63 13.68
CA GLU A 16 -3.03 0.31 13.45
C GLU A 16 -2.53 0.19 12.00
N ALA A 17 -2.55 -1.04 11.50
CA ALA A 17 -2.11 -1.31 10.15
C ALA A 17 -3.18 -0.85 9.16
N LYS A 18 -4.38 -1.37 9.36
CA LYS A 18 -5.50 -1.01 8.49
C LYS A 18 -5.48 0.49 8.23
N ASN A 19 -4.93 1.23 9.20
CA ASN A 19 -4.85 2.67 9.08
C ASN A 19 -3.54 3.04 8.39
N LEU A 20 -2.46 2.50 8.93
CA LEU A 20 -1.13 2.77 8.38
C LEU A 20 -1.14 2.47 6.88
N ALA A 21 -1.53 1.24 6.57
CA ALA A 21 -1.58 0.80 5.18
C ALA A 21 -2.27 1.87 4.34
N GLU A 22 -3.56 2.07 4.62
CA GLU A 22 -4.33 3.05 3.90
C GLU A 22 -3.58 4.39 3.82
N LYS A 23 -3.41 4.99 4.98
CA LYS A 23 -2.71 6.26 5.07
C LYS A 23 -1.50 6.23 4.14
N LEU A 24 -0.57 5.36 4.45
CA LEU A 24 0.64 5.22 3.65
C LEU A 24 0.28 5.31 2.18
N ALA A 25 -0.52 4.35 1.74
CA ALA A 25 -0.95 4.30 0.35
C ALA A 25 -1.52 5.66 -0.05
N ARG A 26 -2.58 6.05 0.65
CA ARG A 26 -3.22 7.33 0.38
C ARG A 26 -2.17 8.41 0.10
N PHE A 27 -1.15 8.43 0.96
CA PHE A 27 -0.08 9.40 0.81
C PHE A 27 0.77 9.11 -0.43
N ILE A 28 1.31 7.90 -0.46
CA ILE A 28 2.14 7.49 -1.58
C ILE A 28 1.39 7.74 -2.89
N ALA A 29 0.07 7.57 -2.83
CA ALA A 29 -0.76 7.77 -4.00
C ALA A 29 -0.74 9.26 -4.38
N ASP A 30 -0.51 10.08 -3.37
CA ASP A 30 -0.45 11.52 -3.59
C ASP A 30 0.87 11.89 -4.28
N GLY A 31 1.83 10.98 -4.15
CA GLY A 31 3.13 11.20 -4.76
C GLY A 31 3.27 10.40 -6.06
N GLY A 32 4.24 9.49 -6.07
CA GLY A 32 4.48 8.67 -7.23
C GLY A 32 5.63 7.69 -6.99
N PRO A 33 6.51 7.55 -8.02
CA PRO A 33 7.64 6.66 -7.92
C PRO A 33 8.74 7.25 -7.03
N GLU A 34 8.47 8.46 -6.54
CA GLU A 34 9.42 9.14 -5.68
C GLU A 34 9.06 8.91 -4.21
N VAL A 35 7.80 9.17 -3.90
CA VAL A 35 7.33 8.99 -2.53
C VAL A 35 7.55 7.54 -2.11
N GLU A 36 7.24 6.63 -3.03
CA GLU A 36 7.41 5.20 -2.76
C GLU A 36 8.89 4.86 -2.60
N THR A 37 9.73 5.81 -2.99
CA THR A 37 11.17 5.61 -2.90
C THR A 37 11.70 6.19 -1.58
N ILE A 38 11.24 7.39 -1.27
CA ILE A 38 11.66 8.06 -0.05
C ILE A 38 10.84 7.51 1.12
N ALA A 39 9.53 7.51 0.94
CA ALA A 39 8.63 7.02 1.98
C ALA A 39 9.07 5.61 2.40
N LEU A 40 9.51 4.84 1.42
CA LEU A 40 9.96 3.49 1.67
C LEU A 40 11.30 3.53 2.41
N GLN A 41 12.33 3.98 1.70
CA GLN A 41 13.65 4.07 2.27
C GLN A 41 13.58 4.66 3.69
N ASN A 42 12.55 5.46 3.91
CA ASN A 42 12.36 6.08 5.21
C ASN A 42 11.66 5.09 6.14
N ASN A 43 10.48 4.67 5.74
CA ASN A 43 9.70 3.73 6.53
C ASN A 43 10.62 2.63 7.04
N ARG A 44 11.65 2.35 6.26
CA ARG A 44 12.61 1.33 6.62
C ARG A 44 12.88 1.35 8.13
N GLU A 45 13.14 2.55 8.63
CA GLU A 45 13.41 2.72 10.04
C GLU A 45 12.21 2.27 10.88
N ASN A 46 11.04 2.74 10.47
CA ASN A 46 9.81 2.40 11.16
C ASN A 46 9.57 0.89 11.05
N GLN A 47 9.02 0.33 12.12
CA GLN A 47 8.74 -1.09 12.15
C GLN A 47 7.29 -1.36 11.71
N ALA A 48 6.37 -0.63 12.33
CA ALA A 48 4.97 -0.77 12.01
C ALA A 48 4.80 -0.93 10.50
N PHE A 49 5.52 -0.09 9.77
CA PHE A 49 5.47 -0.12 8.31
C PHE A 49 6.26 -1.31 7.77
N SER A 50 5.88 -2.49 8.21
CA SER A 50 6.54 -3.71 7.77
C SER A 50 5.76 -4.36 6.63
N PHE A 51 4.47 -4.04 6.59
CA PHE A 51 3.60 -4.57 5.56
C PHE A 51 4.06 -4.14 4.17
N LEU A 52 4.94 -3.14 4.16
CA LEU A 52 5.47 -2.63 2.91
C LEU A 52 6.60 -3.55 2.42
N TYR A 53 7.36 -4.06 3.37
CA TYR A 53 8.46 -4.95 3.06
C TYR A 53 7.95 -6.38 2.77
N ASP A 54 7.16 -6.88 3.70
CA ASP A 54 6.61 -8.22 3.57
C ASP A 54 5.54 -8.21 2.48
N PRO A 55 5.84 -8.95 1.38
CA PRO A 55 4.91 -9.04 0.26
C PRO A 55 3.74 -9.96 0.60
N ASN A 56 4.04 -11.02 1.34
CA ASN A 56 3.03 -11.98 1.73
C ASN A 56 2.42 -11.55 3.07
N SER A 57 2.19 -10.26 3.19
CA SER A 57 1.61 -9.71 4.41
C SER A 57 0.15 -9.32 4.17
N GLN A 58 -0.57 -9.16 5.27
CA GLN A 58 -1.98 -8.79 5.20
C GLN A 58 -2.12 -7.29 4.96
N GLY A 59 -1.15 -6.55 5.47
CA GLY A 59 -1.16 -5.10 5.31
C GLY A 59 -0.83 -4.71 3.87
N TYR A 60 0.09 -5.45 3.27
CA TYR A 60 0.49 -5.19 1.90
C TYR A 60 -0.67 -5.44 0.94
N ARG A 61 -1.24 -6.63 1.03
CA ARG A 61 -2.35 -7.01 0.17
C ARG A 61 -3.41 -5.91 0.19
N TYR A 62 -3.91 -5.60 1.37
CA TYR A 62 -4.92 -4.58 1.52
C TYR A 62 -4.39 -3.22 1.09
N TYR A 63 -3.17 -2.91 1.52
CA TYR A 63 -2.55 -1.65 1.19
C TYR A 63 -2.59 -1.40 -0.32
N ARG A 64 -1.89 -2.27 -1.05
CA ARG A 64 -1.83 -2.16 -2.49
C ARG A 64 -3.21 -1.78 -3.05
N GLN A 65 -4.20 -2.56 -2.66
CA GLN A 65 -5.57 -2.32 -3.11
C GLN A 65 -5.87 -0.82 -3.09
N LYS A 66 -5.62 -0.21 -1.94
CA LYS A 66 -5.86 1.20 -1.77
C LYS A 66 -5.01 1.99 -2.77
N LEU A 67 -3.73 1.62 -2.81
CA LEU A 67 -2.80 2.28 -3.71
C LEU A 67 -3.37 2.27 -5.13
N ASP A 68 -3.89 1.11 -5.52
CA ASP A 68 -4.47 0.96 -6.84
C ASP A 68 -5.78 1.73 -6.91
N GLU A 69 -6.53 1.67 -5.82
CA GLU A 69 -7.80 2.36 -5.73
C GLU A 69 -7.62 3.85 -6.00
N PHE A 70 -6.69 4.44 -5.27
CA PHE A 70 -6.41 5.87 -5.41
C PHE A 70 -5.70 6.15 -6.74
N ARG A 71 -4.68 5.34 -7.01
CA ARG A 71 -3.90 5.49 -8.23
C ARG A 71 -4.84 5.58 -9.44
N LYS A 72 -5.71 4.59 -9.55
CA LYS A 72 -6.66 4.55 -10.65
C LYS A 72 -8.03 5.02 -10.15
N SER A 73 -8.17 6.34 -10.06
CA SER A 73 -9.42 6.92 -9.60
C SER A 73 -9.75 8.16 -10.44
N GLY A 74 -11.02 8.54 -10.40
CA GLY A 74 -11.48 9.70 -11.15
C GLY A 74 -10.99 9.65 -12.59
N PRO A 75 -11.22 10.77 -13.31
CA PRO A 75 -10.80 10.87 -14.70
C PRO A 75 -9.30 11.07 -14.82
N SER A 76 -8.75 10.62 -15.92
CA SER A 76 -7.32 10.73 -16.17
C SER A 76 -7.02 10.59 -17.66
N SER A 77 -6.32 11.58 -18.19
CA SER A 77 -5.96 11.58 -19.60
C SER A 77 -4.57 12.17 -19.80
N GLY A 78 -4.02 11.93 -20.97
CA GLY A 78 -2.69 12.43 -21.29
C GLY A 78 -1.92 11.43 -22.16
N GLY A 1 5.53 -6.29 -14.78
CA GLY A 1 4.65 -7.30 -14.20
C GLY A 1 3.44 -7.55 -15.10
N SER A 2 3.52 -8.64 -15.84
CA SER A 2 2.44 -9.01 -16.75
C SER A 2 1.10 -8.99 -15.99
N SER A 3 1.04 -9.80 -14.94
CA SER A 3 -0.17 -9.89 -14.14
C SER A 3 0.16 -10.46 -12.77
N GLY A 4 -0.62 -10.05 -11.78
CA GLY A 4 -0.42 -10.51 -10.42
C GLY A 4 -1.17 -11.82 -10.17
N SER A 5 -2.02 -11.79 -9.15
CA SER A 5 -2.80 -12.97 -8.80
C SER A 5 -4.29 -12.64 -8.84
N SER A 6 -4.67 -11.62 -8.09
CA SER A 6 -6.06 -11.20 -8.05
C SER A 6 -6.93 -12.32 -7.47
N GLY A 7 -7.99 -11.91 -6.79
CA GLY A 7 -8.90 -12.87 -6.19
C GLY A 7 -9.65 -12.25 -5.01
N LYS A 8 -9.46 -12.86 -3.85
CA LYS A 8 -10.11 -12.37 -2.64
C LYS A 8 -9.05 -11.96 -1.62
N VAL A 9 -9.48 -11.16 -0.66
CA VAL A 9 -8.57 -10.69 0.37
C VAL A 9 -9.39 -10.05 1.50
N SER A 10 -8.94 -10.30 2.73
CA SER A 10 -9.61 -9.75 3.89
C SER A 10 -8.74 -8.68 4.55
N PRO A 11 -9.37 -7.90 5.46
CA PRO A 11 -8.67 -6.84 6.16
C PRO A 11 -7.76 -7.42 7.25
N PRO A 12 -6.71 -6.64 7.59
CA PRO A 12 -5.77 -7.06 8.62
C PRO A 12 -6.37 -6.92 10.01
N GLU A 13 -5.65 -7.44 11.00
CA GLU A 13 -6.10 -7.37 12.37
C GLU A 13 -5.63 -6.08 13.03
N ASP A 14 -4.32 -5.89 13.05
CA ASP A 14 -3.73 -4.70 13.64
C ASP A 14 -4.40 -3.47 13.05
N GLU A 15 -5.18 -2.80 13.89
CA GLU A 15 -5.88 -1.60 13.46
C GLU A 15 -4.89 -0.55 12.97
N GLU A 16 -3.86 -0.33 13.78
CA GLU A 16 -2.83 0.64 13.44
C GLU A 16 -2.37 0.46 11.99
N ALA A 17 -2.49 -0.78 11.52
CA ALA A 17 -2.10 -1.10 10.16
C ALA A 17 -3.19 -0.62 9.19
N LYS A 18 -4.40 -1.11 9.42
CA LYS A 18 -5.52 -0.73 8.58
C LYS A 18 -5.43 0.76 8.26
N ASN A 19 -4.86 1.50 9.19
CA ASN A 19 -4.71 2.93 9.02
C ASN A 19 -3.40 3.23 8.28
N LEU A 20 -2.32 2.66 8.80
CA LEU A 20 -1.02 2.85 8.20
C LEU A 20 -1.08 2.48 6.71
N ALA A 21 -1.56 1.26 6.47
CA ALA A 21 -1.68 0.77 5.10
C ALA A 21 -2.38 1.84 4.25
N GLU A 22 -3.58 2.17 4.65
CA GLU A 22 -4.37 3.17 3.93
C GLU A 22 -3.58 4.48 3.82
N LYS A 23 -3.19 5.00 4.97
CA LYS A 23 -2.43 6.24 5.01
C LYS A 23 -1.26 6.15 4.03
N LEU A 24 -0.37 5.21 4.31
CA LEU A 24 0.80 5.01 3.46
C LEU A 24 0.36 4.96 2.01
N ALA A 25 -0.78 4.33 1.78
CA ALA A 25 -1.32 4.21 0.44
C ALA A 25 -1.75 5.58 -0.07
N ARG A 26 -2.82 6.09 0.54
CA ARG A 26 -3.34 7.40 0.17
C ARG A 26 -2.21 8.42 0.10
N PHE A 27 -1.20 8.19 0.92
CA PHE A 27 -0.05 9.09 0.97
C PHE A 27 0.80 8.96 -0.30
N ILE A 28 1.37 7.78 -0.48
CA ILE A 28 2.19 7.51 -1.63
C ILE A 28 1.42 7.84 -2.91
N ALA A 29 0.16 7.41 -2.92
CA ALA A 29 -0.71 7.65 -4.06
C ALA A 29 -0.83 9.15 -4.29
N ASP A 30 -0.55 9.90 -3.23
CA ASP A 30 -0.64 11.35 -3.31
C ASP A 30 0.65 11.90 -3.91
N GLY A 31 1.66 11.04 -3.99
CA GLY A 31 2.94 11.42 -4.54
C GLY A 31 3.19 10.74 -5.89
N GLY A 32 4.25 9.97 -5.94
CA GLY A 32 4.61 9.26 -7.16
C GLY A 32 5.85 8.37 -6.94
N PRO A 33 6.76 8.41 -7.95
CA PRO A 33 7.97 7.63 -7.88
C PRO A 33 8.98 8.26 -6.92
N GLU A 34 8.58 9.39 -6.37
CA GLU A 34 9.44 10.11 -5.43
C GLU A 34 9.07 9.73 -3.99
N VAL A 35 7.77 9.74 -3.72
CA VAL A 35 7.28 9.42 -2.40
C VAL A 35 7.58 7.95 -2.10
N GLU A 36 7.38 7.12 -3.12
CA GLU A 36 7.63 5.69 -2.98
C GLU A 36 9.09 5.44 -2.58
N THR A 37 9.90 6.48 -2.73
CA THR A 37 11.31 6.38 -2.40
C THR A 37 11.54 6.83 -0.95
N ILE A 38 11.26 8.11 -0.71
CA ILE A 38 11.44 8.67 0.62
C ILE A 38 10.55 7.91 1.61
N ALA A 39 9.34 7.62 1.16
CA ALA A 39 8.39 6.90 1.99
C ALA A 39 8.95 5.52 2.34
N LEU A 40 9.40 4.83 1.31
CA LEU A 40 9.96 3.49 1.47
C LEU A 40 11.27 3.60 2.27
N GLN A 41 12.21 4.35 1.70
CA GLN A 41 13.49 4.53 2.35
C GLN A 41 13.31 4.89 3.83
N ASN A 42 12.14 5.44 4.12
CA ASN A 42 11.82 5.83 5.49
C ASN A 42 11.26 4.63 6.24
N ASN A 43 10.26 4.00 5.64
CA ASN A 43 9.63 2.84 6.24
C ASN A 43 10.70 1.84 6.64
N ARG A 44 11.78 1.82 5.87
CA ARG A 44 12.88 0.91 6.14
C ARG A 44 13.26 0.96 7.62
N GLU A 45 13.42 2.18 8.11
CA GLU A 45 13.78 2.39 9.50
C GLU A 45 12.66 1.90 10.43
N ASN A 46 11.47 2.43 10.18
CA ASN A 46 10.31 2.05 10.98
C ASN A 46 10.05 0.55 10.81
N GLN A 47 9.71 -0.08 11.93
CA GLN A 47 9.43 -1.51 11.93
C GLN A 47 7.94 -1.75 11.71
N ALA A 48 7.13 -0.95 12.38
CA ALA A 48 5.69 -1.07 12.27
C ALA A 48 5.31 -1.26 10.79
N PHE A 49 5.95 -0.47 9.95
CA PHE A 49 5.69 -0.54 8.52
C PHE A 49 6.28 -1.82 7.92
N SER A 50 5.83 -2.95 8.44
CA SER A 50 6.30 -4.23 7.97
C SER A 50 5.34 -4.80 6.92
N PHE A 51 4.11 -4.29 6.97
CA PHE A 51 3.08 -4.74 6.03
C PHE A 51 3.44 -4.32 4.60
N LEU A 52 4.42 -3.43 4.49
CA LEU A 52 4.86 -2.94 3.20
C LEU A 52 5.71 -4.02 2.52
N TYR A 53 6.56 -4.65 3.32
CA TYR A 53 7.44 -5.69 2.81
C TYR A 53 6.75 -7.06 2.87
N ASP A 54 6.43 -7.47 4.09
CA ASP A 54 5.78 -8.76 4.30
C ASP A 54 4.55 -8.85 3.38
N PRO A 55 4.66 -9.74 2.36
CA PRO A 55 3.58 -9.93 1.41
C PRO A 55 2.46 -10.74 2.03
N ASN A 56 2.83 -11.87 2.64
CA ASN A 56 1.86 -12.73 3.27
C ASN A 56 1.01 -11.92 4.25
N SER A 57 1.57 -10.81 4.70
CA SER A 57 0.88 -9.94 5.63
C SER A 57 -0.28 -9.23 4.91
N GLN A 58 -1.48 -9.61 5.28
CA GLN A 58 -2.67 -9.02 4.69
C GLN A 58 -2.52 -7.50 4.62
N GLY A 59 -1.75 -6.97 5.55
CA GLY A 59 -1.52 -5.54 5.60
C GLY A 59 -1.00 -5.01 4.26
N TYR A 60 -0.36 -5.91 3.52
CA TYR A 60 0.19 -5.56 2.23
C TYR A 60 -0.88 -5.54 1.15
N ARG A 61 -1.48 -6.71 0.95
CA ARG A 61 -2.53 -6.86 -0.04
C ARG A 61 -3.55 -5.72 0.10
N TYR A 62 -4.05 -5.58 1.31
CA TYR A 62 -5.03 -4.53 1.60
C TYR A 62 -4.48 -3.15 1.25
N TYR A 63 -3.20 -2.97 1.55
CA TYR A 63 -2.55 -1.70 1.27
C TYR A 63 -2.37 -1.48 -0.24
N ARG A 64 -1.99 -2.56 -0.92
CA ARG A 64 -1.77 -2.51 -2.35
C ARG A 64 -3.08 -2.10 -3.06
N GLN A 65 -4.18 -2.63 -2.54
CA GLN A 65 -5.48 -2.33 -3.12
C GLN A 65 -5.74 -0.83 -3.09
N LYS A 66 -5.81 -0.28 -1.88
CA LYS A 66 -6.06 1.13 -1.71
C LYS A 66 -5.15 1.92 -2.66
N LEU A 67 -3.89 1.51 -2.70
CA LEU A 67 -2.91 2.18 -3.56
C LEU A 67 -3.46 2.23 -4.98
N ASP A 68 -3.49 1.06 -5.61
CA ASP A 68 -3.98 0.96 -6.98
C ASP A 68 -5.33 1.68 -7.09
N GLU A 69 -6.16 1.46 -6.08
CA GLU A 69 -7.48 2.08 -6.06
C GLU A 69 -7.37 3.57 -6.40
N PHE A 70 -6.65 4.29 -5.55
CA PHE A 70 -6.46 5.71 -5.76
C PHE A 70 -5.74 5.99 -7.08
N ARG A 71 -4.55 5.43 -7.19
CA ARG A 71 -3.74 5.60 -8.38
C ARG A 71 -4.62 5.50 -9.63
N LYS A 72 -5.41 4.44 -9.67
CA LYS A 72 -6.31 4.21 -10.80
C LYS A 72 -7.64 4.89 -10.53
N SER A 73 -7.62 6.21 -10.54
CA SER A 73 -8.82 6.99 -10.31
C SER A 73 -9.33 6.74 -8.89
N GLY A 74 -9.22 7.76 -8.06
CA GLY A 74 -9.66 7.66 -6.68
C GLY A 74 -10.59 8.84 -6.32
N PRO A 75 -11.35 8.63 -5.21
CA PRO A 75 -12.27 9.66 -4.75
C PRO A 75 -11.53 10.81 -4.08
N SER A 76 -10.47 10.45 -3.36
CA SER A 76 -9.66 11.43 -2.66
C SER A 76 -10.56 12.34 -1.82
N SER A 77 -9.92 13.28 -1.13
CA SER A 77 -10.65 14.22 -0.29
C SER A 77 -11.50 13.45 0.73
N GLY A 78 -10.85 13.07 1.82
CA GLY A 78 -11.53 12.33 2.87
C GLY A 78 -12.08 13.28 3.94
N GLY A 1 0.14 -23.79 2.01
CA GLY A 1 -1.30 -23.66 1.90
C GLY A 1 -1.80 -24.15 0.54
N SER A 2 -1.83 -23.23 -0.41
CA SER A 2 -2.28 -23.54 -1.75
C SER A 2 -2.00 -22.36 -2.69
N SER A 3 -2.57 -21.22 -2.34
CA SER A 3 -2.40 -20.02 -3.14
C SER A 3 -2.86 -20.27 -4.57
N GLY A 4 -2.96 -19.20 -5.33
CA GLY A 4 -3.38 -19.29 -6.72
C GLY A 4 -3.85 -17.93 -7.24
N SER A 5 -5.06 -17.56 -6.85
CA SER A 5 -5.63 -16.29 -7.27
C SER A 5 -4.70 -15.14 -6.89
N SER A 6 -4.71 -14.11 -7.71
CA SER A 6 -3.86 -12.95 -7.49
C SER A 6 -4.54 -12.01 -6.48
N GLY A 7 -5.75 -11.59 -6.84
CA GLY A 7 -6.52 -10.69 -5.98
C GLY A 7 -7.36 -11.47 -4.98
N LYS A 8 -8.41 -10.83 -4.51
CA LYS A 8 -9.31 -11.45 -3.55
C LYS A 8 -8.56 -11.62 -2.22
N VAL A 9 -8.44 -10.52 -1.50
CA VAL A 9 -7.77 -10.54 -0.21
C VAL A 9 -8.67 -9.89 0.85
N SER A 10 -8.40 -10.24 2.10
CA SER A 10 -9.17 -9.70 3.20
C SER A 10 -8.35 -8.66 3.96
N PRO A 11 -9.05 -7.87 4.82
CA PRO A 11 -8.40 -6.84 5.60
C PRO A 11 -7.62 -7.45 6.76
N PRO A 12 -6.61 -6.67 7.26
CA PRO A 12 -5.78 -7.12 8.36
C PRO A 12 -6.55 -7.03 9.68
N GLU A 13 -5.89 -7.51 10.73
CA GLU A 13 -6.50 -7.50 12.05
C GLU A 13 -6.02 -6.28 12.84
N ASP A 14 -4.72 -6.01 12.75
CA ASP A 14 -4.15 -4.87 13.44
C ASP A 14 -4.73 -3.58 12.86
N GLU A 15 -5.65 -3.00 13.63
CA GLU A 15 -6.29 -1.77 13.21
C GLU A 15 -5.24 -0.70 12.87
N GLU A 16 -4.36 -0.46 13.82
CA GLU A 16 -3.30 0.52 13.63
C GLU A 16 -2.70 0.40 12.23
N ALA A 17 -2.74 -0.82 11.71
CA ALA A 17 -2.21 -1.08 10.39
C ALA A 17 -3.24 -0.65 9.33
N LYS A 18 -4.45 -1.18 9.48
CA LYS A 18 -5.53 -0.86 8.57
C LYS A 18 -5.50 0.64 8.26
N ASN A 19 -5.00 1.40 9.22
CA ASN A 19 -4.92 2.85 9.06
C ASN A 19 -3.59 3.20 8.40
N LEU A 20 -2.51 2.67 8.96
CA LEU A 20 -1.19 2.91 8.42
C LEU A 20 -1.16 2.57 6.93
N ALA A 21 -1.64 1.38 6.62
CA ALA A 21 -1.67 0.91 5.25
C ALA A 21 -2.38 1.97 4.38
N GLU A 22 -3.65 2.16 4.66
CA GLU A 22 -4.44 3.14 3.91
C GLU A 22 -3.68 4.46 3.80
N LYS A 23 -3.31 5.00 4.96
CA LYS A 23 -2.59 6.25 5.01
C LYS A 23 -1.41 6.20 4.04
N LEU A 24 -0.49 5.29 4.34
CA LEU A 24 0.69 5.12 3.50
C LEU A 24 0.27 5.19 2.03
N ALA A 25 -0.68 4.34 1.68
CA ALA A 25 -1.17 4.29 0.31
C ALA A 25 -1.69 5.67 -0.10
N ARG A 26 -2.71 6.12 0.62
CA ARG A 26 -3.29 7.42 0.35
C ARG A 26 -2.20 8.48 0.18
N PHE A 27 -1.20 8.39 1.04
CA PHE A 27 -0.09 9.33 0.99
C PHE A 27 0.71 9.17 -0.31
N ILE A 28 1.36 8.03 -0.42
CA ILE A 28 2.16 7.73 -1.60
C ILE A 28 1.32 7.97 -2.86
N ALA A 29 0.06 7.57 -2.78
CA ALA A 29 -0.86 7.74 -3.89
C ALA A 29 -0.93 9.23 -4.26
N ASP A 30 -0.56 10.07 -3.30
CA ASP A 30 -0.58 11.50 -3.52
C ASP A 30 0.71 11.93 -4.23
N GLY A 31 1.67 11.01 -4.22
CA GLY A 31 2.96 11.28 -4.85
C GLY A 31 3.10 10.48 -6.15
N GLY A 32 4.12 9.64 -6.18
CA GLY A 32 4.38 8.81 -7.35
C GLY A 32 5.54 7.85 -7.09
N PRO A 33 6.40 7.71 -8.13
CA PRO A 33 7.55 6.82 -8.03
C PRO A 33 8.65 7.44 -7.16
N GLU A 34 8.38 8.65 -6.72
CA GLU A 34 9.33 9.37 -5.87
C GLU A 34 9.00 9.16 -4.40
N VAL A 35 7.72 9.32 -4.08
CA VAL A 35 7.27 9.16 -2.71
C VAL A 35 7.46 7.69 -2.29
N GLU A 36 7.13 6.80 -3.21
CA GLU A 36 7.26 5.37 -2.95
C GLU A 36 8.71 5.02 -2.64
N THR A 37 9.59 5.97 -2.93
CA THR A 37 11.01 5.76 -2.69
C THR A 37 11.38 6.27 -1.29
N ILE A 38 11.20 7.58 -1.10
CA ILE A 38 11.51 8.19 0.18
C ILE A 38 10.61 7.61 1.26
N ALA A 39 9.33 7.49 0.91
CA ALA A 39 8.36 6.95 1.84
C ALA A 39 8.78 5.54 2.27
N LEU A 40 9.36 4.82 1.32
CA LEU A 40 9.81 3.47 1.58
C LEU A 40 11.17 3.51 2.29
N GLN A 41 12.12 4.14 1.62
CA GLN A 41 13.46 4.26 2.18
C GLN A 41 13.39 4.70 3.64
N ASN A 42 12.31 5.38 3.98
CA ASN A 42 12.11 5.85 5.34
C ASN A 42 11.47 4.74 6.17
N ASN A 43 10.30 4.31 5.74
CA ASN A 43 9.58 3.26 6.43
C ASN A 43 10.55 2.13 6.78
N ARG A 44 11.52 1.93 5.89
CA ARG A 44 12.52 0.89 6.09
C ARG A 44 13.04 0.92 7.53
N GLU A 45 13.19 2.14 8.05
CA GLU A 45 13.67 2.31 9.41
C GLU A 45 12.55 2.04 10.41
N ASN A 46 11.34 2.40 10.01
CA ASN A 46 10.17 2.20 10.86
C ASN A 46 9.85 0.71 10.93
N GLN A 47 9.50 0.26 12.13
CA GLN A 47 9.17 -1.14 12.33
C GLN A 47 7.66 -1.36 12.13
N ALA A 48 6.88 -0.49 12.75
CA ALA A 48 5.44 -0.59 12.64
C ALA A 48 5.06 -0.89 11.18
N PHE A 49 5.61 -0.10 10.28
CA PHE A 49 5.35 -0.27 8.87
C PHE A 49 6.00 -1.54 8.34
N SER A 50 5.53 -2.67 8.86
CA SER A 50 6.06 -3.96 8.45
C SER A 50 5.18 -4.57 7.35
N PHE A 51 3.93 -4.13 7.35
CA PHE A 51 2.98 -4.62 6.36
C PHE A 51 3.39 -4.22 4.94
N LEU A 52 4.37 -3.32 4.89
CA LEU A 52 4.86 -2.83 3.61
C LEU A 52 5.82 -3.87 3.01
N TYR A 53 6.44 -4.63 3.91
CA TYR A 53 7.38 -5.66 3.49
C TYR A 53 6.76 -7.05 3.62
N ASP A 54 6.44 -7.41 4.86
CA ASP A 54 5.84 -8.71 5.14
C ASP A 54 4.63 -8.91 4.22
N PRO A 55 4.82 -9.81 3.22
CA PRO A 55 3.76 -10.11 2.27
C PRO A 55 2.68 -10.98 2.91
N ASN A 56 3.14 -11.99 3.64
CA ASN A 56 2.24 -12.91 4.32
C ASN A 56 1.13 -12.11 5.00
N SER A 57 1.51 -10.94 5.50
CA SER A 57 0.57 -10.07 6.19
C SER A 57 -0.44 -9.49 5.19
N GLN A 58 -1.71 -9.75 5.45
CA GLN A 58 -2.77 -9.26 4.57
C GLN A 58 -2.62 -7.75 4.37
N GLY A 59 -1.98 -7.11 5.33
CA GLY A 59 -1.77 -5.67 5.27
C GLY A 59 -1.13 -5.27 3.94
N TYR A 60 -0.03 -5.93 3.62
CA TYR A 60 0.68 -5.65 2.38
C TYR A 60 -0.28 -5.57 1.20
N ARG A 61 -1.19 -6.53 1.14
CA ARG A 61 -2.17 -6.57 0.07
C ARG A 61 -3.11 -5.37 0.17
N TYR A 62 -3.92 -5.37 1.21
CA TYR A 62 -4.86 -4.29 1.43
C TYR A 62 -4.21 -2.93 1.18
N TYR A 63 -2.93 -2.86 1.53
CA TYR A 63 -2.18 -1.63 1.36
C TYR A 63 -2.05 -1.27 -0.13
N ARG A 64 -1.41 -2.17 -0.87
CA ARG A 64 -1.22 -1.96 -2.30
C ARG A 64 -2.56 -1.70 -2.98
N GLN A 65 -3.55 -2.50 -2.61
CA GLN A 65 -4.88 -2.36 -3.18
C GLN A 65 -5.33 -0.91 -3.13
N LYS A 66 -5.21 -0.33 -1.94
CA LYS A 66 -5.60 1.06 -1.74
C LYS A 66 -4.79 1.96 -2.70
N LEU A 67 -3.53 1.59 -2.87
CA LEU A 67 -2.65 2.35 -3.75
C LEU A 67 -3.16 2.25 -5.19
N ASP A 68 -3.32 1.02 -5.64
CA ASP A 68 -3.80 0.77 -6.99
C ASP A 68 -5.21 1.35 -7.14
N GLU A 69 -5.89 1.46 -6.01
CA GLU A 69 -7.25 1.99 -6.00
C GLU A 69 -7.22 3.51 -6.18
N PHE A 70 -6.76 4.19 -5.13
CA PHE A 70 -6.68 5.64 -5.16
C PHE A 70 -6.05 6.13 -6.47
N ARG A 71 -4.90 5.56 -6.78
CA ARG A 71 -4.19 5.93 -7.99
C ARG A 71 -5.15 5.95 -9.18
N LYS A 72 -5.76 4.80 -9.43
CA LYS A 72 -6.70 4.67 -10.53
C LYS A 72 -8.11 4.99 -10.03
N SER A 73 -8.31 6.25 -9.67
CA SER A 73 -9.61 6.68 -9.16
C SER A 73 -9.75 8.20 -9.33
N GLY A 74 -10.96 8.61 -9.66
CA GLY A 74 -11.24 10.02 -9.85
C GLY A 74 -12.73 10.27 -10.03
N PRO A 75 -13.21 9.99 -11.27
CA PRO A 75 -14.63 10.18 -11.58
C PRO A 75 -15.47 9.06 -10.96
N SER A 76 -15.00 7.85 -11.12
CA SER A 76 -15.71 6.69 -10.59
C SER A 76 -14.95 5.41 -10.95
N SER A 77 -15.09 4.42 -10.07
CA SER A 77 -14.43 3.14 -10.28
C SER A 77 -15.46 2.01 -10.23
N GLY A 78 -15.56 1.30 -11.35
CA GLY A 78 -16.49 0.20 -11.46
C GLY A 78 -17.25 0.24 -12.80
N GLY A 1 4.56 -3.30 -14.27
CA GLY A 1 4.37 -4.05 -13.05
C GLY A 1 2.96 -3.86 -12.49
N SER A 2 2.86 -3.96 -11.17
CA SER A 2 1.59 -3.81 -10.50
C SER A 2 0.55 -4.76 -11.13
N SER A 3 0.44 -5.93 -10.56
CA SER A 3 -0.49 -6.93 -11.04
C SER A 3 -0.46 -8.17 -10.15
N GLY A 4 -1.64 -8.62 -9.75
CA GLY A 4 -1.76 -9.79 -8.90
C GLY A 4 -2.86 -9.60 -7.87
N SER A 5 -2.85 -10.47 -6.86
CA SER A 5 -3.84 -10.42 -5.81
C SER A 5 -5.24 -10.62 -6.39
N SER A 6 -5.89 -11.68 -5.91
CA SER A 6 -7.23 -12.00 -6.37
C SER A 6 -7.71 -13.29 -5.71
N GLY A 7 -8.87 -13.19 -5.06
CA GLY A 7 -9.45 -14.33 -4.39
C GLY A 7 -10.03 -13.93 -3.03
N LYS A 8 -9.23 -14.16 -1.99
CA LYS A 8 -9.65 -13.83 -0.64
C LYS A 8 -8.51 -13.11 0.08
N VAL A 9 -8.65 -11.79 0.18
CA VAL A 9 -7.65 -10.98 0.83
C VAL A 9 -8.21 -10.43 2.14
N SER A 10 -9.37 -9.81 2.03
CA SER A 10 -10.03 -9.24 3.20
C SER A 10 -9.07 -8.29 3.92
N PRO A 11 -9.64 -7.56 4.92
CA PRO A 11 -8.85 -6.61 5.69
C PRO A 11 -7.96 -7.34 6.70
N PRO A 12 -6.96 -6.58 7.23
CA PRO A 12 -6.03 -7.14 8.19
C PRO A 12 -6.69 -7.29 9.57
N GLU A 13 -5.85 -7.55 10.56
CA GLU A 13 -6.35 -7.71 11.92
C GLU A 13 -5.96 -6.50 12.77
N ASP A 14 -4.70 -6.09 12.63
CA ASP A 14 -4.21 -4.96 13.38
C ASP A 14 -4.79 -3.67 12.81
N GLU A 15 -5.73 -3.10 13.56
CA GLU A 15 -6.38 -1.88 13.13
C GLU A 15 -5.35 -0.80 12.82
N GLU A 16 -4.44 -0.60 13.78
CA GLU A 16 -3.39 0.40 13.62
C GLU A 16 -2.79 0.31 12.22
N ALA A 17 -2.78 -0.91 11.69
CA ALA A 17 -2.23 -1.15 10.36
C ALA A 17 -3.23 -0.66 9.31
N LYS A 18 -4.44 -1.20 9.38
CA LYS A 18 -5.48 -0.83 8.45
C LYS A 18 -5.43 0.68 8.20
N ASN A 19 -4.97 1.40 9.21
CA ASN A 19 -4.87 2.84 9.13
C ASN A 19 -3.52 3.21 8.49
N LEU A 20 -2.47 2.61 9.03
CA LEU A 20 -1.13 2.87 8.54
C LEU A 20 -1.07 2.55 7.04
N ALA A 21 -1.59 1.38 6.70
CA ALA A 21 -1.61 0.94 5.32
C ALA A 21 -2.29 2.00 4.46
N GLU A 22 -3.57 2.18 4.70
CA GLU A 22 -4.35 3.17 3.96
C GLU A 22 -3.55 4.45 3.79
N LYS A 23 -3.26 5.09 4.91
CA LYS A 23 -2.50 6.32 4.89
C LYS A 23 -1.31 6.18 3.93
N LEU A 24 -0.36 5.36 4.34
CA LEU A 24 0.83 5.12 3.54
C LEU A 24 0.42 5.03 2.06
N ALA A 25 -0.75 4.44 1.84
CA ALA A 25 -1.25 4.28 0.49
C ALA A 25 -1.71 5.64 -0.04
N ARG A 26 -2.72 6.19 0.62
CA ARG A 26 -3.25 7.48 0.22
C ARG A 26 -2.13 8.50 0.09
N PHE A 27 -1.09 8.29 0.88
CA PHE A 27 0.06 9.19 0.87
C PHE A 27 0.90 8.98 -0.39
N ILE A 28 1.38 7.75 -0.55
CA ILE A 28 2.20 7.42 -1.71
C ILE A 28 1.39 7.65 -2.99
N ALA A 29 0.11 7.31 -2.91
CA ALA A 29 -0.77 7.48 -4.05
C ALA A 29 -0.91 8.97 -4.37
N ASP A 30 -0.59 9.79 -3.37
CA ASP A 30 -0.67 11.23 -3.53
C ASP A 30 0.64 11.75 -4.12
N GLY A 31 1.57 10.83 -4.30
CA GLY A 31 2.87 11.19 -4.86
C GLY A 31 3.11 10.46 -6.18
N GLY A 32 4.17 9.67 -6.20
CA GLY A 32 4.53 8.92 -7.40
C GLY A 32 5.76 8.05 -7.15
N PRO A 33 6.67 8.03 -8.17
CA PRO A 33 7.88 7.24 -8.07
C PRO A 33 8.90 7.91 -7.14
N GLU A 34 8.52 9.06 -6.63
CA GLU A 34 9.38 9.82 -5.74
C GLU A 34 9.02 9.50 -4.28
N VAL A 35 7.73 9.54 -4.01
CA VAL A 35 7.24 9.27 -2.66
C VAL A 35 7.54 7.80 -2.30
N GLU A 36 7.32 6.94 -3.28
CA GLU A 36 7.55 5.52 -3.08
C GLU A 36 9.02 5.27 -2.69
N THR A 37 9.83 6.30 -2.90
CA THR A 37 11.25 6.21 -2.58
C THR A 37 11.50 6.71 -1.15
N ILE A 38 11.26 8.00 -0.96
CA ILE A 38 11.46 8.61 0.34
C ILE A 38 10.58 7.90 1.37
N ALA A 39 9.36 7.60 0.95
CA ALA A 39 8.41 6.92 1.82
C ALA A 39 8.97 5.56 2.22
N LEU A 40 9.40 4.82 1.21
CA LEU A 40 9.96 3.49 1.43
C LEU A 40 11.27 3.62 2.21
N GLN A 41 12.17 4.41 1.66
CA GLN A 41 13.47 4.63 2.29
C GLN A 41 13.28 4.98 3.76
N ASN A 42 12.10 5.48 4.08
CA ASN A 42 11.78 5.86 5.45
C ASN A 42 11.19 4.65 6.18
N ASN A 43 10.17 4.07 5.58
CA ASN A 43 9.51 2.93 6.16
C ASN A 43 10.57 1.89 6.58
N ARG A 44 11.63 1.84 5.79
CA ARG A 44 12.71 0.90 6.06
C ARG A 44 13.12 0.98 7.53
N GLU A 45 13.38 2.20 7.98
CA GLU A 45 13.78 2.43 9.36
C GLU A 45 12.68 1.95 10.32
N ASN A 46 11.46 2.37 10.02
CA ASN A 46 10.32 2.00 10.84
C ASN A 46 10.07 0.50 10.70
N GLN A 47 9.77 -0.13 11.83
CA GLN A 47 9.52 -1.55 11.86
C GLN A 47 8.02 -1.82 11.72
N ALA A 48 7.24 -1.09 12.50
CA ALA A 48 5.80 -1.23 12.47
C ALA A 48 5.33 -1.39 11.02
N PHE A 49 5.93 -0.59 10.16
CA PHE A 49 5.58 -0.63 8.75
C PHE A 49 6.18 -1.86 8.07
N SER A 50 5.81 -3.02 8.60
CA SER A 50 6.29 -4.27 8.05
C SER A 50 5.30 -4.81 7.02
N PHE A 51 4.09 -4.27 7.06
CA PHE A 51 3.06 -4.69 6.12
C PHE A 51 3.39 -4.24 4.70
N LEU A 52 4.41 -3.41 4.60
CA LEU A 52 4.83 -2.90 3.31
C LEU A 52 5.68 -3.97 2.60
N TYR A 53 6.46 -4.68 3.41
CA TYR A 53 7.32 -5.73 2.88
C TYR A 53 6.66 -7.10 3.02
N ASP A 54 6.42 -7.47 4.27
CA ASP A 54 5.79 -8.76 4.55
C ASP A 54 4.54 -8.91 3.69
N PRO A 55 4.65 -9.82 2.68
CA PRO A 55 3.53 -10.06 1.78
C PRO A 55 2.46 -10.92 2.46
N ASN A 56 2.91 -11.99 3.09
CA ASN A 56 2.01 -12.90 3.78
C ASN A 56 1.02 -12.07 4.61
N SER A 57 1.48 -10.93 5.08
CA SER A 57 0.66 -10.05 5.88
C SER A 57 -0.46 -9.45 5.02
N GLN A 58 -1.67 -9.93 5.26
CA GLN A 58 -2.83 -9.45 4.52
C GLN A 58 -2.73 -7.93 4.31
N GLY A 59 -2.22 -7.26 5.33
CA GLY A 59 -2.08 -5.82 5.28
C GLY A 59 -1.47 -5.38 3.96
N TYR A 60 -0.28 -5.91 3.69
CA TYR A 60 0.42 -5.57 2.45
C TYR A 60 -0.54 -5.55 1.26
N ARG A 61 -1.32 -6.61 1.16
CA ARG A 61 -2.29 -6.72 0.07
C ARG A 61 -3.31 -5.58 0.15
N TYR A 62 -3.78 -5.34 1.36
CA TYR A 62 -4.76 -4.30 1.58
C TYR A 62 -4.16 -2.92 1.29
N TYR A 63 -2.86 -2.80 1.56
CA TYR A 63 -2.16 -1.55 1.33
C TYR A 63 -1.99 -1.27 -0.17
N ARG A 64 -1.67 -2.34 -0.89
CA ARG A 64 -1.47 -2.23 -2.33
C ARG A 64 -2.80 -1.91 -3.02
N GLN A 65 -3.86 -2.52 -2.51
CA GLN A 65 -5.19 -2.30 -3.08
C GLN A 65 -5.54 -0.81 -3.06
N LYS A 66 -5.37 -0.21 -1.88
CA LYS A 66 -5.65 1.20 -1.73
C LYS A 66 -4.74 2.02 -2.64
N LEU A 67 -3.51 1.55 -2.75
CA LEU A 67 -2.53 2.22 -3.60
C LEU A 67 -3.07 2.30 -5.03
N ASP A 68 -3.53 1.17 -5.52
CA ASP A 68 -4.07 1.10 -6.87
C ASP A 68 -5.42 1.82 -6.91
N GLU A 69 -6.22 1.57 -5.88
CA GLU A 69 -7.53 2.19 -5.79
C GLU A 69 -7.43 3.70 -6.01
N PHE A 70 -6.60 4.33 -5.20
CA PHE A 70 -6.40 5.77 -5.30
C PHE A 70 -5.72 6.14 -6.61
N ARG A 71 -4.70 5.36 -6.96
CA ARG A 71 -3.96 5.60 -8.18
C ARG A 71 -4.79 5.15 -9.39
N LYS A 72 -5.86 5.88 -9.64
CA LYS A 72 -6.74 5.58 -10.76
C LYS A 72 -5.88 5.23 -11.98
N SER A 73 -5.27 6.25 -12.55
CA SER A 73 -4.43 6.06 -13.72
C SER A 73 -3.60 4.80 -13.57
N GLY A 74 -3.68 3.95 -14.58
CA GLY A 74 -2.94 2.69 -14.58
C GLY A 74 -3.73 1.58 -15.27
N PRO A 75 -3.31 0.32 -15.00
CA PRO A 75 -3.97 -0.83 -15.60
C PRO A 75 -5.31 -1.11 -14.91
N SER A 76 -5.24 -1.27 -13.60
CA SER A 76 -6.44 -1.54 -12.81
C SER A 76 -7.10 -2.83 -13.30
N SER A 77 -6.57 -3.95 -12.83
CA SER A 77 -7.10 -5.25 -13.20
C SER A 77 -8.55 -5.37 -12.73
N GLY A 78 -9.36 -5.98 -13.60
CA GLY A 78 -10.77 -6.17 -13.29
C GLY A 78 -11.64 -5.24 -14.13
N GLY A 1 5.16 -2.71 -17.47
CA GLY A 1 4.67 -3.94 -18.06
C GLY A 1 4.80 -5.12 -17.10
N SER A 2 3.67 -5.48 -16.51
CA SER A 2 3.64 -6.59 -15.56
C SER A 2 2.24 -7.18 -15.49
N SER A 3 2.15 -8.34 -14.84
CA SER A 3 0.88 -9.02 -14.69
C SER A 3 0.33 -8.80 -13.28
N GLY A 4 -1.00 -8.81 -13.19
CA GLY A 4 -1.66 -8.61 -11.92
C GLY A 4 -2.50 -9.84 -11.53
N SER A 5 -3.17 -9.73 -10.40
CA SER A 5 -4.01 -10.81 -9.92
C SER A 5 -5.13 -10.26 -9.04
N SER A 6 -6.22 -11.00 -8.99
CA SER A 6 -7.37 -10.60 -8.20
C SER A 6 -8.14 -11.83 -7.71
N GLY A 7 -8.25 -11.95 -6.40
CA GLY A 7 -8.95 -13.07 -5.80
C GLY A 7 -9.51 -12.70 -4.43
N LYS A 8 -8.87 -13.25 -3.40
CA LYS A 8 -9.30 -12.99 -2.04
C LYS A 8 -8.07 -12.63 -1.19
N VAL A 9 -8.21 -11.56 -0.42
CA VAL A 9 -7.13 -11.11 0.44
C VAL A 9 -7.70 -10.71 1.80
N SER A 10 -8.78 -9.94 1.75
CA SER A 10 -9.43 -9.49 2.97
C SER A 10 -8.53 -8.48 3.70
N PRO A 11 -9.15 -7.75 4.66
CA PRO A 11 -8.43 -6.75 5.43
C PRO A 11 -7.51 -7.41 6.46
N PRO A 12 -6.56 -6.60 6.99
CA PRO A 12 -5.61 -7.09 7.97
C PRO A 12 -6.29 -7.25 9.35
N GLU A 13 -5.55 -7.84 10.26
CA GLU A 13 -6.06 -8.05 11.62
C GLU A 13 -5.35 -7.12 12.59
N ASP A 14 -4.85 -6.02 12.06
CA ASP A 14 -4.16 -5.03 12.88
C ASP A 14 -4.67 -3.64 12.53
N GLU A 15 -5.41 -3.06 13.46
CA GLU A 15 -5.97 -1.74 13.27
C GLU A 15 -4.86 -0.77 12.86
N GLU A 16 -3.88 -0.61 13.73
CA GLU A 16 -2.77 0.27 13.48
C GLU A 16 -2.33 0.18 12.02
N ALA A 17 -2.47 -1.02 11.47
CA ALA A 17 -2.10 -1.27 10.09
C ALA A 17 -3.21 -0.76 9.17
N LYS A 18 -4.42 -1.25 9.43
CA LYS A 18 -5.57 -0.85 8.62
C LYS A 18 -5.50 0.66 8.36
N ASN A 19 -4.88 1.36 9.29
CA ASN A 19 -4.74 2.80 9.16
C ASN A 19 -3.44 3.13 8.42
N LEU A 20 -2.36 2.58 8.94
CA LEU A 20 -1.05 2.79 8.33
C LEU A 20 -1.13 2.47 6.84
N ALA A 21 -1.50 1.23 6.55
CA ALA A 21 -1.62 0.78 5.18
C ALA A 21 -2.33 1.86 4.35
N GLU A 22 -3.58 2.07 4.70
CA GLU A 22 -4.39 3.07 4.00
C GLU A 22 -3.62 4.38 3.89
N LYS A 23 -3.37 4.99 5.05
CA LYS A 23 -2.64 6.25 5.09
C LYS A 23 -1.47 6.19 4.11
N LEU A 24 -0.54 5.31 4.42
CA LEU A 24 0.65 5.15 3.58
C LEU A 24 0.23 5.21 2.11
N ALA A 25 -0.72 4.36 1.75
CA ALA A 25 -1.21 4.32 0.38
C ALA A 25 -1.71 5.71 -0.02
N ARG A 26 -2.77 6.14 0.66
CA ARG A 26 -3.35 7.44 0.38
C ARG A 26 -2.25 8.47 0.16
N PHE A 27 -1.18 8.34 0.93
CA PHE A 27 -0.06 9.25 0.83
C PHE A 27 0.78 8.96 -0.41
N ILE A 28 1.30 7.74 -0.46
CA ILE A 28 2.12 7.32 -1.58
C ILE A 28 1.34 7.54 -2.89
N ALA A 29 0.02 7.48 -2.77
CA ALA A 29 -0.84 7.67 -3.93
C ALA A 29 -0.86 9.15 -4.31
N ASP A 30 -0.63 9.98 -3.31
CA ASP A 30 -0.63 11.43 -3.52
C ASP A 30 0.72 11.83 -4.13
N GLY A 31 1.58 10.84 -4.31
CA GLY A 31 2.89 11.08 -4.88
C GLY A 31 3.07 10.32 -6.20
N GLY A 32 4.08 9.46 -6.22
CA GLY A 32 4.38 8.67 -7.40
C GLY A 32 5.53 7.71 -7.14
N PRO A 33 6.41 7.58 -8.16
CA PRO A 33 7.57 6.70 -8.06
C PRO A 33 8.64 7.32 -7.16
N GLU A 34 8.35 8.52 -6.68
CA GLU A 34 9.29 9.21 -5.81
C GLU A 34 8.93 8.96 -4.34
N VAL A 35 7.66 9.12 -4.03
CA VAL A 35 7.17 8.91 -2.68
C VAL A 35 7.39 7.45 -2.29
N GLU A 36 7.07 6.57 -3.21
CA GLU A 36 7.22 5.14 -2.98
C GLU A 36 8.68 4.81 -2.68
N THR A 37 9.55 5.77 -2.96
CA THR A 37 10.97 5.59 -2.74
C THR A 37 11.35 6.09 -1.35
N ILE A 38 11.17 7.39 -1.15
CA ILE A 38 11.48 8.01 0.12
C ILE A 38 10.60 7.40 1.22
N ALA A 39 9.33 7.23 0.89
CA ALA A 39 8.38 6.67 1.82
C ALA A 39 8.85 5.28 2.25
N LEU A 40 9.38 4.54 1.27
CA LEU A 40 9.88 3.20 1.54
C LEU A 40 11.23 3.29 2.22
N GLN A 41 12.06 4.18 1.70
CA GLN A 41 13.40 4.37 2.26
C GLN A 41 13.31 4.78 3.73
N ASN A 42 12.34 5.64 4.01
CA ASN A 42 12.14 6.12 5.37
C ASN A 42 11.45 5.03 6.19
N ASN A 43 10.32 4.58 5.67
CA ASN A 43 9.54 3.55 6.33
C ASN A 43 10.49 2.48 6.87
N ARG A 44 11.61 2.32 6.16
CA ARG A 44 12.60 1.32 6.55
C ARG A 44 12.85 1.39 8.06
N GLU A 45 13.22 2.58 8.51
CA GLU A 45 13.50 2.79 9.91
C GLU A 45 12.27 2.44 10.76
N ASN A 46 11.16 3.05 10.42
CA ASN A 46 9.91 2.81 11.14
C ASN A 46 9.62 1.31 11.13
N GLN A 47 9.26 0.80 12.30
CA GLN A 47 8.94 -0.60 12.45
C GLN A 47 7.45 -0.85 12.18
N ALA A 48 6.65 0.10 12.61
CA ALA A 48 5.21 0.01 12.43
C ALA A 48 4.91 -0.45 11.00
N PHE A 49 5.43 0.32 10.05
CA PHE A 49 5.23 0.02 8.64
C PHE A 49 5.98 -1.26 8.25
N SER A 50 5.61 -2.36 8.90
CA SER A 50 6.25 -3.64 8.63
C SER A 50 5.50 -4.36 7.50
N PHE A 51 4.20 -4.07 7.40
CA PHE A 51 3.38 -4.68 6.38
C PHE A 51 3.89 -4.35 4.98
N LEU A 52 4.78 -3.36 4.93
CA LEU A 52 5.36 -2.94 3.67
C LEU A 52 6.44 -3.94 3.25
N TYR A 53 6.91 -4.70 4.22
CA TYR A 53 7.94 -5.69 3.97
C TYR A 53 7.42 -7.11 4.25
N ASP A 54 6.23 -7.37 3.73
CA ASP A 54 5.62 -8.68 3.91
C ASP A 54 4.34 -8.76 3.09
N PRO A 55 4.42 -9.50 1.96
CA PRO A 55 3.28 -9.65 1.07
C PRO A 55 2.27 -10.63 1.66
N ASN A 56 2.76 -11.79 2.05
CA ASN A 56 1.91 -12.81 2.63
C ASN A 56 0.94 -12.16 3.62
N SER A 57 1.41 -11.09 4.24
CA SER A 57 0.61 -10.37 5.21
C SER A 57 -0.44 -9.52 4.49
N GLN A 58 -1.70 -9.77 4.84
CA GLN A 58 -2.80 -9.03 4.23
C GLN A 58 -2.50 -7.53 4.24
N GLY A 59 -1.87 -7.09 5.32
CA GLY A 59 -1.52 -5.69 5.46
C GLY A 59 -1.09 -5.09 4.13
N TYR A 60 -0.07 -5.69 3.55
CA TYR A 60 0.45 -5.23 2.27
C TYR A 60 -0.64 -5.26 1.20
N ARG A 61 -1.12 -6.47 0.91
CA ARG A 61 -2.16 -6.64 -0.08
C ARG A 61 -3.18 -5.51 0.01
N TYR A 62 -3.84 -5.45 1.16
CA TYR A 62 -4.85 -4.43 1.39
C TYR A 62 -4.29 -3.03 1.09
N TYR A 63 -3.07 -2.80 1.55
CA TYR A 63 -2.42 -1.53 1.35
C TYR A 63 -2.13 -1.29 -0.14
N ARG A 64 -1.85 -2.38 -0.84
CA ARG A 64 -1.56 -2.30 -2.25
C ARG A 64 -2.79 -1.86 -3.03
N GLN A 65 -3.93 -2.44 -2.66
CA GLN A 65 -5.19 -2.11 -3.30
C GLN A 65 -5.46 -0.61 -3.21
N LYS A 66 -5.42 -0.11 -1.98
CA LYS A 66 -5.66 1.31 -1.74
C LYS A 66 -4.72 2.13 -2.63
N LEU A 67 -3.56 1.56 -2.90
CA LEU A 67 -2.57 2.23 -3.72
C LEU A 67 -3.12 2.39 -5.14
N ASP A 68 -3.57 1.27 -5.69
CA ASP A 68 -4.12 1.26 -7.04
C ASP A 68 -5.45 2.02 -7.04
N GLU A 69 -6.27 1.71 -6.05
CA GLU A 69 -7.58 2.35 -5.94
C GLU A 69 -7.43 3.87 -6.10
N PHE A 70 -6.59 4.45 -5.27
CA PHE A 70 -6.35 5.88 -5.31
C PHE A 70 -5.64 6.28 -6.61
N ARG A 71 -4.61 5.51 -6.94
CA ARG A 71 -3.84 5.78 -8.14
C ARG A 71 -4.65 5.37 -9.38
N LYS A 72 -5.77 6.04 -9.56
CA LYS A 72 -6.63 5.76 -10.70
C LYS A 72 -5.80 5.84 -11.99
N SER A 73 -5.44 7.05 -12.36
CA SER A 73 -4.66 7.27 -13.56
C SER A 73 -3.41 6.39 -13.52
N GLY A 74 -2.99 5.97 -14.72
CA GLY A 74 -1.81 5.12 -14.84
C GLY A 74 -1.61 4.68 -16.28
N PRO A 75 -0.51 3.90 -16.50
CA PRO A 75 -0.18 3.40 -17.82
C PRO A 75 -1.12 2.26 -18.22
N SER A 76 -1.26 1.32 -17.30
CA SER A 76 -2.13 0.17 -17.53
C SER A 76 -3.37 0.26 -16.66
N SER A 77 -4.49 0.58 -17.29
CA SER A 77 -5.74 0.70 -16.59
C SER A 77 -6.65 -0.49 -16.92
N GLY A 78 -7.14 -1.14 -15.87
CA GLY A 78 -8.00 -2.30 -16.04
C GLY A 78 -7.50 -3.19 -17.17
N GLY A 1 0.13 -2.32 -16.87
CA GLY A 1 0.86 -1.96 -15.66
C GLY A 1 0.66 -3.02 -14.57
N SER A 2 1.51 -4.04 -14.61
CA SER A 2 1.44 -5.11 -13.63
C SER A 2 0.00 -5.60 -13.49
N SER A 3 -0.36 -6.54 -14.36
CA SER A 3 -1.71 -7.09 -14.34
C SER A 3 -1.64 -8.62 -14.26
N GLY A 4 -2.47 -9.17 -13.39
CA GLY A 4 -2.53 -10.61 -13.21
C GLY A 4 -3.82 -11.04 -12.52
N SER A 5 -3.74 -12.13 -11.79
CA SER A 5 -4.90 -12.66 -11.08
C SER A 5 -5.37 -11.64 -10.04
N SER A 6 -6.69 -11.59 -9.87
CA SER A 6 -7.29 -10.67 -8.92
C SER A 6 -7.03 -11.16 -7.49
N GLY A 7 -7.48 -12.37 -7.22
CA GLY A 7 -7.31 -12.97 -5.91
C GLY A 7 -8.02 -12.13 -4.84
N LYS A 8 -9.04 -12.73 -4.25
CA LYS A 8 -9.81 -12.05 -3.21
C LYS A 8 -9.08 -12.19 -1.87
N VAL A 9 -8.48 -11.08 -1.45
CA VAL A 9 -7.74 -11.07 -0.20
C VAL A 9 -8.65 -10.51 0.91
N SER A 10 -8.11 -10.53 2.12
CA SER A 10 -8.86 -10.03 3.27
C SER A 10 -8.06 -8.93 3.98
N PRO A 11 -8.78 -8.17 4.85
CA PRO A 11 -8.14 -7.10 5.59
C PRO A 11 -7.27 -7.64 6.72
N PRO A 12 -6.33 -6.78 7.19
CA PRO A 12 -5.44 -7.16 8.26
C PRO A 12 -6.15 -7.16 9.61
N GLU A 13 -5.45 -7.68 10.62
CA GLU A 13 -6.02 -7.75 11.95
C GLU A 13 -5.71 -6.46 12.73
N ASP A 14 -4.42 -6.21 12.89
CA ASP A 14 -3.97 -5.03 13.60
C ASP A 14 -4.66 -3.79 13.01
N GLU A 15 -5.50 -3.17 13.85
CA GLU A 15 -6.23 -1.99 13.42
C GLU A 15 -5.25 -0.89 12.99
N GLU A 16 -4.29 -0.62 13.87
CA GLU A 16 -3.31 0.41 13.59
C GLU A 16 -2.79 0.27 12.16
N ALA A 17 -2.81 -0.96 11.66
CA ALA A 17 -2.36 -1.23 10.31
C ALA A 17 -3.41 -0.76 9.31
N LYS A 18 -4.61 -1.31 9.46
CA LYS A 18 -5.71 -0.97 8.59
C LYS A 18 -5.69 0.54 8.32
N ASN A 19 -5.18 1.27 9.31
CA ASN A 19 -5.10 2.72 9.19
C ASN A 19 -3.78 3.10 8.53
N LEU A 20 -2.70 2.56 9.08
CA LEU A 20 -1.37 2.84 8.54
C LEU A 20 -1.36 2.54 7.05
N ALA A 21 -1.73 1.31 6.72
CA ALA A 21 -1.76 0.88 5.33
C ALA A 21 -2.43 1.96 4.48
N GLU A 22 -3.72 2.13 4.71
CA GLU A 22 -4.48 3.13 3.97
C GLU A 22 -3.69 4.43 3.87
N LYS A 23 -3.52 5.07 5.02
CA LYS A 23 -2.78 6.32 5.07
C LYS A 23 -1.57 6.24 4.14
N LEU A 24 -0.71 5.28 4.43
CA LEU A 24 0.49 5.09 3.62
C LEU A 24 0.14 5.27 2.15
N ALA A 25 -0.71 4.38 1.65
CA ALA A 25 -1.13 4.43 0.26
C ALA A 25 -1.72 5.82 -0.03
N ARG A 26 -2.70 6.19 0.78
CA ARG A 26 -3.34 7.48 0.61
C ARG A 26 -2.30 8.58 0.39
N PHE A 27 -1.15 8.39 1.01
CA PHE A 27 -0.07 9.34 0.90
C PHE A 27 0.81 9.05 -0.33
N ILE A 28 1.39 7.86 -0.32
CA ILE A 28 2.23 7.44 -1.42
C ILE A 28 1.47 7.61 -2.74
N ALA A 29 0.16 7.65 -2.63
CA ALA A 29 -0.69 7.81 -3.80
C ALA A 29 -0.72 9.27 -4.21
N ASP A 30 -0.55 10.14 -3.22
CA ASP A 30 -0.56 11.57 -3.46
C ASP A 30 0.76 11.98 -4.12
N GLY A 31 1.67 11.02 -4.19
CA GLY A 31 2.97 11.26 -4.78
C GLY A 31 3.13 10.48 -6.09
N GLY A 32 4.15 9.63 -6.11
CA GLY A 32 4.43 8.82 -7.29
C GLY A 32 5.58 7.86 -7.03
N PRO A 33 6.46 7.73 -8.07
CA PRO A 33 7.62 6.86 -7.96
C PRO A 33 8.70 7.47 -7.07
N GLU A 34 8.40 8.67 -6.58
CA GLU A 34 9.34 9.36 -5.71
C GLU A 34 8.99 9.13 -4.25
N VAL A 35 7.71 9.27 -3.95
CA VAL A 35 7.23 9.08 -2.59
C VAL A 35 7.45 7.60 -2.19
N GLU A 36 7.10 6.72 -3.09
CA GLU A 36 7.25 5.29 -2.85
C GLU A 36 8.73 4.95 -2.65
N THR A 37 9.58 5.90 -3.02
CA THR A 37 11.02 5.70 -2.89
C THR A 37 11.50 6.23 -1.54
N ILE A 38 11.22 7.51 -1.31
CA ILE A 38 11.62 8.15 -0.07
C ILE A 38 10.81 7.57 1.10
N ALA A 39 9.51 7.47 0.87
CA ALA A 39 8.61 6.93 1.88
C ALA A 39 9.10 5.55 2.30
N LEU A 40 9.56 4.80 1.32
CA LEU A 40 10.05 3.45 1.58
C LEU A 40 11.43 3.54 2.24
N GLN A 41 12.31 4.33 1.62
CA GLN A 41 13.65 4.50 2.13
C GLN A 41 13.60 5.03 3.57
N ASN A 42 12.49 5.67 3.90
CA ASN A 42 12.31 6.23 5.22
C ASN A 42 11.53 5.23 6.08
N ASN A 43 10.47 4.69 5.50
CA ASN A 43 9.63 3.74 6.20
C ASN A 43 10.44 2.46 6.45
N ARG A 44 11.59 2.38 5.81
CA ARG A 44 12.45 1.22 5.96
C ARG A 44 12.76 0.97 7.44
N GLU A 45 13.36 1.97 8.06
CA GLU A 45 13.70 1.88 9.47
C GLU A 45 12.44 1.68 10.31
N ASN A 46 11.40 2.40 9.93
CA ASN A 46 10.13 2.32 10.64
C ASN A 46 9.69 0.86 10.72
N GLN A 47 9.25 0.47 11.91
CA GLN A 47 8.80 -0.89 12.13
C GLN A 47 7.28 -0.99 11.93
N ALA A 48 6.59 0.00 12.47
CA ALA A 48 5.14 0.05 12.37
C ALA A 48 4.73 -0.31 10.95
N PHE A 49 5.47 0.24 9.99
CA PHE A 49 5.19 0.01 8.59
C PHE A 49 5.94 -1.23 8.09
N SER A 50 5.66 -2.36 8.73
CA SER A 50 6.29 -3.61 8.35
C SER A 50 5.45 -4.34 7.32
N PHE A 51 4.21 -3.89 7.19
CA PHE A 51 3.29 -4.50 6.24
C PHE A 51 3.71 -4.20 4.80
N LEU A 52 4.72 -3.35 4.68
CA LEU A 52 5.23 -2.96 3.38
C LEU A 52 6.30 -3.95 2.94
N TYR A 53 6.81 -4.69 3.91
CA TYR A 53 7.84 -5.68 3.64
C TYR A 53 7.39 -7.08 4.05
N ASP A 54 6.19 -7.43 3.59
CA ASP A 54 5.63 -8.73 3.90
C ASP A 54 4.31 -8.89 3.15
N PRO A 55 4.38 -9.65 2.02
CA PRO A 55 3.20 -9.90 1.20
C PRO A 55 2.28 -10.92 1.86
N ASN A 56 2.90 -11.86 2.56
CA ASN A 56 2.15 -12.90 3.24
C ASN A 56 1.06 -12.25 4.09
N SER A 57 1.44 -11.18 4.77
CA SER A 57 0.49 -10.47 5.62
C SER A 57 -0.61 -9.84 4.76
N GLN A 58 -1.69 -9.47 5.44
CA GLN A 58 -2.81 -8.86 4.76
C GLN A 58 -2.58 -7.36 4.60
N GLY A 59 -1.73 -6.82 5.45
CA GLY A 59 -1.41 -5.40 5.41
C GLY A 59 -0.92 -5.00 4.01
N TYR A 60 0.11 -5.70 3.55
CA TYR A 60 0.67 -5.43 2.23
C TYR A 60 -0.40 -5.47 1.15
N ARG A 61 -1.17 -6.55 1.17
CA ARG A 61 -2.24 -6.72 0.20
C ARG A 61 -3.24 -5.57 0.30
N TYR A 62 -3.91 -5.50 1.44
CA TYR A 62 -4.89 -4.47 1.68
C TYR A 62 -4.33 -3.09 1.31
N TYR A 63 -3.04 -2.92 1.56
CA TYR A 63 -2.37 -1.66 1.26
C TYR A 63 -2.28 -1.44 -0.24
N ARG A 64 -1.69 -2.40 -0.93
CA ARG A 64 -1.53 -2.32 -2.38
C ARG A 64 -2.86 -1.93 -3.03
N GLN A 65 -3.90 -2.68 -2.66
CA GLN A 65 -5.22 -2.43 -3.21
C GLN A 65 -5.55 -0.93 -3.14
N LYS A 66 -5.48 -0.40 -1.93
CA LYS A 66 -5.77 1.02 -1.73
C LYS A 66 -4.96 1.84 -2.72
N LEU A 67 -3.66 1.58 -2.75
CA LEU A 67 -2.77 2.29 -3.65
C LEU A 67 -3.38 2.32 -5.05
N ASP A 68 -3.43 1.15 -5.67
CA ASP A 68 -3.99 1.04 -7.00
C ASP A 68 -5.34 1.75 -7.06
N GLU A 69 -6.08 1.62 -5.97
CA GLU A 69 -7.39 2.25 -5.87
C GLU A 69 -7.30 3.73 -6.27
N PHE A 70 -6.50 4.46 -5.50
CA PHE A 70 -6.32 5.88 -5.77
C PHE A 70 -5.47 6.10 -7.02
N ARG A 71 -4.32 5.43 -7.04
CA ARG A 71 -3.42 5.55 -8.18
C ARG A 71 -4.21 5.57 -9.49
N LYS A 72 -4.87 4.46 -9.76
CA LYS A 72 -5.66 4.34 -10.98
C LYS A 72 -4.76 4.51 -12.19
N SER A 73 -4.30 3.38 -12.70
CA SER A 73 -3.43 3.37 -13.86
C SER A 73 -2.12 4.09 -13.53
N GLY A 74 -1.16 3.95 -14.43
CA GLY A 74 0.13 4.59 -14.24
C GLY A 74 0.91 4.67 -15.57
N PRO A 75 0.80 5.86 -16.22
CA PRO A 75 1.49 6.08 -17.48
C PRO A 75 3.00 6.27 -17.28
N SER A 76 3.75 5.37 -17.87
CA SER A 76 5.21 5.43 -17.76
C SER A 76 5.85 4.66 -18.91
N SER A 77 5.98 5.34 -20.04
CA SER A 77 6.57 4.74 -21.22
C SER A 77 5.87 3.42 -21.55
N GLY A 78 4.74 3.53 -22.22
CA GLY A 78 3.96 2.37 -22.60
C GLY A 78 4.38 1.86 -23.99
N GLY A 1 -1.28 -8.17 -25.17
CA GLY A 1 -1.42 -7.74 -23.79
C GLY A 1 -1.49 -8.95 -22.86
N SER A 2 -0.78 -8.84 -21.74
CA SER A 2 -0.76 -9.90 -20.76
C SER A 2 -1.22 -9.37 -19.40
N SER A 3 -2.07 -10.15 -18.75
CA SER A 3 -2.59 -9.77 -17.45
C SER A 3 -3.53 -10.86 -16.93
N GLY A 4 -3.74 -10.83 -15.61
CA GLY A 4 -4.61 -11.80 -14.98
C GLY A 4 -4.50 -11.73 -13.45
N SER A 5 -5.52 -12.24 -12.78
CA SER A 5 -5.55 -12.23 -11.33
C SER A 5 -6.67 -13.15 -10.83
N SER A 6 -6.55 -13.52 -9.56
CA SER A 6 -7.54 -14.39 -8.95
C SER A 6 -7.18 -14.65 -7.48
N GLY A 7 -7.80 -13.86 -6.61
CA GLY A 7 -7.54 -14.00 -5.18
C GLY A 7 -8.74 -13.51 -4.37
N LYS A 8 -8.58 -13.57 -3.05
CA LYS A 8 -9.64 -13.13 -2.15
C LYS A 8 -9.22 -11.84 -1.47
N VAL A 9 -8.07 -11.89 -0.82
CA VAL A 9 -7.55 -10.73 -0.12
C VAL A 9 -8.52 -10.33 1.00
N SER A 10 -7.94 -10.00 2.14
CA SER A 10 -8.74 -9.60 3.28
C SER A 10 -7.99 -8.56 4.12
N PRO A 11 -8.75 -7.85 4.99
CA PRO A 11 -8.16 -6.83 5.84
C PRO A 11 -7.37 -7.45 6.99
N PRO A 12 -6.37 -6.68 7.49
CA PRO A 12 -5.54 -7.15 8.58
C PRO A 12 -6.29 -7.09 9.91
N GLU A 13 -5.63 -7.55 10.96
CA GLU A 13 -6.22 -7.55 12.29
C GLU A 13 -5.84 -6.28 13.04
N ASP A 14 -4.55 -5.98 13.04
CA ASP A 14 -4.05 -4.80 13.71
C ASP A 14 -4.70 -3.55 13.09
N GLU A 15 -5.50 -2.88 13.91
CA GLU A 15 -6.19 -1.68 13.46
C GLU A 15 -5.16 -0.62 13.01
N GLU A 16 -4.18 -0.41 13.86
CA GLU A 16 -3.13 0.56 13.57
C GLU A 16 -2.61 0.37 12.14
N ALA A 17 -2.75 -0.85 11.66
CA ALA A 17 -2.30 -1.19 10.31
C ALA A 17 -3.34 -0.70 9.30
N LYS A 18 -4.54 -1.22 9.45
CA LYS A 18 -5.64 -0.84 8.56
C LYS A 18 -5.58 0.66 8.28
N ASN A 19 -5.05 1.39 9.26
CA ASN A 19 -4.94 2.83 9.13
C ASN A 19 -3.60 3.17 8.46
N LEU A 20 -2.54 2.60 9.00
CA LEU A 20 -1.21 2.83 8.45
C LEU A 20 -1.21 2.51 6.96
N ALA A 21 -1.68 1.31 6.65
CA ALA A 21 -1.74 0.87 5.27
C ALA A 21 -2.41 1.95 4.41
N GLU A 22 -3.70 2.12 4.64
CA GLU A 22 -4.48 3.11 3.92
C GLU A 22 -3.68 4.42 3.80
N LYS A 23 -3.44 5.03 4.95
CA LYS A 23 -2.71 6.28 5.00
C LYS A 23 -1.54 6.22 4.01
N LEU A 24 -0.64 5.27 4.26
CA LEU A 24 0.51 5.10 3.40
C LEU A 24 0.08 5.20 1.94
N ALA A 25 -0.64 4.19 1.49
CA ALA A 25 -1.11 4.17 0.11
C ALA A 25 -1.71 5.54 -0.24
N ARG A 26 -2.59 6.00 0.62
CA ARG A 26 -3.23 7.29 0.41
C ARG A 26 -2.18 8.37 0.16
N PHE A 27 -1.13 8.33 0.97
CA PHE A 27 -0.06 9.30 0.86
C PHE A 27 0.78 9.03 -0.39
N ILE A 28 1.36 7.84 -0.44
CA ILE A 28 2.18 7.46 -1.57
C ILE A 28 1.39 7.64 -2.87
N ALA A 29 0.07 7.53 -2.74
CA ALA A 29 -0.80 7.70 -3.89
C ALA A 29 -0.89 9.18 -4.25
N ASP A 30 -0.62 10.01 -3.27
CA ASP A 30 -0.66 11.45 -3.47
C ASP A 30 0.64 11.91 -4.13
N GLY A 31 1.59 10.99 -4.20
CA GLY A 31 2.88 11.28 -4.80
C GLY A 31 3.05 10.54 -6.12
N GLY A 32 4.08 9.70 -6.17
CA GLY A 32 4.36 8.93 -7.36
C GLY A 32 5.56 8.00 -7.14
N PRO A 33 6.42 7.93 -8.18
CA PRO A 33 7.61 7.07 -8.11
C PRO A 33 8.67 7.70 -7.21
N GLU A 34 8.36 8.87 -6.70
CA GLU A 34 9.28 9.58 -5.82
C GLU A 34 8.94 9.29 -4.35
N VAL A 35 7.66 9.42 -4.04
CA VAL A 35 7.20 9.18 -2.68
C VAL A 35 7.46 7.72 -2.31
N GLU A 36 7.19 6.84 -3.25
CA GLU A 36 7.39 5.41 -3.05
C GLU A 36 8.87 5.13 -2.71
N THR A 37 9.69 6.14 -2.95
CA THR A 37 11.11 6.01 -2.68
C THR A 37 11.43 6.49 -1.25
N ILE A 38 11.22 7.79 -1.04
CA ILE A 38 11.47 8.37 0.26
C ILE A 38 10.58 7.70 1.31
N ALA A 39 9.33 7.48 0.92
CA ALA A 39 8.36 6.86 1.80
C ALA A 39 8.87 5.47 2.20
N LEU A 40 9.40 4.76 1.21
CA LEU A 40 9.92 3.42 1.44
C LEU A 40 11.25 3.53 2.19
N GLN A 41 12.17 4.28 1.60
CA GLN A 41 13.48 4.46 2.20
C GLN A 41 13.35 4.83 3.67
N ASN A 42 12.25 5.51 3.98
CA ASN A 42 11.98 5.92 5.35
C ASN A 42 11.36 4.76 6.12
N ASN A 43 10.24 4.28 5.60
CA ASN A 43 9.54 3.17 6.22
C ASN A 43 10.53 2.08 6.60
N ARG A 44 11.63 2.04 5.85
CA ARG A 44 12.66 1.05 6.10
C ARG A 44 13.09 1.09 7.57
N GLU A 45 13.29 2.29 8.06
CA GLU A 45 13.70 2.47 9.45
C GLU A 45 12.55 2.14 10.39
N ASN A 46 11.35 2.56 9.99
CA ASN A 46 10.16 2.31 10.79
C ASN A 46 9.88 0.81 10.82
N GLN A 47 9.53 0.33 12.00
CA GLN A 47 9.23 -1.07 12.18
C GLN A 47 7.73 -1.34 11.96
N ALA A 48 6.92 -0.52 12.62
CA ALA A 48 5.47 -0.66 12.50
C ALA A 48 5.12 -0.93 11.04
N PHE A 49 5.70 -0.13 10.16
CA PHE A 49 5.44 -0.27 8.73
C PHE A 49 6.09 -1.54 8.18
N SER A 50 5.65 -2.67 8.71
CA SER A 50 6.16 -3.95 8.29
C SER A 50 5.26 -4.55 7.21
N PHE A 51 3.99 -4.22 7.30
CA PHE A 51 3.01 -4.71 6.34
C PHE A 51 3.40 -4.31 4.91
N LEU A 52 4.31 -3.36 4.83
CA LEU A 52 4.77 -2.88 3.53
C LEU A 52 5.70 -3.92 2.91
N TYR A 53 6.40 -4.64 3.77
CA TYR A 53 7.32 -5.67 3.33
C TYR A 53 6.70 -7.06 3.47
N ASP A 54 6.40 -7.42 4.71
CA ASP A 54 5.80 -8.72 4.99
C ASP A 54 4.61 -8.94 4.05
N PRO A 55 4.81 -9.83 3.05
CA PRO A 55 3.77 -10.14 2.10
C PRO A 55 2.70 -11.03 2.72
N ASN A 56 3.16 -12.09 3.37
CA ASN A 56 2.26 -13.03 4.01
C ASN A 56 1.19 -12.26 4.79
N SER A 57 1.58 -11.07 5.25
CA SER A 57 0.67 -10.24 6.01
C SER A 57 -0.36 -9.61 5.07
N GLN A 58 -1.63 -9.83 5.40
CA GLN A 58 -2.71 -9.29 4.59
C GLN A 58 -2.58 -7.77 4.47
N GLY A 59 -1.88 -7.19 5.43
CA GLY A 59 -1.67 -5.76 5.44
C GLY A 59 -1.04 -5.28 4.13
N TYR A 60 -0.08 -6.06 3.65
CA TYR A 60 0.61 -5.74 2.42
C TYR A 60 -0.37 -5.69 1.25
N ARG A 61 -1.32 -6.61 1.26
CA ARG A 61 -2.32 -6.68 0.21
C ARG A 61 -3.24 -5.46 0.28
N TYR A 62 -4.05 -5.43 1.31
CA TYR A 62 -4.99 -4.33 1.51
C TYR A 62 -4.32 -2.99 1.20
N TYR A 63 -3.04 -2.91 1.53
CA TYR A 63 -2.28 -1.70 1.30
C TYR A 63 -2.15 -1.40 -0.19
N ARG A 64 -1.68 -2.40 -0.93
CA ARG A 64 -1.50 -2.26 -2.36
C ARG A 64 -2.83 -1.87 -3.02
N GLN A 65 -3.87 -2.62 -2.67
CA GLN A 65 -5.19 -2.37 -3.23
C GLN A 65 -5.50 -0.87 -3.20
N LYS A 66 -5.40 -0.31 -2.01
CA LYS A 66 -5.66 1.11 -1.83
C LYS A 66 -4.82 1.91 -2.83
N LEU A 67 -3.57 1.51 -2.95
CA LEU A 67 -2.65 2.17 -3.86
C LEU A 67 -3.23 2.14 -5.27
N ASP A 68 -3.44 0.93 -5.77
CA ASP A 68 -3.98 0.75 -7.11
C ASP A 68 -5.30 1.52 -7.22
N GLU A 69 -5.99 1.63 -6.09
CA GLU A 69 -7.25 2.34 -6.05
C GLU A 69 -7.02 3.85 -6.13
N PHE A 70 -6.49 4.40 -5.04
CA PHE A 70 -6.22 5.82 -4.98
C PHE A 70 -5.50 6.30 -6.23
N ARG A 71 -4.36 5.67 -6.51
CA ARG A 71 -3.57 6.01 -7.67
C ARG A 71 -4.48 6.31 -8.86
N LYS A 72 -5.28 5.31 -9.21
CA LYS A 72 -6.20 5.46 -10.33
C LYS A 72 -5.47 6.11 -11.51
N SER A 73 -4.84 5.27 -12.31
CA SER A 73 -4.11 5.74 -13.48
C SER A 73 -2.99 6.70 -13.03
N GLY A 74 -1.77 6.25 -13.24
CA GLY A 74 -0.61 7.05 -12.87
C GLY A 74 0.19 7.47 -14.10
N PRO A 75 1.47 7.87 -13.86
CA PRO A 75 2.34 8.30 -14.94
C PRO A 75 2.82 7.10 -15.76
N SER A 76 3.11 6.02 -15.05
CA SER A 76 3.59 4.80 -15.71
C SER A 76 2.44 3.81 -15.84
N SER A 77 2.26 3.32 -17.06
CA SER A 77 1.21 2.36 -17.33
C SER A 77 1.37 1.78 -18.75
N GLY A 78 1.68 0.49 -18.79
CA GLY A 78 1.87 -0.18 -20.06
C GLY A 78 3.30 -0.71 -20.19
N GLY A 1 7.48 -1.02 -17.86
CA GLY A 1 6.44 -2.02 -17.73
C GLY A 1 6.05 -2.23 -16.26
N SER A 2 4.90 -2.84 -16.08
CA SER A 2 4.40 -3.11 -14.73
C SER A 2 3.06 -3.85 -14.80
N SER A 3 2.91 -4.81 -13.91
CA SER A 3 1.69 -5.60 -13.86
C SER A 3 1.71 -6.53 -12.64
N GLY A 4 0.53 -7.01 -12.28
CA GLY A 4 0.40 -7.90 -11.14
C GLY A 4 -1.06 -8.14 -10.78
N SER A 5 -1.29 -9.13 -9.94
CA SER A 5 -2.64 -9.47 -9.52
C SER A 5 -2.83 -9.09 -8.05
N SER A 6 -4.08 -9.17 -7.61
CA SER A 6 -4.41 -8.85 -6.23
C SER A 6 -5.32 -9.93 -5.64
N GLY A 7 -6.45 -10.13 -6.29
CA GLY A 7 -7.40 -11.14 -5.85
C GLY A 7 -8.23 -10.62 -4.67
N LYS A 8 -9.24 -11.39 -4.31
CA LYS A 8 -10.11 -11.02 -3.20
C LYS A 8 -9.38 -11.26 -1.88
N VAL A 9 -8.61 -10.26 -1.48
CA VAL A 9 -7.85 -10.33 -0.25
C VAL A 9 -8.73 -9.85 0.91
N SER A 10 -8.32 -10.21 2.12
CA SER A 10 -9.05 -9.83 3.31
C SER A 10 -8.25 -8.77 4.09
N PRO A 11 -8.96 -8.11 5.05
CA PRO A 11 -8.34 -7.08 5.86
C PRO A 11 -7.43 -7.71 6.92
N PRO A 12 -6.46 -6.88 7.41
CA PRO A 12 -5.53 -7.35 8.43
C PRO A 12 -6.20 -7.41 9.80
N GLU A 13 -5.48 -7.99 10.74
CA GLU A 13 -5.99 -8.13 12.10
C GLU A 13 -5.31 -7.12 13.03
N ASP A 14 -5.23 -5.89 12.55
CA ASP A 14 -4.61 -4.83 13.32
C ASP A 14 -5.07 -3.47 12.77
N GLU A 15 -5.94 -2.83 13.53
CA GLU A 15 -6.46 -1.53 13.14
C GLU A 15 -5.30 -0.57 12.82
N GLU A 16 -4.41 -0.44 13.79
CA GLU A 16 -3.26 0.45 13.63
C GLU A 16 -2.66 0.28 12.23
N ALA A 17 -2.86 -0.91 11.68
CA ALA A 17 -2.34 -1.20 10.35
C ALA A 17 -3.36 -0.77 9.30
N LYS A 18 -4.55 -1.33 9.42
CA LYS A 18 -5.63 -1.01 8.49
C LYS A 18 -5.61 0.48 8.19
N ASN A 19 -5.14 1.25 9.17
CA ASN A 19 -5.07 2.69 9.02
C ASN A 19 -3.74 3.06 8.35
N LEU A 20 -2.67 2.52 8.91
CA LEU A 20 -1.34 2.77 8.37
C LEU A 20 -1.31 2.42 6.88
N ALA A 21 -1.76 1.21 6.59
CA ALA A 21 -1.79 0.73 5.22
C ALA A 21 -2.49 1.77 4.33
N GLU A 22 -3.73 2.07 4.70
CA GLU A 22 -4.50 3.04 3.95
C GLU A 22 -3.75 4.37 3.85
N LYS A 23 -3.39 4.88 5.02
CA LYS A 23 -2.66 6.14 5.09
C LYS A 23 -1.45 6.08 4.16
N LEU A 24 -0.52 5.20 4.49
CA LEU A 24 0.68 5.03 3.70
C LEU A 24 0.32 5.09 2.22
N ALA A 25 -0.61 4.24 1.82
CA ALA A 25 -1.05 4.19 0.44
C ALA A 25 -1.56 5.57 0.03
N ARG A 26 -2.55 6.05 0.78
CA ARG A 26 -3.13 7.35 0.50
C ARG A 26 -2.04 8.38 0.21
N PHE A 27 -0.98 8.30 1.01
CA PHE A 27 0.14 9.21 0.85
C PHE A 27 0.92 8.91 -0.43
N ILE A 28 1.57 7.76 -0.44
CA ILE A 28 2.35 7.34 -1.58
C ILE A 28 1.52 7.51 -2.86
N ALA A 29 0.21 7.38 -2.68
CA ALA A 29 -0.70 7.52 -3.80
C ALA A 29 -0.66 8.97 -4.31
N ASP A 30 -0.58 9.89 -3.37
CA ASP A 30 -0.54 11.30 -3.70
C ASP A 30 0.77 11.61 -4.44
N GLY A 31 1.68 10.66 -4.37
CA GLY A 31 2.98 10.81 -5.02
C GLY A 31 3.06 9.95 -6.27
N GLY A 32 4.04 9.05 -6.27
CA GLY A 32 4.24 8.16 -7.41
C GLY A 32 5.46 7.26 -7.18
N PRO A 33 6.26 7.09 -8.27
CA PRO A 33 7.45 6.27 -8.21
C PRO A 33 8.57 6.97 -7.45
N GLU A 34 8.29 8.20 -7.04
CA GLU A 34 9.26 8.99 -6.32
C GLU A 34 9.03 8.84 -4.80
N VAL A 35 7.78 8.97 -4.41
CA VAL A 35 7.42 8.85 -3.00
C VAL A 35 7.70 7.41 -2.53
N GLU A 36 7.40 6.47 -3.41
CA GLU A 36 7.61 5.06 -3.10
C GLU A 36 9.07 4.82 -2.75
N THR A 37 9.90 5.80 -3.07
CA THR A 37 11.33 5.70 -2.80
C THR A 37 11.64 6.24 -1.40
N ILE A 38 11.41 7.54 -1.25
CA ILE A 38 11.66 8.20 0.02
C ILE A 38 10.73 7.62 1.08
N ALA A 39 9.48 7.43 0.70
CA ALA A 39 8.48 6.88 1.60
C ALA A 39 8.96 5.52 2.12
N LEU A 40 9.55 4.75 1.21
CA LEU A 40 10.05 3.44 1.56
C LEU A 40 11.37 3.58 2.32
N GLN A 41 12.26 4.36 1.75
CA GLN A 41 13.56 4.59 2.36
C GLN A 41 13.39 5.02 3.82
N ASN A 42 12.30 5.73 4.07
CA ASN A 42 12.01 6.20 5.41
C ASN A 42 11.35 5.07 6.22
N ASN A 43 10.22 4.60 5.71
CA ASN A 43 9.49 3.53 6.37
C ASN A 43 10.47 2.43 6.77
N ARG A 44 11.51 2.28 5.97
CA ARG A 44 12.52 1.27 6.23
C ARG A 44 12.99 1.36 7.69
N GLU A 45 13.11 2.58 8.17
CA GLU A 45 13.54 2.82 9.53
C GLU A 45 12.42 2.46 10.51
N ASN A 46 11.20 2.78 10.11
CA ASN A 46 10.05 2.51 10.94
C ASN A 46 9.78 1.00 10.95
N GLN A 47 9.40 0.50 12.12
CA GLN A 47 9.12 -0.91 12.28
C GLN A 47 7.63 -1.19 12.02
N ALA A 48 6.79 -0.38 12.64
CA ALA A 48 5.36 -0.52 12.49
C ALA A 48 5.03 -0.84 11.03
N PHE A 49 5.61 -0.05 10.13
CA PHE A 49 5.40 -0.23 8.72
C PHE A 49 6.07 -1.51 8.22
N SER A 50 5.64 -2.62 8.77
CA SER A 50 6.20 -3.92 8.40
C SER A 50 5.32 -4.57 7.32
N PHE A 51 4.06 -4.17 7.31
CA PHE A 51 3.12 -4.70 6.34
C PHE A 51 3.51 -4.30 4.91
N LEU A 52 4.44 -3.37 4.83
CA LEU A 52 4.91 -2.89 3.54
C LEU A 52 5.91 -3.90 2.97
N TYR A 53 6.69 -4.48 3.85
CA TYR A 53 7.69 -5.46 3.45
C TYR A 53 7.11 -6.87 3.50
N ASP A 54 6.73 -7.27 4.71
CA ASP A 54 6.17 -8.60 4.91
C ASP A 54 4.95 -8.78 4.01
N PRO A 55 5.13 -9.65 2.98
CA PRO A 55 4.05 -9.91 2.04
C PRO A 55 2.98 -10.82 2.66
N ASN A 56 3.44 -11.91 3.24
CA ASN A 56 2.55 -12.86 3.88
C ASN A 56 1.48 -12.09 4.67
N SER A 57 1.88 -10.92 5.15
CA SER A 57 0.98 -10.09 5.93
C SER A 57 -0.07 -9.47 5.01
N GLN A 58 -1.31 -9.93 5.19
CA GLN A 58 -2.42 -9.44 4.39
C GLN A 58 -2.34 -7.91 4.28
N GLY A 59 -1.74 -7.30 5.28
CA GLY A 59 -1.60 -5.86 5.31
C GLY A 59 -0.93 -5.35 4.04
N TYR A 60 0.05 -6.10 3.58
CA TYR A 60 0.77 -5.74 2.36
C TYR A 60 -0.17 -5.68 1.15
N ARG A 61 -1.10 -6.62 1.14
CA ARG A 61 -2.06 -6.69 0.05
C ARG A 61 -3.07 -5.54 0.16
N TYR A 62 -3.83 -5.57 1.25
CA TYR A 62 -4.83 -4.54 1.49
C TYR A 62 -4.25 -3.14 1.25
N TYR A 63 -2.95 -3.02 1.53
CA TYR A 63 -2.27 -1.75 1.35
C TYR A 63 -2.17 -1.39 -0.13
N ARG A 64 -1.51 -2.26 -0.87
CA ARG A 64 -1.33 -2.06 -2.31
C ARG A 64 -2.67 -1.71 -2.97
N GLN A 65 -3.66 -2.54 -2.69
CA GLN A 65 -4.99 -2.32 -3.24
C GLN A 65 -5.38 -0.84 -3.16
N LYS A 66 -5.45 -0.36 -1.93
CA LYS A 66 -5.81 1.04 -1.70
C LYS A 66 -5.00 1.92 -2.66
N LEU A 67 -3.72 1.62 -2.76
CA LEU A 67 -2.83 2.38 -3.63
C LEU A 67 -3.50 2.55 -5.00
N ASP A 68 -3.70 1.43 -5.68
CA ASP A 68 -4.31 1.45 -6.99
C ASP A 68 -5.67 2.16 -6.90
N GLU A 69 -6.37 1.89 -5.81
CA GLU A 69 -7.67 2.50 -5.60
C GLU A 69 -7.60 4.01 -5.83
N PHE A 70 -6.74 4.66 -5.06
CA PHE A 70 -6.56 6.09 -5.17
C PHE A 70 -5.92 6.47 -6.51
N ARG A 71 -4.80 5.81 -6.79
CA ARG A 71 -4.09 6.07 -8.03
C ARG A 71 -5.07 6.21 -9.19
N LYS A 72 -5.85 5.17 -9.41
CA LYS A 72 -6.83 5.19 -10.48
C LYS A 72 -6.13 5.46 -11.82
N SER A 73 -5.99 4.42 -12.61
CA SER A 73 -5.34 4.54 -13.90
C SER A 73 -6.20 3.90 -14.99
N GLY A 74 -7.20 4.66 -15.43
CA GLY A 74 -8.10 4.20 -16.46
C GLY A 74 -9.38 3.60 -15.84
N PRO A 75 -10.46 3.61 -16.66
CA PRO A 75 -11.74 3.09 -16.21
C PRO A 75 -11.73 1.57 -16.18
N SER A 76 -11.48 1.03 -15.00
CA SER A 76 -11.44 -0.41 -14.81
C SER A 76 -10.16 -0.98 -15.42
N SER A 77 -10.05 -0.84 -16.73
CA SER A 77 -8.88 -1.33 -17.45
C SER A 77 -8.11 -0.15 -18.05
N GLY A 78 -8.72 0.47 -19.04
CA GLY A 78 -8.10 1.60 -19.71
C GLY A 78 -8.81 1.93 -21.02
N GLY A 1 4.33 -3.69 -11.17
CA GLY A 1 3.76 -4.96 -10.77
C GLY A 1 2.32 -5.12 -11.28
N SER A 2 2.02 -6.33 -11.72
CA SER A 2 0.69 -6.62 -12.25
C SER A 2 0.52 -8.13 -12.42
N SER A 3 -0.37 -8.69 -11.61
CA SER A 3 -0.64 -10.11 -11.66
C SER A 3 -2.03 -10.40 -11.10
N GLY A 4 -2.68 -11.39 -11.69
CA GLY A 4 -4.01 -11.78 -11.26
C GLY A 4 -4.94 -10.56 -11.19
N SER A 5 -6.11 -10.79 -10.61
CA SER A 5 -7.09 -9.72 -10.47
C SER A 5 -7.05 -9.17 -9.04
N SER A 6 -7.29 -10.07 -8.09
CA SER A 6 -7.30 -9.69 -6.69
C SER A 6 -7.57 -10.91 -5.81
N GLY A 7 -8.48 -11.75 -6.29
CA GLY A 7 -8.85 -12.95 -5.56
C GLY A 7 -9.35 -12.61 -4.15
N LYS A 8 -8.72 -13.24 -3.18
CA LYS A 8 -9.10 -13.02 -1.79
C LYS A 8 -8.17 -11.97 -1.18
N VAL A 9 -8.76 -10.87 -0.75
CA VAL A 9 -8.00 -9.79 -0.15
C VAL A 9 -8.73 -9.30 1.11
N SER A 10 -8.27 -9.83 2.25
CA SER A 10 -8.86 -9.47 3.52
C SER A 10 -7.98 -8.44 4.23
N PRO A 11 -8.57 -7.80 5.28
CA PRO A 11 -7.85 -6.80 6.04
C PRO A 11 -6.82 -7.44 6.97
N PRO A 12 -5.87 -6.60 7.46
CA PRO A 12 -4.82 -7.08 8.35
C PRO A 12 -5.38 -7.32 9.74
N GLU A 13 -4.48 -7.75 10.63
CA GLU A 13 -4.86 -8.03 12.01
C GLU A 13 -4.23 -7.00 12.95
N ASP A 14 -4.45 -5.73 12.63
CA ASP A 14 -3.92 -4.65 13.43
C ASP A 14 -4.47 -3.32 12.93
N GLU A 15 -5.22 -2.65 13.80
CA GLU A 15 -5.81 -1.36 13.46
C GLU A 15 -4.73 -0.40 12.98
N GLU A 16 -3.71 -0.23 13.81
CA GLU A 16 -2.61 0.66 13.49
C GLU A 16 -2.18 0.46 12.04
N ALA A 17 -2.30 -0.78 11.58
CA ALA A 17 -1.92 -1.11 10.21
C ALA A 17 -3.02 -0.66 9.26
N LYS A 18 -4.21 -1.19 9.49
CA LYS A 18 -5.35 -0.84 8.66
C LYS A 18 -5.33 0.65 8.35
N ASN A 19 -4.77 1.41 9.28
CA ASN A 19 -4.67 2.85 9.13
C ASN A 19 -3.39 3.18 8.36
N LEU A 20 -2.29 2.65 8.86
CA LEU A 20 -1.00 2.89 8.23
C LEU A 20 -1.09 2.56 6.73
N ALA A 21 -1.59 1.37 6.46
CA ALA A 21 -1.74 0.92 5.09
C ALA A 21 -2.46 1.99 4.27
N GLU A 22 -3.72 2.20 4.62
CA GLU A 22 -4.53 3.20 3.94
C GLU A 22 -3.75 4.51 3.79
N LYS A 23 -3.32 5.04 4.93
CA LYS A 23 -2.56 6.28 4.95
C LYS A 23 -1.42 6.18 3.95
N LEU A 24 -0.44 5.36 4.31
CA LEU A 24 0.73 5.17 3.46
C LEU A 24 0.28 5.10 2.00
N ALA A 25 -0.86 4.46 1.79
CA ALA A 25 -1.41 4.32 0.45
C ALA A 25 -1.82 5.69 -0.07
N ARG A 26 -2.89 6.22 0.51
CA ARG A 26 -3.40 7.52 0.13
C ARG A 26 -2.26 8.54 0.05
N PHE A 27 -1.25 8.32 0.88
CA PHE A 27 -0.10 9.20 0.91
C PHE A 27 0.77 9.02 -0.34
N ILE A 28 1.26 7.81 -0.51
CA ILE A 28 2.09 7.50 -1.66
C ILE A 28 1.33 7.82 -2.94
N ALA A 29 0.07 7.43 -2.96
CA ALA A 29 -0.78 7.66 -4.11
C ALA A 29 -0.86 9.17 -4.38
N ASP A 30 -0.63 9.94 -3.33
CA ASP A 30 -0.67 11.39 -3.44
C ASP A 30 0.64 11.88 -4.05
N GLY A 31 1.63 11.01 -4.05
CA GLY A 31 2.94 11.34 -4.60
C GLY A 31 3.16 10.64 -5.94
N GLY A 32 4.20 9.82 -5.97
CA GLY A 32 4.54 9.09 -7.19
C GLY A 32 5.75 8.19 -6.96
N PRO A 33 6.67 8.19 -7.97
CA PRO A 33 7.87 7.37 -7.89
C PRO A 33 8.89 8.00 -6.94
N GLU A 34 8.52 9.16 -6.41
CA GLU A 34 9.39 9.86 -5.48
C GLU A 34 9.03 9.53 -4.04
N VAL A 35 7.73 9.58 -3.77
CA VAL A 35 7.23 9.27 -2.43
C VAL A 35 7.50 7.80 -2.11
N GLU A 36 7.28 6.96 -3.12
CA GLU A 36 7.50 5.53 -2.95
C GLU A 36 8.95 5.25 -2.56
N THR A 37 9.78 6.27 -2.74
CA THR A 37 11.19 6.15 -2.41
C THR A 37 11.45 6.63 -0.97
N ILE A 38 11.16 7.90 -0.75
CA ILE A 38 11.35 8.48 0.56
C ILE A 38 10.45 7.78 1.57
N ALA A 39 9.22 7.51 1.15
CA ALA A 39 8.25 6.84 1.99
C ALA A 39 8.78 5.45 2.36
N LEU A 40 9.28 4.76 1.35
CA LEU A 40 9.82 3.42 1.55
C LEU A 40 11.14 3.52 2.33
N GLN A 41 12.11 4.17 1.71
CA GLN A 41 13.41 4.34 2.32
C GLN A 41 13.25 4.71 3.79
N ASN A 42 12.13 5.34 4.10
CA ASN A 42 11.85 5.75 5.47
C ASN A 42 11.30 4.56 6.25
N ASN A 43 10.17 4.04 5.77
CA ASN A 43 9.54 2.90 6.40
C ASN A 43 10.60 1.87 6.78
N ARG A 44 11.65 1.82 5.96
CA ARG A 44 12.73 0.89 6.19
C ARG A 44 13.14 0.90 7.67
N GLU A 45 13.29 2.11 8.20
CA GLU A 45 13.68 2.27 9.59
C GLU A 45 12.53 1.88 10.51
N ASN A 46 11.34 2.31 10.13
CA ASN A 46 10.14 2.01 10.91
C ASN A 46 9.86 0.52 10.85
N GLN A 47 9.42 -0.02 11.97
CA GLN A 47 9.12 -1.43 12.07
C GLN A 47 7.62 -1.67 11.80
N ALA A 48 6.80 -0.89 12.48
CA ALA A 48 5.36 -1.02 12.32
C ALA A 48 5.03 -1.18 10.83
N PHE A 49 5.75 -0.43 10.01
CA PHE A 49 5.54 -0.49 8.57
C PHE A 49 6.16 -1.75 7.98
N SER A 50 5.75 -2.88 8.53
CA SER A 50 6.25 -4.17 8.07
C SER A 50 5.26 -4.78 7.07
N PHE A 51 4.05 -4.26 7.08
CA PHE A 51 3.02 -4.74 6.18
C PHE A 51 3.34 -4.37 4.72
N LEU A 52 4.39 -3.57 4.56
CA LEU A 52 4.80 -3.13 3.25
C LEU A 52 5.76 -4.17 2.64
N TYR A 53 6.54 -4.78 3.53
CA TYR A 53 7.50 -5.79 3.10
C TYR A 53 6.87 -7.19 3.13
N ASP A 54 6.45 -7.59 4.32
CA ASP A 54 5.84 -8.89 4.49
C ASP A 54 4.58 -8.97 3.63
N PRO A 55 4.65 -9.83 2.58
CA PRO A 55 3.51 -10.01 1.68
C PRO A 55 2.42 -10.86 2.33
N ASN A 56 2.86 -11.93 2.98
CA ASN A 56 1.93 -12.83 3.64
C ASN A 56 0.97 -12.01 4.51
N SER A 57 1.46 -10.87 4.98
CA SER A 57 0.66 -10.00 5.81
C SER A 57 -0.42 -9.32 4.96
N GLN A 58 -1.65 -9.74 5.17
CA GLN A 58 -2.77 -9.19 4.43
C GLN A 58 -2.63 -7.68 4.32
N GLY A 59 -2.02 -7.09 5.34
CA GLY A 59 -1.83 -5.65 5.37
C GLY A 59 -1.20 -5.16 4.06
N TYR A 60 -0.26 -5.94 3.57
CA TYR A 60 0.42 -5.60 2.33
C TYR A 60 -0.56 -5.52 1.16
N ARG A 61 -1.39 -6.56 1.05
CA ARG A 61 -2.37 -6.61 -0.01
C ARG A 61 -3.35 -5.43 0.11
N TYR A 62 -4.03 -5.38 1.23
CA TYR A 62 -4.99 -4.32 1.48
C TYR A 62 -4.37 -2.94 1.19
N TYR A 63 -3.07 -2.84 1.47
CA TYR A 63 -2.36 -1.60 1.25
C TYR A 63 -2.18 -1.32 -0.25
N ARG A 64 -1.68 -2.34 -0.94
CA ARG A 64 -1.46 -2.23 -2.37
C ARG A 64 -2.77 -1.88 -3.09
N GLN A 65 -3.80 -2.61 -2.72
CA GLN A 65 -5.11 -2.39 -3.32
C GLN A 65 -5.48 -0.91 -3.27
N LYS A 66 -5.52 -0.37 -2.06
CA LYS A 66 -5.85 1.03 -1.86
C LYS A 66 -4.95 1.89 -2.76
N LEU A 67 -3.72 1.44 -2.93
CA LEU A 67 -2.76 2.14 -3.75
C LEU A 67 -3.22 2.10 -5.22
N ASP A 68 -3.38 0.88 -5.70
CA ASP A 68 -3.80 0.69 -7.09
C ASP A 68 -5.19 1.31 -7.27
N GLU A 69 -5.91 1.42 -6.17
CA GLU A 69 -7.25 1.99 -6.20
C GLU A 69 -7.17 3.52 -6.32
N PHE A 70 -6.74 4.14 -5.24
CA PHE A 70 -6.62 5.59 -5.21
C PHE A 70 -5.98 6.11 -6.50
N ARG A 71 -4.86 5.52 -6.85
CA ARG A 71 -4.14 5.91 -8.06
C ARG A 71 -5.12 5.99 -9.24
N LYS A 72 -5.85 4.90 -9.44
CA LYS A 72 -6.81 4.83 -10.52
C LYS A 72 -7.82 5.98 -10.38
N SER A 73 -8.62 5.90 -9.33
CA SER A 73 -9.63 6.91 -9.08
C SER A 73 -9.87 7.02 -7.57
N GLY A 74 -10.30 5.91 -6.99
CA GLY A 74 -10.58 5.87 -5.57
C GLY A 74 -11.34 7.13 -5.12
N PRO A 75 -12.70 7.04 -5.19
CA PRO A 75 -13.54 8.16 -4.80
C PRO A 75 -13.59 8.30 -3.28
N SER A 76 -12.51 8.81 -2.73
CA SER A 76 -12.41 9.00 -1.29
C SER A 76 -13.57 9.89 -0.81
N SER A 77 -13.56 11.12 -1.28
CA SER A 77 -14.59 12.08 -0.91
C SER A 77 -15.93 11.66 -1.51
N GLY A 78 -15.94 11.54 -2.83
CA GLY A 78 -17.15 11.15 -3.54
C GLY A 78 -18.16 12.30 -3.58
N GLY A 1 3.28 -5.89 -18.79
CA GLY A 1 2.09 -5.85 -19.63
C GLY A 1 1.30 -7.16 -19.52
N SER A 2 0.76 -7.39 -18.34
CA SER A 2 -0.02 -8.59 -18.09
C SER A 2 -1.49 -8.32 -18.38
N SER A 3 -2.23 -9.40 -18.61
CA SER A 3 -3.65 -9.31 -18.90
C SER A 3 -4.44 -10.25 -17.99
N GLY A 4 -5.64 -9.82 -17.65
CA GLY A 4 -6.50 -10.62 -16.79
C GLY A 4 -6.66 -9.97 -15.41
N SER A 5 -7.91 -9.66 -15.08
CA SER A 5 -8.20 -9.04 -13.79
C SER A 5 -8.90 -10.04 -12.88
N SER A 6 -8.26 -10.31 -11.75
CA SER A 6 -8.80 -11.24 -10.78
C SER A 6 -7.88 -11.34 -9.56
N GLY A 7 -8.48 -11.62 -8.42
CA GLY A 7 -7.73 -11.75 -7.18
C GLY A 7 -8.25 -10.77 -6.13
N LYS A 8 -8.65 -11.33 -5.00
CA LYS A 8 -9.17 -10.52 -3.90
C LYS A 8 -8.46 -10.92 -2.61
N VAL A 9 -8.35 -9.95 -1.71
CA VAL A 9 -7.70 -10.19 -0.43
C VAL A 9 -8.58 -9.63 0.70
N SER A 10 -8.38 -10.17 1.89
CA SER A 10 -9.13 -9.73 3.04
C SER A 10 -8.34 -8.68 3.82
N PRO A 11 -9.06 -7.97 4.72
CA PRO A 11 -8.44 -6.94 5.55
C PRO A 11 -7.59 -7.56 6.66
N PRO A 12 -6.58 -6.77 7.11
CA PRO A 12 -5.69 -7.24 8.17
C PRO A 12 -6.39 -7.19 9.53
N GLU A 13 -5.72 -7.76 10.52
CA GLU A 13 -6.27 -7.78 11.87
C GLU A 13 -5.89 -6.51 12.62
N ASP A 14 -4.59 -6.28 12.71
CA ASP A 14 -4.10 -5.10 13.40
C ASP A 14 -4.76 -3.84 12.81
N GLU A 15 -5.65 -3.26 13.61
CA GLU A 15 -6.36 -2.07 13.18
C GLU A 15 -5.36 -0.96 12.82
N GLU A 16 -4.42 -0.74 13.73
CA GLU A 16 -3.42 0.29 13.53
C GLU A 16 -2.84 0.20 12.11
N ALA A 17 -2.86 -1.02 11.57
CA ALA A 17 -2.35 -1.25 10.23
C ALA A 17 -3.37 -0.74 9.21
N LYS A 18 -4.58 -1.28 9.30
CA LYS A 18 -5.64 -0.89 8.40
C LYS A 18 -5.58 0.62 8.16
N ASN A 19 -5.11 1.33 9.19
CA ASN A 19 -5.01 2.77 9.12
C ASN A 19 -3.66 3.15 8.49
N LEU A 20 -2.60 2.57 9.05
CA LEU A 20 -1.25 2.83 8.56
C LEU A 20 -1.20 2.53 7.06
N ALA A 21 -1.67 1.36 6.71
CA ALA A 21 -1.68 0.93 5.31
C ALA A 21 -2.36 2.01 4.47
N GLU A 22 -3.67 2.15 4.68
CA GLU A 22 -4.45 3.13 3.95
C GLU A 22 -3.68 4.44 3.83
N LYS A 23 -3.45 5.07 4.97
CA LYS A 23 -2.72 6.32 5.00
C LYS A 23 -1.54 6.25 4.02
N LEU A 24 -0.66 5.29 4.28
CA LEU A 24 0.50 5.11 3.43
C LEU A 24 0.09 5.25 1.96
N ALA A 25 -0.63 4.26 1.49
CA ALA A 25 -1.09 4.25 0.11
C ALA A 25 -1.69 5.62 -0.22
N ARG A 26 -2.54 6.09 0.67
CA ARG A 26 -3.19 7.38 0.48
C ARG A 26 -2.14 8.46 0.19
N PHE A 27 -1.11 8.46 1.01
CA PHE A 27 -0.03 9.43 0.86
C PHE A 27 0.79 9.15 -0.41
N ILE A 28 1.34 7.95 -0.46
CA ILE A 28 2.16 7.54 -1.59
C ILE A 28 1.35 7.75 -2.88
N ALA A 29 0.04 7.62 -2.75
CA ALA A 29 -0.85 7.79 -3.90
C ALA A 29 -0.88 9.27 -4.29
N ASP A 30 -0.57 10.11 -3.31
CA ASP A 30 -0.56 11.55 -3.54
C ASP A 30 0.74 11.94 -4.25
N GLY A 31 1.67 11.00 -4.26
CA GLY A 31 2.96 11.23 -4.90
C GLY A 31 3.09 10.41 -6.18
N GLY A 32 4.10 9.56 -6.20
CA GLY A 32 4.34 8.72 -7.35
C GLY A 32 5.55 7.80 -7.13
N PRO A 33 6.41 7.70 -8.17
CA PRO A 33 7.59 6.86 -8.09
C PRO A 33 8.67 7.53 -7.23
N GLU A 34 8.36 8.73 -6.77
CA GLU A 34 9.29 9.48 -5.94
C GLU A 34 8.98 9.25 -4.46
N VAL A 35 7.69 9.30 -4.14
CA VAL A 35 7.24 9.11 -2.78
C VAL A 35 7.47 7.65 -2.37
N GLU A 36 7.16 6.76 -3.29
CA GLU A 36 7.32 5.34 -3.05
C GLU A 36 8.79 5.02 -2.76
N THR A 37 9.64 5.98 -3.06
CA THR A 37 11.07 5.82 -2.85
C THR A 37 11.46 6.31 -1.46
N ILE A 38 11.22 7.58 -1.22
CA ILE A 38 11.55 8.19 0.06
C ILE A 38 10.65 7.58 1.14
N ALA A 39 9.37 7.46 0.81
CA ALA A 39 8.42 6.89 1.74
C ALA A 39 8.88 5.50 2.17
N LEU A 40 9.37 4.75 1.20
CA LEU A 40 9.86 3.40 1.45
C LEU A 40 11.19 3.48 2.21
N GLN A 41 12.14 4.17 1.61
CA GLN A 41 13.45 4.33 2.20
C GLN A 41 13.31 4.72 3.68
N ASN A 42 12.23 5.42 3.98
CA ASN A 42 11.98 5.86 5.34
C ASN A 42 11.24 4.76 6.09
N ASN A 43 10.09 4.39 5.57
CA ASN A 43 9.27 3.34 6.18
C ASN A 43 10.18 2.19 6.60
N ARG A 44 11.26 2.01 5.85
CA ARG A 44 12.21 0.96 6.13
C ARG A 44 12.73 1.07 7.57
N GLU A 45 13.19 2.27 7.89
CA GLU A 45 13.71 2.53 9.23
C GLU A 45 12.64 2.21 10.29
N ASN A 46 11.40 2.49 9.92
CA ASN A 46 10.28 2.24 10.83
C ASN A 46 9.99 0.75 10.88
N GLN A 47 9.61 0.28 12.05
CA GLN A 47 9.30 -1.12 12.25
C GLN A 47 7.80 -1.36 12.08
N ALA A 48 7.02 -0.51 12.73
CA ALA A 48 5.57 -0.62 12.65
C ALA A 48 5.16 -0.87 11.20
N PHE A 49 5.61 0.04 10.33
CA PHE A 49 5.29 -0.06 8.92
C PHE A 49 6.02 -1.25 8.28
N SER A 50 5.74 -2.43 8.82
CA SER A 50 6.36 -3.64 8.31
C SER A 50 5.44 -4.32 7.29
N PHE A 51 4.22 -3.80 7.21
CA PHE A 51 3.23 -4.34 6.29
C PHE A 51 3.55 -3.92 4.85
N LEU A 52 4.61 -3.16 4.71
CA LEU A 52 5.02 -2.68 3.40
C LEU A 52 6.17 -3.56 2.88
N TYR A 53 6.22 -4.77 3.40
CA TYR A 53 7.25 -5.72 3.01
C TYR A 53 6.77 -7.15 3.15
N ASP A 54 6.29 -7.46 4.35
CA ASP A 54 5.78 -8.79 4.63
C ASP A 54 4.56 -9.08 3.75
N PRO A 55 4.74 -10.04 2.81
CA PRO A 55 3.67 -10.41 1.90
C PRO A 55 2.62 -11.26 2.62
N ASN A 56 3.11 -12.20 3.41
CA ASN A 56 2.23 -13.09 4.15
C ASN A 56 1.13 -12.26 4.84
N SER A 57 1.57 -11.20 5.49
CA SER A 57 0.64 -10.31 6.20
C SER A 57 -0.40 -9.77 5.22
N GLN A 58 -1.51 -9.33 5.77
CA GLN A 58 -2.59 -8.79 4.96
C GLN A 58 -2.34 -7.30 4.68
N GLY A 59 -1.77 -6.64 5.67
CA GLY A 59 -1.47 -5.22 5.53
C GLY A 59 -0.96 -4.89 4.13
N TYR A 60 0.13 -5.55 3.77
CA TYR A 60 0.73 -5.35 2.46
C TYR A 60 -0.31 -5.46 1.35
N ARG A 61 -0.99 -6.59 1.33
CA ARG A 61 -2.02 -6.83 0.33
C ARG A 61 -3.06 -5.72 0.37
N TYR A 62 -3.65 -5.54 1.54
CA TYR A 62 -4.67 -4.52 1.72
C TYR A 62 -4.13 -3.15 1.34
N TYR A 63 -2.86 -2.93 1.62
CA TYR A 63 -2.22 -1.67 1.31
C TYR A 63 -2.10 -1.48 -0.20
N ARG A 64 -1.56 -2.49 -0.86
CA ARG A 64 -1.38 -2.45 -2.30
C ARG A 64 -2.67 -1.97 -2.98
N GLN A 65 -3.75 -2.68 -2.68
CA GLN A 65 -5.04 -2.35 -3.26
C GLN A 65 -5.29 -0.84 -3.15
N LYS A 66 -5.35 -0.36 -1.92
CA LYS A 66 -5.57 1.05 -1.67
C LYS A 66 -4.66 1.88 -2.59
N LEU A 67 -3.47 1.36 -2.81
CA LEU A 67 -2.51 2.04 -3.66
C LEU A 67 -3.13 2.27 -5.04
N ASP A 68 -3.64 1.19 -5.61
CA ASP A 68 -4.26 1.26 -6.92
C ASP A 68 -5.56 2.06 -6.83
N GLU A 69 -6.32 1.77 -5.78
CA GLU A 69 -7.58 2.46 -5.55
C GLU A 69 -7.40 3.98 -5.69
N PHE A 70 -6.30 4.46 -5.14
CA PHE A 70 -6.00 5.88 -5.20
C PHE A 70 -5.30 6.24 -6.52
N ARG A 71 -4.17 5.59 -6.75
CA ARG A 71 -3.40 5.82 -7.96
C ARG A 71 -4.35 6.01 -9.16
N LYS A 72 -5.22 5.03 -9.33
CA LYS A 72 -6.18 5.08 -10.42
C LYS A 72 -5.42 5.15 -11.75
N SER A 73 -5.23 3.99 -12.35
CA SER A 73 -4.53 3.91 -13.63
C SER A 73 -4.85 2.59 -14.31
N GLY A 74 -5.47 2.71 -15.49
CA GLY A 74 -5.84 1.53 -16.26
C GLY A 74 -7.16 0.95 -15.77
N PRO A 75 -7.66 -0.07 -16.53
CA PRO A 75 -8.91 -0.72 -16.17
C PRO A 75 -8.72 -1.67 -14.99
N SER A 76 -9.26 -1.24 -13.85
CA SER A 76 -9.16 -2.04 -12.64
C SER A 76 -10.41 -1.86 -11.78
N SER A 77 -10.82 -2.93 -11.14
CA SER A 77 -12.00 -2.90 -10.29
C SER A 77 -13.10 -2.09 -10.96
N GLY A 78 -13.82 -2.75 -11.86
CA GLY A 78 -14.90 -2.10 -12.58
C GLY A 78 -15.94 -1.53 -11.60
#